data_4LAJ
#
_entry.id   4LAJ
#
_cell.length_a   96.772
_cell.length_b   86.221
_cell.length_c   144.848
_cell.angle_alpha   90.00
_cell.angle_beta   102.88
_cell.angle_gamma   90.00
#
_symmetry.space_group_name_H-M   'P 1 21 1'
#
loop_
_entity.id
_entity.type
_entity.pdbx_description
1 polymer 'HIV-1 YU2 gp120 envelope glycoprotein'
2 polymer 'CD4-mimetic miniprotein M48U1'
3 polymer 'Llama single domain antibody, JM4'
4 non-polymer 2-acetamido-2-deoxy-beta-D-glucopyranose
5 non-polymer 1,2-ETHANEDIOL
6 non-polymer '6-AMINOHEXANOIC ACID'
7 water water
#
loop_
_entity_poly.entity_id
_entity_poly.type
_entity_poly.pdbx_seq_one_letter_code
_entity_poly.pdbx_strand_id
1 'polypeptide(L)'
;MPMGSLQPLATLYLLGMLVASVLAVWKEATTTLFCASDAKAYDTEVHNVWATHACVPTDPNPQEVKLENVTENFNMWKNN
MVEQMHEDIISLWDQSLKPCVKLTGGSVITQACPKVSFEPIPIHYCAPAGFAILKCNDKKFNGTGPCTNVSTVQCTHGIR
PVVSTQLLLNGSLAEEEIVIRSENFTNNAKTIIVQLNESVVINCTRPNNGGSGSGGDIRQAHCNLSKTQWENTLEQIAIK
LKEQFGNNKTIIFNPSSGGDPEIVTHSFNCGGEFFYCNSTQLFTWNDTRKLNNTGRNITLPCRIKQIINMWQEVGKAMYA
PPIRGQIRCSSNITGLLLTRDGGKDTNGTEIFRPGGGDMRDNWRSELYKYKVVKIE
;
J,F,A,B
2 'polypeptide(L)' (MPT)NLHFCQLRCKSLGLLGRCA(DPR)T(U2X)CACV(NH2) K,D,G,C
3 'polypeptide(L)'
;EVQLVESGGGLVQPGGSLRLSCAASGFTLDYYSIGWFRQAPGKEREGVSCISDSDGRTYYADSVKGRFTISRDNAKNTVY
LQMNSLKPEDTAVYYCATDCTVDPSLLYVMDYYGKGTQVTVSSAAAEQK
;
H,M,L,I
#
# COMPACT_ATOMS: atom_id res chain seq x y z
N VAL A 25 1.40 -61.87 -50.81
CA VAL A 25 1.43 -60.70 -49.94
C VAL A 25 -0.01 -60.29 -49.56
N TRP A 26 -0.23 -59.75 -48.35
CA TRP A 26 0.80 -59.52 -47.33
C TRP A 26 0.13 -59.62 -45.95
N LYS A 27 0.71 -58.94 -44.96
CA LYS A 27 0.32 -59.09 -43.57
C LYS A 27 0.96 -58.03 -42.71
N GLU A 28 0.19 -57.35 -41.88
CA GLU A 28 0.77 -56.35 -40.98
C GLU A 28 1.71 -57.09 -40.02
N ALA A 29 2.92 -56.56 -39.86
CA ALA A 29 3.95 -57.26 -39.11
C ALA A 29 4.92 -56.30 -38.45
N THR A 30 5.79 -56.86 -37.62
CA THR A 30 6.80 -56.10 -36.91
C THR A 30 8.18 -56.68 -37.15
N THR A 31 9.10 -55.83 -37.61
CA THR A 31 10.48 -56.23 -37.83
C THR A 31 11.39 -55.05 -37.53
N THR A 32 12.69 -55.31 -37.44
CA THR A 32 13.66 -54.23 -37.22
C THR A 32 13.91 -53.51 -38.54
N LEU A 33 13.49 -52.27 -38.62
CA LEU A 33 13.71 -51.46 -39.82
C LEU A 33 15.14 -50.94 -39.85
N PHE A 34 15.60 -50.55 -41.04
CA PHE A 34 16.89 -49.88 -41.16
C PHE A 34 16.69 -48.55 -41.85
N CYS A 35 17.63 -47.62 -41.66
CA CYS A 35 17.46 -46.27 -42.16
C CYS A 35 18.36 -45.97 -43.35
N ALA A 36 17.89 -45.08 -44.22
CA ALA A 36 18.65 -44.63 -45.37
C ALA A 36 18.64 -43.11 -45.42
N SER A 37 19.74 -42.52 -45.87
CA SER A 37 19.82 -41.08 -46.01
C SER A 37 20.86 -40.69 -47.06
N ASP A 38 20.85 -39.42 -47.43
CA ASP A 38 21.86 -38.88 -48.35
C ASP A 38 22.91 -38.13 -47.55
N ALA A 39 23.21 -38.64 -46.36
CA ALA A 39 24.23 -38.03 -45.52
C ALA A 39 25.57 -38.05 -46.23
N LYS A 40 26.38 -37.02 -45.95
CA LYS A 40 27.66 -36.84 -46.60
C LYS A 40 28.78 -37.13 -45.61
N ALA A 41 29.66 -38.05 -45.98
CA ALA A 41 30.73 -38.49 -45.10
C ALA A 41 31.69 -37.35 -44.78
N TYR A 42 31.67 -36.31 -45.61
CA TYR A 42 32.60 -35.20 -45.45
C TYR A 42 32.01 -34.07 -44.61
N ASP A 43 30.72 -34.16 -44.30
CA ASP A 43 30.07 -33.12 -43.51
C ASP A 43 30.16 -33.44 -42.02
N THR A 44 30.67 -32.49 -41.23
CA THR A 44 30.80 -32.68 -39.79
C THR A 44 29.53 -32.32 -39.04
N GLU A 45 28.51 -31.90 -39.79
CA GLU A 45 27.18 -31.71 -39.20
C GLU A 45 26.74 -33.03 -38.59
N VAL A 46 26.21 -32.99 -37.37
CA VAL A 46 26.11 -34.20 -36.57
C VAL A 46 25.04 -35.20 -37.05
N HIS A 47 23.98 -34.72 -37.67
CA HIS A 47 22.99 -35.62 -38.26
C HIS A 47 23.66 -36.41 -39.37
N ASN A 48 24.48 -35.72 -40.17
CA ASN A 48 25.25 -36.37 -41.23
C ASN A 48 26.21 -37.41 -40.67
N VAL A 49 26.97 -37.00 -39.65
CA VAL A 49 27.93 -37.90 -39.00
C VAL A 49 27.21 -39.15 -38.49
N TRP A 50 26.13 -38.96 -37.74
CA TRP A 50 25.35 -40.08 -37.24
C TRP A 50 24.84 -40.95 -38.38
N ALA A 51 24.20 -40.32 -39.36
CA ALA A 51 23.58 -41.02 -40.47
C ALA A 51 24.64 -41.72 -41.32
N THR A 52 25.86 -41.20 -41.32
CA THR A 52 26.94 -41.80 -42.09
C THR A 52 27.30 -43.19 -41.57
N HIS A 53 27.28 -43.36 -40.24
CA HIS A 53 27.59 -44.66 -39.66
C HIS A 53 26.34 -45.47 -39.36
N ALA A 54 25.19 -44.80 -39.23
CA ALA A 54 23.94 -45.48 -38.88
C ALA A 54 23.10 -45.93 -40.08
N CYS A 55 23.21 -45.26 -41.23
CA CYS A 55 22.32 -45.50 -42.37
C CYS A 55 23.03 -45.95 -43.64
N VAL A 56 22.26 -46.52 -44.57
CA VAL A 56 22.73 -46.87 -45.90
C VAL A 56 22.34 -45.76 -46.88
N PRO A 57 22.89 -45.79 -48.11
CA PRO A 57 22.54 -44.77 -49.11
C PRO A 57 21.13 -44.91 -49.67
N THR A 58 20.53 -43.80 -50.08
CA THR A 58 19.18 -43.80 -50.64
C THR A 58 19.18 -44.37 -52.06
N ASP A 59 18.05 -44.93 -52.46
CA ASP A 59 17.84 -45.32 -53.86
C ASP A 59 17.59 -44.06 -54.68
N PRO A 60 18.38 -43.84 -55.75
CA PRO A 60 18.12 -42.67 -56.59
C PRO A 60 16.84 -42.85 -57.40
N ASN A 61 16.57 -44.09 -57.81
CA ASN A 61 15.37 -44.43 -58.55
C ASN A 61 14.45 -45.31 -57.68
N PRO A 62 13.86 -44.71 -56.64
CA PRO A 62 13.00 -45.50 -55.74
C PRO A 62 11.74 -46.00 -56.45
N GLN A 63 11.35 -47.23 -56.15
CA GLN A 63 10.20 -47.85 -56.80
C GLN A 63 8.97 -47.85 -55.89
N GLU A 64 7.82 -47.64 -56.52
CA GLU A 64 6.53 -47.63 -55.84
C GLU A 64 5.55 -48.53 -56.58
N VAL A 65 4.91 -49.47 -55.88
CA VAL A 65 3.95 -50.33 -56.55
C VAL A 65 2.59 -49.84 -56.08
N LYS A 66 1.86 -49.21 -57.00
CA LYS A 66 0.55 -48.70 -56.67
C LYS A 66 -0.51 -49.79 -56.68
N LEU A 67 -1.21 -49.96 -55.56
CA LEU A 67 -2.34 -50.85 -55.50
C LEU A 67 -3.58 -49.97 -55.34
N GLU A 68 -4.08 -49.49 -56.47
CA GLU A 68 -5.02 -48.39 -56.45
C GLU A 68 -6.38 -48.76 -55.84
N ASN A 69 -6.80 -50.02 -55.99
CA ASN A 69 -8.11 -50.44 -55.48
C ASN A 69 -8.03 -51.38 -54.27
N VAL A 70 -6.90 -51.35 -53.57
CA VAL A 70 -6.71 -52.17 -52.37
C VAL A 70 -6.94 -51.35 -51.12
N THR A 71 -7.77 -51.85 -50.21
CA THR A 71 -7.98 -51.19 -48.93
C THR A 71 -7.22 -51.87 -47.80
N GLU A 72 -6.63 -51.05 -46.94
CA GLU A 72 -5.85 -51.52 -45.80
C GLU A 72 -6.03 -50.57 -44.64
N ASN A 73 -6.15 -51.12 -43.44
CA ASN A 73 -6.34 -50.33 -42.24
C ASN A 73 -5.03 -49.87 -41.62
N PHE A 74 -5.03 -48.63 -41.14
CA PHE A 74 -3.88 -48.04 -40.48
C PHE A 74 -4.26 -47.55 -39.11
N ASN A 75 -3.25 -47.41 -38.25
CA ASN A 75 -3.42 -46.83 -36.93
C ASN A 75 -2.14 -46.13 -36.52
N MET A 76 -2.07 -44.84 -36.83
CA MET A 76 -0.90 -44.02 -36.56
C MET A 76 -0.56 -43.99 -35.08
N TRP A 77 -1.55 -44.29 -34.25
CA TRP A 77 -1.40 -44.19 -32.80
C TRP A 77 -0.81 -45.49 -32.25
N LYS A 78 -0.93 -46.56 -33.03
CA LYS A 78 -0.32 -47.84 -32.69
C LYS A 78 0.59 -48.29 -33.84
N ASN A 79 1.72 -47.60 -34.00
CA ASN A 79 2.67 -47.86 -35.10
C ASN A 79 4.10 -47.99 -34.59
N ASN A 80 4.62 -49.22 -34.60
CA ASN A 80 5.94 -49.52 -34.04
C ASN A 80 7.10 -48.75 -34.72
N MET A 81 6.83 -48.31 -35.96
CA MET A 81 7.79 -47.51 -36.72
C MET A 81 8.17 -46.29 -35.91
N VAL A 82 7.18 -45.73 -35.23
CA VAL A 82 7.37 -44.54 -34.40
C VAL A 82 8.33 -44.87 -33.27
N GLU A 83 8.12 -46.01 -32.64
CA GLU A 83 8.95 -46.42 -31.51
C GLU A 83 10.39 -46.56 -31.99
N GLN A 84 10.57 -47.26 -33.11
CA GLN A 84 11.91 -47.42 -33.66
C GLN A 84 12.57 -46.07 -34.00
N MET A 85 11.82 -45.21 -34.68
CA MET A 85 12.31 -43.87 -35.01
C MET A 85 12.72 -43.14 -33.73
N HIS A 86 11.88 -43.26 -32.71
CA HIS A 86 12.12 -42.62 -31.42
C HIS A 86 13.46 -43.09 -30.88
N GLU A 87 13.66 -44.40 -30.86
CA GLU A 87 14.93 -44.98 -30.42
C GLU A 87 16.10 -44.38 -31.20
N ASP A 88 15.98 -44.42 -32.53
CA ASP A 88 17.03 -43.91 -33.40
C ASP A 88 17.37 -42.46 -33.08
N ILE A 89 16.35 -41.62 -32.93
CA ILE A 89 16.60 -40.20 -32.70
C ILE A 89 17.14 -39.95 -31.29
N ILE A 90 16.74 -40.76 -30.32
CA ILE A 90 17.39 -40.71 -29.01
C ILE A 90 18.87 -40.99 -29.19
N SER A 91 19.20 -42.08 -29.89
CA SER A 91 20.60 -42.42 -30.14
CA SER A 91 20.60 -42.42 -30.14
CA SER A 91 20.59 -42.41 -30.14
C SER A 91 21.33 -41.26 -30.81
N LEU A 92 20.71 -40.69 -31.85
CA LEU A 92 21.29 -39.55 -32.55
C LEU A 92 21.59 -38.39 -31.61
N TRP A 93 20.60 -37.97 -30.84
CA TRP A 93 20.82 -36.84 -29.93
C TRP A 93 21.84 -37.17 -28.86
N ASP A 94 21.80 -38.40 -28.35
CA ASP A 94 22.70 -38.78 -27.28
C ASP A 94 24.14 -38.86 -27.77
N GLN A 95 24.33 -39.25 -29.03
CA GLN A 95 25.66 -39.16 -29.64
C GLN A 95 26.04 -37.76 -30.14
N SER A 96 25.06 -36.97 -30.59
CA SER A 96 25.34 -35.72 -31.29
C SER A 96 25.38 -34.46 -30.41
N LEU A 97 24.39 -34.31 -29.53
CA LEU A 97 24.31 -33.13 -28.65
C LEU A 97 24.62 -33.52 -27.21
N LYS A 98 25.90 -33.60 -26.92
CA LYS A 98 26.39 -34.04 -25.61
C LYS A 98 26.33 -32.89 -24.61
N PRO A 99 25.55 -33.05 -23.53
CA PRO A 99 25.55 -31.97 -22.53
C PRO A 99 26.78 -32.05 -21.64
N CYS A 100 27.20 -30.92 -21.10
CA CYS A 100 28.33 -30.88 -20.17
C CYS A 100 27.93 -31.65 -18.93
N VAL A 101 26.67 -31.48 -18.52
CA VAL A 101 26.18 -32.21 -17.33
C VAL A 101 24.78 -32.76 -17.56
N LYS A 102 24.56 -34.00 -17.13
CA LYS A 102 23.26 -34.63 -17.25
C LYS A 102 22.86 -35.17 -15.89
N LEU A 103 21.69 -34.75 -15.43
CA LEU A 103 21.18 -35.12 -14.11
C LEU A 103 20.04 -36.10 -14.28
N THR A 104 20.26 -37.34 -13.89
CA THR A 104 19.25 -38.37 -14.14
C THR A 104 19.33 -39.54 -13.17
N GLY A 105 18.19 -39.82 -12.53
CA GLY A 105 18.06 -40.94 -11.61
C GLY A 105 19.16 -41.02 -10.58
N GLY A 106 19.40 -39.93 -9.87
CA GLY A 106 20.42 -39.90 -8.83
C GLY A 106 21.83 -39.86 -9.36
N SER A 107 21.99 -39.97 -10.67
CA SER A 107 23.30 -39.91 -11.31
C SER A 107 23.61 -38.54 -11.90
N VAL A 108 24.90 -38.18 -11.82
CA VAL A 108 25.44 -37.02 -12.51
C VAL A 108 26.41 -37.49 -13.59
N ILE A 109 26.00 -37.31 -14.85
CA ILE A 109 26.82 -37.70 -15.98
C ILE A 109 27.45 -36.47 -16.62
N THR A 110 28.79 -36.44 -16.67
CA THR A 110 29.51 -35.34 -17.28
C THR A 110 30.34 -35.81 -18.46
N GLN A 111 30.47 -34.96 -19.46
CA GLN A 111 31.25 -35.30 -20.64
C GLN A 111 31.60 -34.06 -21.44
N ALA A 112 32.49 -34.23 -22.41
CA ALA A 112 32.87 -33.13 -23.27
C ALA A 112 31.64 -32.65 -24.00
N CYS A 113 31.43 -31.34 -24.01
CA CYS A 113 30.21 -30.76 -24.56
C CYS A 113 30.53 -29.72 -25.63
N PRO A 114 31.14 -30.17 -26.73
CA PRO A 114 31.47 -29.22 -27.80
C PRO A 114 30.23 -28.63 -28.45
N LYS A 115 30.28 -27.35 -28.80
CA LYS A 115 29.25 -26.78 -29.66
C LYS A 115 29.45 -27.29 -31.07
N VAL A 116 28.38 -27.79 -31.66
CA VAL A 116 28.45 -28.49 -32.93
C VAL A 116 27.53 -27.89 -33.98
N SER A 117 27.72 -28.32 -35.22
CA SER A 117 26.80 -27.99 -36.28
C SER A 117 25.60 -28.92 -36.19
N PHE A 118 24.42 -28.35 -36.17
CA PHE A 118 23.19 -29.11 -35.93
C PHE A 118 22.13 -28.59 -36.87
N GLU A 119 21.78 -29.42 -37.85
CA GLU A 119 20.77 -29.08 -38.82
C GLU A 119 20.21 -30.37 -39.41
N PRO A 120 18.97 -30.73 -39.05
CA PRO A 120 18.43 -32.04 -39.44
C PRO A 120 18.45 -32.30 -40.93
N ILE A 121 18.68 -33.56 -41.29
CA ILE A 121 18.59 -34.02 -42.68
C ILE A 121 17.45 -35.04 -42.79
N PRO A 122 16.95 -35.26 -44.00
CA PRO A 122 15.87 -36.25 -44.13
C PRO A 122 16.38 -37.67 -43.89
N ILE A 123 15.62 -38.45 -43.12
CA ILE A 123 15.93 -39.84 -42.87
C ILE A 123 14.84 -40.71 -43.49
N HIS A 124 15.24 -41.74 -44.24
CA HIS A 124 14.29 -42.69 -44.79
C HIS A 124 14.29 -43.95 -43.93
N TYR A 125 13.10 -44.46 -43.64
CA TYR A 125 12.97 -45.71 -42.90
C TYR A 125 12.55 -46.84 -43.82
N CYS A 126 13.31 -47.93 -43.75
CA CYS A 126 13.28 -48.99 -44.76
C CYS A 126 13.02 -50.36 -44.18
N ALA A 127 12.18 -51.11 -44.88
CA ALA A 127 11.86 -52.49 -44.55
C ALA A 127 12.93 -53.44 -45.10
N PRO A 128 13.39 -54.39 -44.28
CA PRO A 128 14.38 -55.35 -44.76
C PRO A 128 13.77 -56.42 -45.67
N ALA A 129 14.60 -57.30 -46.21
CA ALA A 129 14.13 -58.37 -47.11
C ALA A 129 13.05 -59.21 -46.45
N GLY A 130 12.01 -59.54 -47.21
CA GLY A 130 10.89 -60.31 -46.70
C GLY A 130 9.72 -59.42 -46.31
N PHE A 131 10.02 -58.13 -46.13
CA PHE A 131 9.02 -57.16 -45.69
C PHE A 131 8.90 -56.01 -46.68
N ALA A 132 7.80 -55.27 -46.57
CA ALA A 132 7.55 -54.09 -47.38
C ALA A 132 6.83 -53.07 -46.52
N ILE A 133 6.86 -51.80 -46.94
CA ILE A 133 6.12 -50.75 -46.25
C ILE A 133 4.93 -50.29 -47.08
N LEU A 134 3.76 -50.31 -46.44
CA LEU A 134 2.57 -49.77 -47.05
C LEU A 134 2.41 -48.29 -46.79
N LYS A 135 2.18 -47.59 -47.90
CA LYS A 135 1.94 -46.16 -47.93
C LYS A 135 0.49 -45.92 -48.33
N CYS A 136 -0.18 -45.11 -47.52
CA CYS A 136 -1.53 -44.65 -47.79
C CYS A 136 -1.46 -43.45 -48.72
N ASN A 137 -2.18 -43.51 -49.84
CA ASN A 137 -2.15 -42.41 -50.80
C ASN A 137 -3.44 -41.61 -50.77
N ASP A 138 -4.32 -41.94 -49.83
CA ASP A 138 -5.52 -41.14 -49.60
C ASP A 138 -5.08 -39.80 -49.01
N LYS A 139 -5.49 -38.72 -49.66
CA LYS A 139 -4.97 -37.40 -49.34
C LYS A 139 -5.65 -36.76 -48.12
N LYS A 140 -6.79 -37.30 -47.72
CA LYS A 140 -7.52 -36.82 -46.54
C LYS A 140 -7.55 -37.83 -45.40
N PHE A 141 -6.64 -38.80 -45.44
CA PHE A 141 -6.65 -39.89 -44.47
C PHE A 141 -6.48 -39.37 -43.04
N ASN A 142 -7.40 -39.73 -42.17
CA ASN A 142 -7.40 -39.21 -40.80
C ASN A 142 -6.51 -40.01 -39.84
N GLY A 143 -5.72 -40.93 -40.40
CA GLY A 143 -4.68 -41.60 -39.64
C GLY A 143 -5.09 -42.91 -38.99
N THR A 144 -6.40 -43.17 -38.95
CA THR A 144 -6.90 -44.40 -38.35
C THR A 144 -7.98 -45.02 -39.21
N GLY A 145 -8.01 -46.35 -39.26
CA GLY A 145 -9.08 -47.03 -39.96
C GLY A 145 -8.69 -47.31 -41.39
N PRO A 146 -9.68 -47.49 -42.28
CA PRO A 146 -9.41 -47.97 -43.63
C PRO A 146 -8.78 -46.91 -44.53
N CYS A 147 -7.87 -47.36 -45.38
CA CYS A 147 -7.27 -46.52 -46.42
C CYS A 147 -7.44 -47.26 -47.74
N THR A 148 -7.99 -46.58 -48.75
CA THR A 148 -8.39 -47.23 -49.99
C THR A 148 -7.38 -47.18 -51.15
N ASN A 149 -6.58 -46.12 -51.22
CA ASN A 149 -5.56 -45.99 -52.26
C ASN A 149 -4.15 -46.23 -51.71
N VAL A 150 -3.74 -47.50 -51.66
CA VAL A 150 -2.47 -47.90 -51.04
C VAL A 150 -1.41 -48.30 -52.07
N SER A 151 -0.16 -47.97 -51.77
CA SER A 151 0.96 -48.46 -52.58
C SER A 151 2.02 -49.10 -51.66
N THR A 152 2.92 -49.88 -52.26
CA THR A 152 3.97 -50.56 -51.51
C THR A 152 5.33 -50.00 -51.90
N VAL A 153 6.15 -49.80 -50.88
CA VAL A 153 7.49 -49.24 -51.03
C VAL A 153 8.50 -49.92 -50.10
N GLN A 154 9.78 -49.71 -50.39
CA GLN A 154 10.84 -50.24 -49.53
C GLN A 154 11.12 -49.27 -48.39
N CYS A 155 11.02 -47.98 -48.67
CA CYS A 155 11.36 -46.93 -47.71
C CYS A 155 10.29 -45.83 -47.61
N THR A 156 10.19 -45.22 -46.43
CA THR A 156 9.38 -44.02 -46.28
C THR A 156 10.02 -42.88 -47.05
N HIS A 157 9.33 -41.75 -47.14
CA HIS A 157 9.94 -40.54 -47.69
C HIS A 157 10.97 -40.06 -46.67
N GLY A 158 11.75 -39.05 -47.05
CA GLY A 158 12.73 -38.50 -46.13
C GLY A 158 12.04 -37.73 -45.03
N ILE A 159 12.27 -38.13 -43.78
CA ILE A 159 11.67 -37.48 -42.63
C ILE A 159 12.73 -36.78 -41.81
N ARG A 160 12.60 -35.46 -41.67
CA ARG A 160 13.52 -34.67 -40.86
CA ARG A 160 13.53 -34.68 -40.86
C ARG A 160 13.20 -34.84 -39.37
N PRO A 161 14.12 -35.47 -38.62
CA PRO A 161 13.79 -35.70 -37.21
C PRO A 161 13.87 -34.43 -36.36
N VAL A 162 12.91 -33.54 -36.55
CA VAL A 162 12.90 -32.28 -35.83
C VAL A 162 12.24 -32.45 -34.47
N VAL A 163 12.98 -32.11 -33.42
CA VAL A 163 12.48 -32.17 -32.06
C VAL A 163 11.98 -30.78 -31.65
N SER A 164 10.68 -30.67 -31.40
CA SER A 164 10.09 -29.40 -30.96
C SER A 164 8.78 -29.58 -30.21
N THR A 165 8.29 -28.49 -29.64
CA THR A 165 6.98 -28.45 -28.98
C THR A 165 6.06 -27.46 -29.69
N GLN A 166 4.76 -27.64 -29.51
CA GLN A 166 3.74 -26.73 -30.03
C GLN A 166 3.64 -26.73 -31.56
N LEU A 167 4.72 -26.33 -32.24
CA LEU A 167 4.74 -26.30 -33.70
C LEU A 167 5.57 -27.41 -34.32
N LEU A 168 5.05 -28.00 -35.38
CA LEU A 168 5.80 -28.96 -36.18
C LEU A 168 6.53 -28.24 -37.31
N LEU A 169 7.85 -28.40 -37.35
CA LEU A 169 8.70 -27.65 -38.27
C LEU A 169 9.32 -28.53 -39.35
N ASN A 170 9.46 -27.95 -40.55
CA ASN A 170 10.18 -28.59 -41.67
C ASN A 170 9.61 -29.97 -42.03
N GLY A 171 8.32 -30.18 -41.78
CA GLY A 171 7.68 -31.45 -42.08
C GLY A 171 7.00 -31.48 -43.44
N SER A 172 6.17 -32.50 -43.66
CA SER A 172 5.43 -32.65 -44.91
C SER A 172 4.06 -31.98 -44.79
N LEU A 173 3.66 -31.29 -45.86
CA LEU A 173 2.38 -30.61 -45.89
C LEU A 173 1.27 -31.53 -46.36
N ALA A 174 0.05 -31.26 -45.92
CA ALA A 174 -1.10 -31.93 -46.49
C ALA A 174 -1.18 -31.51 -47.95
N GLU A 175 -1.48 -32.47 -48.82
CA GLU A 175 -1.44 -32.23 -50.26
C GLU A 175 -2.63 -31.38 -50.72
N GLU A 176 -3.80 -31.62 -50.14
CA GLU A 176 -5.00 -30.88 -50.50
C GLU A 176 -5.35 -29.84 -49.43
N GLU A 177 -6.23 -30.20 -48.49
CA GLU A 177 -6.66 -29.28 -47.44
C GLU A 177 -5.96 -29.58 -46.13
N ILE A 178 -6.08 -28.67 -45.17
CA ILE A 178 -5.64 -28.93 -43.80
C ILE A 178 -6.25 -30.22 -43.29
N VAL A 179 -5.48 -30.98 -42.53
CA VAL A 179 -5.99 -32.19 -41.91
C VAL A 179 -5.65 -32.23 -40.43
N ILE A 180 -6.66 -32.50 -39.62
CA ILE A 180 -6.46 -32.61 -38.18
C ILE A 180 -6.68 -34.07 -37.79
N ARG A 181 -5.78 -34.59 -36.97
CA ARG A 181 -5.84 -35.98 -36.55
C ARG A 181 -5.78 -36.10 -35.04
N SER A 182 -6.62 -36.99 -34.52
CA SER A 182 -6.60 -37.34 -33.11
C SER A 182 -6.90 -38.82 -33.01
N GLU A 183 -6.36 -39.46 -31.99
CA GLU A 183 -6.68 -40.86 -31.74
C GLU A 183 -8.15 -40.98 -31.42
N ASN A 184 -8.70 -39.92 -30.85
CA ASN A 184 -10.08 -39.90 -30.40
C ASN A 184 -10.48 -38.47 -30.07
N PHE A 185 -11.21 -37.82 -30.98
CA PHE A 185 -11.50 -36.39 -30.85
C PHE A 185 -12.34 -36.06 -29.63
N THR A 186 -13.29 -36.94 -29.31
CA THR A 186 -14.22 -36.70 -28.21
C THR A 186 -13.52 -36.84 -26.86
N ASN A 187 -12.31 -37.38 -26.88
CA ASN A 187 -11.47 -37.53 -25.68
C ASN A 187 -10.48 -36.37 -25.57
N ASN A 188 -10.72 -35.46 -24.64
CA ASN A 188 -9.92 -34.25 -24.52
C ASN A 188 -8.50 -34.47 -24.00
N ALA A 189 -8.19 -35.69 -23.57
CA ALA A 189 -6.84 -36.02 -23.09
C ALA A 189 -5.93 -36.44 -24.24
N LYS A 190 -6.51 -36.68 -25.41
CA LYS A 190 -5.75 -37.12 -26.58
C LYS A 190 -5.30 -35.94 -27.43
N THR A 191 -4.01 -35.93 -27.77
CA THR A 191 -3.41 -34.83 -28.51
C THR A 191 -3.95 -34.73 -29.93
N ILE A 192 -4.18 -33.50 -30.37
CA ILE A 192 -4.59 -33.22 -31.75
C ILE A 192 -3.38 -32.78 -32.58
N ILE A 193 -3.13 -33.51 -33.67
CA ILE A 193 -2.06 -33.16 -34.61
C ILE A 193 -2.66 -32.48 -35.85
N VAL A 194 -2.28 -31.22 -36.04
CA VAL A 194 -2.70 -30.46 -37.21
C VAL A 194 -1.62 -30.52 -38.28
N GLN A 195 -2.04 -30.88 -39.49
CA GLN A 195 -1.19 -30.88 -40.67
C GLN A 195 -1.70 -29.81 -41.62
N LEU A 196 -0.90 -28.74 -41.75
CA LEU A 196 -1.22 -27.63 -42.63
C LEU A 196 -0.99 -28.02 -44.08
N ASN A 197 -1.57 -27.25 -45.00
CA ASN A 197 -1.35 -27.45 -46.44
C ASN A 197 -0.53 -26.32 -47.06
N GLU A 198 -0.26 -25.29 -46.28
CA GLU A 198 0.66 -24.23 -46.69
C GLU A 198 1.63 -23.95 -45.55
N SER A 199 2.91 -23.96 -45.84
CA SER A 199 3.92 -23.66 -44.83
C SER A 199 3.76 -22.23 -44.35
N VAL A 200 3.99 -22.00 -43.06
CA VAL A 200 4.16 -20.64 -42.57
C VAL A 200 5.60 -20.51 -42.10
N VAL A 201 6.35 -19.65 -42.80
CA VAL A 201 7.77 -19.53 -42.54
C VAL A 201 8.02 -18.72 -41.27
N ILE A 202 8.93 -19.22 -40.45
CA ILE A 202 9.30 -18.55 -39.22
C ILE A 202 10.82 -18.42 -39.17
N ASN A 203 11.28 -17.19 -38.96
CA ASN A 203 12.72 -16.89 -38.92
C ASN A 203 13.14 -16.56 -37.50
N CYS A 204 13.97 -17.41 -36.93
CA CYS A 204 14.44 -17.22 -35.57
C CYS A 204 15.93 -16.88 -35.56
N THR A 205 16.28 -15.89 -34.75
CA THR A 205 17.62 -15.35 -34.72
C THR A 205 18.05 -14.99 -33.30
N ARG A 206 19.31 -15.27 -32.99
CA ARG A 206 19.97 -14.67 -31.85
C ARG A 206 20.87 -13.58 -32.45
N PRO A 207 20.39 -12.32 -32.44
CA PRO A 207 21.17 -11.30 -33.15
C PRO A 207 22.59 -11.17 -32.58
N ASN A 208 23.56 -10.86 -33.43
CA ASN A 208 24.95 -10.81 -32.97
C ASN A 208 25.34 -9.44 -32.44
N ASN A 209 24.48 -8.45 -32.64
CA ASN A 209 24.71 -7.09 -32.16
C ASN A 209 26.08 -6.56 -32.58
N GLY A 216 26.07 -6.99 -25.47
CA GLY A 216 24.87 -7.67 -25.93
C GLY A 216 24.52 -8.87 -25.06
N ASP A 217 23.32 -9.40 -25.27
CA ASP A 217 22.84 -10.55 -24.52
C ASP A 217 22.86 -11.78 -25.42
N ILE A 218 23.81 -12.69 -25.19
CA ILE A 218 24.01 -13.83 -26.08
C ILE A 218 22.90 -14.88 -25.93
N ARG A 219 22.04 -14.71 -24.93
CA ARG A 219 20.93 -15.64 -24.70
C ARG A 219 19.58 -15.07 -25.12
N GLN A 220 19.58 -13.83 -25.61
CA GLN A 220 18.37 -13.18 -26.08
C GLN A 220 18.17 -13.43 -27.57
N ALA A 221 17.03 -14.00 -27.93
CA ALA A 221 16.73 -14.28 -29.33
C ALA A 221 15.29 -13.91 -29.66
N HIS A 222 14.92 -14.03 -30.93
CA HIS A 222 13.54 -13.80 -31.33
C HIS A 222 13.18 -14.51 -32.62
N CYS A 223 11.88 -14.72 -32.82
CA CYS A 223 11.37 -15.29 -34.07
C CYS A 223 10.37 -14.36 -34.74
N ASN A 224 10.49 -14.21 -36.06
CA ASN A 224 9.54 -13.44 -36.84
C ASN A 224 8.73 -14.32 -37.79
N LEU A 225 7.44 -14.03 -37.91
CA LEU A 225 6.65 -14.64 -38.98
C LEU A 225 5.52 -13.72 -39.44
N SER A 226 4.96 -14.02 -40.61
CA SER A 226 3.91 -13.19 -41.19
C SER A 226 2.62 -13.25 -40.37
N LYS A 227 2.19 -12.09 -39.90
CA LYS A 227 0.99 -11.99 -39.08
C LYS A 227 -0.26 -12.51 -39.81
N THR A 228 -0.44 -12.08 -41.06
CA THR A 228 -1.63 -12.42 -41.80
C THR A 228 -1.68 -13.89 -42.19
N GLN A 229 -0.53 -14.46 -42.55
CA GLN A 229 -0.47 -15.89 -42.85
C GLN A 229 -0.85 -16.69 -41.61
N TRP A 230 -0.35 -16.27 -40.47
CA TRP A 230 -0.63 -16.99 -39.24
C TRP A 230 -2.10 -16.85 -38.88
N GLU A 231 -2.62 -15.63 -39.00
CA GLU A 231 -4.03 -15.39 -38.71
C GLU A 231 -4.92 -16.26 -39.59
N ASN A 232 -4.64 -16.27 -40.89
CA ASN A 232 -5.42 -17.10 -41.81
C ASN A 232 -5.25 -18.59 -41.51
N THR A 233 -4.04 -18.99 -41.12
CA THR A 233 -3.79 -20.37 -40.71
C THR A 233 -4.70 -20.73 -39.53
N LEU A 234 -4.71 -19.88 -38.51
CA LEU A 234 -5.60 -20.08 -37.37
C LEU A 234 -7.05 -20.16 -37.81
N GLU A 235 -7.49 -19.24 -38.66
CA GLU A 235 -8.87 -19.30 -39.16
C GLU A 235 -9.19 -20.63 -39.83
N GLN A 236 -8.32 -21.09 -40.72
CA GLN A 236 -8.57 -22.33 -41.43
C GLN A 236 -8.58 -23.53 -40.48
N ILE A 237 -7.65 -23.54 -39.53
CA ILE A 237 -7.64 -24.58 -38.51
C ILE A 237 -8.95 -24.54 -37.73
N ALA A 238 -9.40 -23.35 -37.37
CA ALA A 238 -10.65 -23.19 -36.63
C ALA A 238 -11.83 -23.75 -37.41
N ILE A 239 -11.91 -23.41 -38.69
CA ILE A 239 -12.95 -23.98 -39.56
C ILE A 239 -12.89 -25.51 -39.52
N LYS A 240 -11.68 -26.04 -39.74
CA LYS A 240 -11.52 -27.49 -39.71
C LYS A 240 -11.86 -28.10 -38.35
N LEU A 241 -11.62 -27.38 -37.26
CA LEU A 241 -12.02 -27.87 -35.95
C LEU A 241 -13.54 -27.86 -35.78
N LYS A 242 -14.18 -26.78 -36.20
CA LYS A 242 -15.64 -26.78 -36.16
C LYS A 242 -16.23 -27.91 -36.98
N GLU A 243 -15.65 -28.16 -38.15
CA GLU A 243 -16.09 -29.29 -38.95
C GLU A 243 -16.11 -30.59 -38.15
N GLN A 244 -15.24 -30.69 -37.15
CA GLN A 244 -15.12 -31.89 -36.34
C GLN A 244 -16.02 -31.85 -35.10
N PHE A 245 -16.03 -30.72 -34.39
CA PHE A 245 -16.74 -30.62 -33.11
C PHE A 245 -18.11 -29.94 -33.17
N GLY A 246 -18.49 -29.44 -34.34
CA GLY A 246 -19.80 -28.83 -34.53
C GLY A 246 -19.69 -27.43 -35.11
N ASN A 247 -20.54 -27.14 -36.09
CA ASN A 247 -20.51 -25.86 -36.80
C ASN A 247 -21.08 -24.67 -36.04
N ASN A 248 -21.83 -24.92 -34.96
CA ASN A 248 -22.31 -23.84 -34.11
C ASN A 248 -21.30 -23.48 -33.00
N LYS A 249 -20.26 -24.31 -32.85
CA LYS A 249 -19.26 -24.13 -31.78
C LYS A 249 -18.31 -22.98 -32.00
N THR A 250 -18.08 -22.14 -31.00
CA THR A 250 -17.12 -21.06 -31.12
CA THR A 250 -17.12 -21.06 -31.12
C THR A 250 -15.73 -21.58 -30.77
N ILE A 251 -14.80 -21.40 -31.70
CA ILE A 251 -13.44 -21.90 -31.54
C ILE A 251 -12.56 -20.81 -30.96
N ILE A 252 -11.87 -21.13 -29.87
CA ILE A 252 -10.95 -20.18 -29.24
C ILE A 252 -9.58 -20.84 -29.06
N PHE A 253 -8.52 -20.07 -29.34
CA PHE A 253 -7.17 -20.51 -29.03
C PHE A 253 -6.65 -19.75 -27.82
N ASN A 254 -6.15 -20.48 -26.84
CA ASN A 254 -5.49 -19.85 -25.69
C ASN A 254 -4.10 -20.45 -25.49
N PRO A 255 -3.21 -19.71 -24.82
CA PRO A 255 -1.88 -20.26 -24.53
C PRO A 255 -1.95 -21.44 -23.56
N SER A 256 -0.82 -22.11 -23.39
CA SER A 256 -0.72 -23.24 -22.48
C SER A 256 -1.18 -22.90 -21.07
N SER A 257 -1.89 -23.85 -20.45
CA SER A 257 -2.36 -23.68 -19.09
C SER A 257 -1.18 -23.69 -18.10
N GLY A 258 -0.06 -24.24 -18.53
CA GLY A 258 1.15 -24.26 -17.71
C GLY A 258 1.95 -25.54 -17.79
N GLY A 259 3.02 -25.62 -17.01
CA GLY A 259 3.90 -26.78 -17.00
C GLY A 259 5.36 -26.42 -17.19
N ASP A 260 6.13 -27.38 -17.69
CA ASP A 260 7.55 -27.17 -17.98
C ASP A 260 7.72 -26.09 -19.05
N PRO A 261 8.79 -25.27 -18.94
CA PRO A 261 9.05 -24.23 -19.94
C PRO A 261 9.00 -24.74 -21.38
N GLU A 262 9.42 -25.99 -21.56
CA GLU A 262 9.50 -26.59 -22.88
C GLU A 262 8.15 -26.69 -23.59
N ILE A 263 7.08 -26.97 -22.84
CA ILE A 263 5.76 -27.13 -23.45
C ILE A 263 4.87 -25.90 -23.28
N VAL A 264 5.27 -24.98 -22.40
CA VAL A 264 4.56 -23.70 -22.28
C VAL A 264 5.00 -22.75 -23.38
N THR A 265 6.27 -22.84 -23.77
CA THR A 265 6.79 -22.04 -24.87
C THR A 265 6.92 -22.90 -26.13
N HIS A 266 7.06 -22.25 -27.28
CA HIS A 266 7.46 -22.95 -28.48
C HIS A 266 8.96 -23.12 -28.36
N SER A 267 9.40 -24.35 -28.06
CA SER A 267 10.82 -24.60 -27.88
C SER A 267 11.32 -25.51 -28.97
N PHE A 268 12.58 -25.31 -29.35
CA PHE A 268 13.16 -26.05 -30.45
C PHE A 268 14.66 -25.86 -30.44
N ASN A 269 15.37 -26.60 -31.29
CA ASN A 269 16.81 -26.44 -31.38
C ASN A 269 17.19 -25.84 -32.72
N CYS A 270 17.85 -24.70 -32.65
CA CYS A 270 18.29 -23.98 -33.83
C CYS A 270 19.82 -23.87 -33.81
N GLY A 271 20.46 -24.57 -34.73
CA GLY A 271 21.91 -24.57 -34.83
C GLY A 271 22.60 -25.05 -33.57
N GLY A 272 21.98 -26.03 -32.90
CA GLY A 272 22.57 -26.63 -31.71
C GLY A 272 22.22 -25.91 -30.42
N GLU A 273 21.50 -24.80 -30.52
CA GLU A 273 21.12 -24.00 -29.36
C GLU A 273 19.64 -24.21 -29.04
N PHE A 274 19.30 -24.27 -27.75
CA PHE A 274 17.94 -24.56 -27.34
C PHE A 274 17.10 -23.29 -27.16
N PHE A 275 16.21 -23.06 -28.12
CA PHE A 275 15.32 -21.91 -28.12
C PHE A 275 14.03 -22.17 -27.36
N TYR A 276 13.66 -21.20 -26.54
CA TYR A 276 12.37 -21.14 -25.86
C TYR A 276 11.67 -19.84 -26.23
N CYS A 277 10.63 -19.95 -27.04
CA CYS A 277 9.96 -18.79 -27.60
C CYS A 277 8.52 -18.64 -27.09
N ASN A 278 8.24 -17.49 -26.49
CA ASN A 278 6.92 -17.17 -25.99
C ASN A 278 5.92 -17.15 -27.15
N SER A 279 4.93 -18.03 -27.08
CA SER A 279 3.98 -18.22 -28.18
C SER A 279 2.60 -17.63 -27.88
N THR A 280 2.53 -16.72 -26.92
CA THR A 280 1.27 -16.07 -26.57
C THR A 280 0.62 -15.43 -27.79
N GLN A 281 1.41 -14.73 -28.60
CA GLN A 281 0.90 -14.05 -29.77
C GLN A 281 0.45 -15.02 -30.87
N LEU A 282 0.89 -16.27 -30.78
CA LEU A 282 0.50 -17.27 -31.77
C LEU A 282 -0.82 -17.94 -31.41
N PHE A 283 -1.11 -18.02 -30.12
CA PHE A 283 -2.20 -18.86 -29.63
C PHE A 283 -3.16 -18.09 -28.72
N THR A 284 -3.34 -16.81 -29.04
CA THR A 284 -4.37 -16.00 -28.41
C THR A 284 -5.27 -15.47 -29.52
N TRP A 285 -6.43 -16.12 -29.70
CA TRP A 285 -7.25 -15.85 -30.86
C TRP A 285 -8.72 -16.18 -30.64
N ASN A 286 -9.57 -15.25 -31.05
CA ASN A 286 -11.01 -15.43 -31.17
C ASN A 286 -11.54 -14.48 -32.24
N ASP A 287 -12.85 -14.53 -32.51
CA ASP A 287 -13.45 -13.73 -33.58
C ASP A 287 -12.94 -12.29 -33.61
N THR A 288 -12.66 -11.73 -32.43
CA THR A 288 -12.23 -10.34 -32.32
C THR A 288 -10.83 -10.11 -32.89
N GLY A 295 0.37 -4.38 -37.10
CA GLY A 295 1.71 -4.88 -37.35
C GLY A 295 1.82 -5.66 -38.64
N ARG A 296 3.05 -6.03 -39.00
CA ARG A 296 3.33 -6.82 -40.20
C ARG A 296 3.87 -8.19 -39.85
N ASN A 297 4.94 -8.19 -39.07
CA ASN A 297 5.52 -9.42 -38.55
C ASN A 297 5.11 -9.65 -37.11
N ILE A 298 4.77 -10.90 -36.79
CA ILE A 298 4.68 -11.32 -35.40
C ILE A 298 6.10 -11.61 -34.96
N THR A 299 6.53 -10.92 -33.90
CA THR A 299 7.84 -11.14 -33.30
C THR A 299 7.72 -11.78 -31.92
N LEU A 300 8.14 -13.04 -31.85
CA LEU A 300 8.17 -13.78 -30.59
C LEU A 300 9.48 -13.58 -29.89
N PRO A 301 9.45 -13.14 -28.62
CA PRO A 301 10.69 -13.09 -27.85
C PRO A 301 11.13 -14.48 -27.46
N CYS A 302 12.44 -14.75 -27.49
CA CYS A 302 12.95 -16.07 -27.13
C CYS A 302 14.14 -15.96 -26.20
N ARG A 303 14.32 -17.02 -25.41
CA ARG A 303 15.57 -17.22 -24.70
C ARG A 303 16.27 -18.48 -25.20
N ILE A 304 17.59 -18.42 -25.23
CA ILE A 304 18.41 -19.61 -25.37
C ILE A 304 18.75 -20.08 -23.96
N LYS A 305 18.39 -21.32 -23.66
CA LYS A 305 18.63 -21.88 -22.34
C LYS A 305 19.73 -22.92 -22.38
N GLN A 306 20.47 -23.02 -21.28
CA GLN A 306 21.53 -24.01 -21.13
C GLN A 306 21.07 -25.21 -20.31
N ILE A 307 20.11 -24.99 -19.42
CA ILE A 307 19.65 -26.07 -18.54
C ILE A 307 18.25 -26.50 -18.95
N ILE A 308 18.20 -27.67 -19.58
CA ILE A 308 17.06 -28.18 -20.32
C ILE A 308 16.44 -29.38 -19.60
N ASN A 309 15.12 -29.50 -19.68
CA ASN A 309 14.46 -30.76 -19.33
C ASN A 309 14.53 -31.66 -20.57
N MET A 310 14.96 -32.90 -20.38
CA MET A 310 15.26 -33.77 -21.51
C MET A 310 13.98 -34.37 -22.12
N TRP A 311 13.99 -34.63 -23.43
CA TRP A 311 12.85 -35.28 -24.07
C TRP A 311 13.05 -36.79 -24.12
N GLN A 312 14.31 -37.23 -24.05
CA GLN A 312 14.63 -38.65 -24.18
C GLN A 312 14.29 -39.44 -22.93
N GLU A 313 14.43 -38.77 -21.79
CA GLU A 313 14.22 -39.41 -20.49
C GLU A 313 14.01 -38.31 -19.47
N VAL A 314 13.55 -38.68 -18.28
CA VAL A 314 13.28 -37.68 -17.24
C VAL A 314 14.57 -37.26 -16.56
N GLY A 315 14.90 -35.98 -16.69
CA GLY A 315 16.05 -35.41 -16.00
C GLY A 315 16.48 -34.12 -16.67
N LYS A 316 17.58 -33.56 -16.19
CA LYS A 316 18.10 -32.31 -16.72
C LYS A 316 19.34 -32.52 -17.55
N ALA A 317 19.53 -31.63 -18.52
CA ALA A 317 20.75 -31.58 -19.30
C ALA A 317 21.29 -30.15 -19.27
N MET A 318 22.60 -30.02 -19.09
CA MET A 318 23.26 -28.73 -18.98
C MET A 318 24.30 -28.63 -20.08
N TYR A 319 24.14 -27.58 -20.88
CA TYR A 319 24.97 -27.32 -22.06
C TYR A 319 25.81 -26.07 -21.85
N ALA A 320 26.85 -25.93 -22.67
CA ALA A 320 27.72 -24.77 -22.63
C ALA A 320 26.99 -23.53 -23.13
N PRO A 321 27.52 -22.33 -22.85
CA PRO A 321 26.87 -21.07 -23.25
C PRO A 321 26.68 -20.96 -24.75
N PRO A 322 25.73 -20.13 -25.22
CA PRO A 322 25.52 -19.97 -26.66
C PRO A 322 26.80 -19.59 -27.38
N ILE A 323 27.01 -20.11 -28.59
CA ILE A 323 28.15 -19.66 -29.38
C ILE A 323 27.97 -18.18 -29.67
N ARG A 324 29.08 -17.48 -29.85
CA ARG A 324 29.01 -16.11 -30.35
C ARG A 324 28.92 -16.33 -31.85
N GLY A 325 28.60 -15.30 -32.62
CA GLY A 325 28.50 -15.51 -34.04
C GLY A 325 27.12 -16.04 -34.38
N GLN A 326 26.92 -16.41 -35.63
CA GLN A 326 25.58 -16.58 -36.18
C GLN A 326 24.77 -17.78 -35.68
N ILE A 327 23.67 -17.47 -35.00
CA ILE A 327 22.63 -18.44 -34.69
C ILE A 327 21.40 -17.98 -35.46
N ARG A 328 20.97 -18.77 -36.45
CA ARG A 328 19.85 -18.38 -37.30
C ARG A 328 19.16 -19.58 -37.91
N CYS A 329 17.85 -19.65 -37.73
CA CYS A 329 17.03 -20.68 -38.37
C CYS A 329 15.86 -20.10 -39.13
N SER A 330 15.65 -20.57 -40.36
CA SER A 330 14.42 -20.31 -41.09
C SER A 330 13.70 -21.63 -41.26
N SER A 331 12.47 -21.73 -40.74
CA SER A 331 11.74 -23.00 -40.79
C SER A 331 10.32 -22.88 -41.35
N ASN A 332 9.85 -23.97 -41.94
CA ASN A 332 8.46 -24.12 -42.34
C ASN A 332 7.63 -24.61 -41.16
N ILE A 333 6.71 -23.79 -40.65
CA ILE A 333 5.67 -24.32 -39.79
C ILE A 333 4.75 -25.10 -40.71
N THR A 334 4.68 -26.42 -40.48
CA THR A 334 3.94 -27.32 -41.35
C THR A 334 2.86 -28.07 -40.58
N GLY A 335 2.82 -27.86 -39.27
CA GLY A 335 1.87 -28.57 -38.44
C GLY A 335 1.81 -28.01 -37.04
N LEU A 336 0.81 -28.47 -36.27
CA LEU A 336 0.66 -28.02 -34.88
C LEU A 336 0.28 -29.18 -33.97
N LEU A 337 0.64 -29.05 -32.69
CA LEU A 337 0.15 -29.98 -31.66
C LEU A 337 -0.75 -29.20 -30.71
N LEU A 338 -2.02 -29.61 -30.64
CA LEU A 338 -3.02 -28.95 -29.82
C LEU A 338 -3.64 -29.88 -28.78
N THR A 339 -4.14 -29.28 -27.71
CA THR A 339 -4.98 -29.97 -26.74
C THR A 339 -6.29 -29.22 -26.60
N ARG A 340 -7.35 -29.96 -26.27
CA ARG A 340 -8.70 -29.40 -26.14
C ARG A 340 -9.11 -29.41 -24.67
N ASP A 341 -9.78 -28.35 -24.24
CA ASP A 341 -10.19 -28.23 -22.85
C ASP A 341 -11.30 -29.21 -22.48
N GLY A 342 -12.41 -29.17 -23.20
CA GLY A 342 -13.57 -29.98 -22.88
C GLY A 342 -14.21 -29.59 -21.56
N GLY A 343 -15.47 -29.97 -21.37
CA GLY A 343 -16.20 -29.65 -20.16
C GLY A 343 -17.08 -28.43 -20.33
N ASN A 347 -19.44 -25.42 -22.82
CA ASN A 347 -20.84 -25.13 -23.07
C ASN A 347 -21.02 -24.16 -24.24
N GLY A 348 -20.84 -24.67 -25.45
CA GLY A 348 -20.92 -23.87 -26.66
C GLY A 348 -19.56 -23.49 -27.19
N THR A 349 -18.61 -23.25 -26.29
CA THR A 349 -17.28 -22.79 -26.64
C THR A 349 -16.27 -23.93 -26.53
N GLU A 350 -15.35 -24.00 -27.49
CA GLU A 350 -14.24 -24.94 -27.43
C GLU A 350 -12.90 -24.21 -27.43
N ILE A 351 -12.12 -24.42 -26.37
CA ILE A 351 -10.81 -23.79 -26.24
C ILE A 351 -9.72 -24.80 -26.58
N PHE A 352 -8.80 -24.38 -27.45
CA PHE A 352 -7.66 -25.20 -27.84
C PHE A 352 -6.37 -24.51 -27.43
N ARG A 353 -5.40 -25.31 -27.01
CA ARG A 353 -4.12 -24.79 -26.55
C ARG A 353 -2.97 -25.54 -27.20
N PRO A 354 -1.82 -24.87 -27.38
CA PRO A 354 -0.65 -25.58 -27.92
C PRO A 354 -0.19 -26.69 -27.00
N GLY A 355 0.19 -27.83 -27.57
CA GLY A 355 0.65 -28.97 -26.79
C GLY A 355 2.00 -29.46 -27.25
N GLY A 356 2.20 -30.78 -27.17
CA GLY A 356 3.47 -31.40 -27.50
C GLY A 356 4.17 -31.92 -26.27
N GLY A 357 5.41 -32.38 -26.45
CA GLY A 357 6.20 -32.93 -25.36
C GLY A 357 6.57 -34.37 -25.67
N ASP A 358 5.59 -35.16 -26.09
CA ASP A 358 5.83 -36.53 -26.53
C ASP A 358 6.27 -36.52 -27.99
N MET A 359 7.56 -36.68 -28.23
CA MET A 359 8.11 -36.54 -29.58
C MET A 359 7.65 -37.66 -30.51
N ARG A 360 7.08 -38.69 -29.91
CA ARG A 360 6.53 -39.80 -30.67
C ARG A 360 5.39 -39.25 -31.53
N ASP A 361 4.76 -38.16 -31.06
CA ASP A 361 3.73 -37.48 -31.85
C ASP A 361 4.36 -36.77 -33.04
N ASN A 362 5.50 -36.14 -32.83
CA ASN A 362 6.25 -35.51 -33.92
C ASN A 362 6.60 -36.54 -34.97
N TRP A 363 7.08 -37.70 -34.53
CA TRP A 363 7.37 -38.76 -35.49
C TRP A 363 6.06 -39.25 -36.13
N ARG A 364 5.02 -39.30 -35.30
CA ARG A 364 3.68 -39.68 -35.74
C ARG A 364 3.17 -38.77 -36.85
N SER A 365 3.47 -37.47 -36.75
CA SER A 365 2.99 -36.52 -37.76
C SER A 365 3.52 -36.84 -39.15
N GLU A 366 4.59 -37.62 -39.22
CA GLU A 366 5.21 -37.98 -40.49
C GLU A 366 5.01 -39.46 -40.86
N LEU A 367 5.01 -40.34 -39.87
CA LEU A 367 4.87 -41.77 -40.14
C LEU A 367 3.42 -42.25 -40.20
N TYR A 368 2.47 -41.34 -40.08
CA TYR A 368 1.05 -41.70 -39.98
C TYR A 368 0.55 -42.50 -41.19
N LYS A 369 1.12 -42.25 -42.36
CA LYS A 369 0.63 -42.87 -43.59
C LYS A 369 1.34 -44.19 -43.89
N TYR A 370 2.18 -44.64 -42.97
CA TYR A 370 2.98 -45.84 -43.19
C TYR A 370 2.66 -46.98 -42.23
N LYS A 371 2.77 -48.20 -42.75
CA LYS A 371 2.88 -49.35 -41.85
C LYS A 371 3.72 -50.46 -42.46
N VAL A 372 4.39 -51.22 -41.60
CA VAL A 372 5.30 -52.27 -42.03
C VAL A 372 4.52 -53.56 -42.21
N VAL A 373 4.80 -54.29 -43.28
CA VAL A 373 4.12 -55.54 -43.56
C VAL A 373 5.11 -56.61 -44.03
N LYS A 374 4.74 -57.87 -43.85
CA LYS A 374 5.53 -59.00 -44.33
C LYS A 374 4.95 -59.54 -45.63
N ILE A 375 5.80 -59.76 -46.62
CA ILE A 375 5.35 -60.26 -47.91
C ILE A 375 5.12 -61.78 -47.78
N GLU A 376 4.09 -62.26 -48.46
CA GLU A 376 3.58 -63.63 -48.33
C GLU A 376 3.09 -63.89 -46.90
N VAL B 25 20.13 -9.97 48.26
CA VAL B 25 19.25 -10.38 47.17
C VAL B 25 19.11 -9.24 46.15
N TRP B 26 18.94 -9.53 44.87
CA TRP B 26 18.87 -10.88 44.30
C TRP B 26 19.41 -10.90 42.86
N LYS B 27 19.01 -11.91 42.08
CA LYS B 27 19.59 -12.14 40.77
C LYS B 27 18.80 -13.24 40.05
N GLU B 28 18.45 -13.00 38.78
CA GLU B 28 17.69 -13.97 38.00
C GLU B 28 18.44 -15.30 37.83
N ALA B 29 17.72 -16.40 38.05
CA ALA B 29 18.33 -17.72 38.10
C ALA B 29 17.39 -18.83 37.62
N THR B 30 17.95 -20.04 37.50
CA THR B 30 17.21 -21.21 37.06
C THR B 30 17.35 -22.33 38.09
N THR B 31 16.21 -22.85 38.53
CA THR B 31 16.18 -23.96 39.47
C THR B 31 14.98 -24.85 39.19
N THR B 32 14.94 -26.03 39.80
CA THR B 32 13.82 -26.93 39.65
C THR B 32 12.68 -26.45 40.54
N LEU B 33 11.58 -26.02 39.92
CA LEU B 33 10.42 -25.56 40.66
C LEU B 33 9.64 -26.73 41.20
N PHE B 34 8.78 -26.48 42.19
CA PHE B 34 7.85 -27.51 42.63
C PHE B 34 6.44 -26.97 42.51
N CYS B 35 5.48 -27.89 42.40
CA CYS B 35 4.10 -27.49 42.12
C CYS B 35 3.21 -27.71 43.35
N ALA B 36 2.18 -26.88 43.46
CA ALA B 36 1.20 -27.02 44.53
C ALA B 36 -0.20 -26.94 43.95
N SER B 37 -1.12 -27.69 44.54
CA SER B 37 -2.52 -27.65 44.13
C SER B 37 -3.45 -28.06 45.27
N ASP B 38 -4.74 -27.85 45.05
CA ASP B 38 -5.76 -28.30 45.99
C ASP B 38 -6.40 -29.58 45.43
N ALA B 39 -5.60 -30.40 44.76
CA ALA B 39 -6.07 -31.66 44.21
C ALA B 39 -6.59 -32.57 45.30
N LYS B 40 -7.57 -33.40 44.96
CA LYS B 40 -8.22 -34.27 45.93
C LYS B 40 -7.81 -35.72 45.71
N ALA B 41 -7.27 -36.33 46.76
CA ALA B 41 -6.72 -37.68 46.70
C ALA B 41 -7.76 -38.74 46.38
N TYR B 42 -9.03 -38.42 46.60
CA TYR B 42 -10.12 -39.36 46.40
C TYR B 42 -10.74 -39.24 45.01
N ASP B 43 -10.35 -38.22 44.26
CA ASP B 43 -10.87 -38.00 42.91
C ASP B 43 -10.03 -38.73 41.88
N THR B 44 -10.68 -39.52 41.02
CA THR B 44 -9.98 -40.26 39.97
C THR B 44 -9.82 -39.45 38.68
N GLU B 45 -10.31 -38.22 38.68
CA GLU B 45 -10.03 -37.31 37.58
C GLU B 45 -8.50 -37.20 37.50
N VAL B 46 -7.96 -37.27 36.28
CA VAL B 46 -6.54 -37.57 36.12
C VAL B 46 -5.61 -36.43 36.54
N HIS B 47 -6.07 -35.19 36.42
CA HIS B 47 -5.29 -34.06 36.88
C HIS B 47 -5.13 -34.13 38.39
N ASN B 48 -6.23 -34.47 39.08
CA ASN B 48 -6.18 -34.62 40.53
C ASN B 48 -5.19 -35.72 40.92
N VAL B 49 -5.32 -36.88 40.28
CA VAL B 49 -4.44 -38.01 40.55
C VAL B 49 -2.99 -37.60 40.33
N TRP B 50 -2.70 -37.00 39.19
CA TRP B 50 -1.35 -36.54 38.90
C TRP B 50 -0.84 -35.58 39.98
N ALA B 51 -1.63 -34.55 40.25
CA ALA B 51 -1.22 -33.52 41.21
C ALA B 51 -1.12 -34.10 42.62
N THR B 52 -1.87 -35.15 42.89
CA THR B 52 -1.85 -35.76 44.22
C THR B 52 -0.46 -36.36 44.50
N HIS B 53 0.17 -36.95 43.49
CA HIS B 53 1.50 -37.53 43.69
C HIS B 53 2.62 -36.58 43.26
N ALA B 54 2.30 -35.61 42.40
CA ALA B 54 3.32 -34.67 41.91
C ALA B 54 3.46 -33.38 42.72
N CYS B 55 2.40 -32.95 43.40
CA CYS B 55 2.38 -31.63 44.04
C CYS B 55 2.20 -31.67 45.55
N VAL B 56 2.53 -30.55 46.19
CA VAL B 56 2.29 -30.33 47.61
C VAL B 56 0.99 -29.54 47.80
N PRO B 57 0.46 -29.46 49.02
CA PRO B 57 -0.73 -28.66 49.27
C PRO B 57 -0.44 -27.16 49.20
N THR B 58 -1.44 -26.37 48.82
CA THR B 58 -1.26 -24.92 48.71
C THR B 58 -1.17 -24.23 50.07
N ASP B 59 -0.48 -23.10 50.10
CA ASP B 59 -0.46 -22.23 51.27
C ASP B 59 -1.80 -21.50 51.36
N PRO B 60 -2.50 -21.60 52.50
CA PRO B 60 -3.77 -20.87 52.61
C PRO B 60 -3.58 -19.35 52.74
N ASN B 61 -2.53 -18.95 53.45
CA ASN B 61 -2.20 -17.54 53.63
C ASN B 61 -0.90 -17.19 52.93
N PRO B 62 -0.89 -17.19 51.59
CA PRO B 62 0.31 -16.87 50.83
C PRO B 62 0.74 -15.42 51.03
N GLN B 63 2.05 -15.18 51.11
CA GLN B 63 2.55 -13.82 51.33
C GLN B 63 3.06 -13.22 50.03
N GLU B 64 2.79 -11.94 49.86
CA GLU B 64 3.26 -11.17 48.72
C GLU B 64 3.88 -9.87 49.25
N VAL B 65 5.13 -9.64 48.88
CA VAL B 65 5.87 -8.47 49.35
C VAL B 65 6.12 -7.48 48.22
N LYS B 66 5.58 -6.29 48.37
CA LYS B 66 5.76 -5.21 47.39
C LYS B 66 7.17 -4.64 47.48
N LEU B 67 7.80 -4.46 46.32
CA LEU B 67 9.14 -3.88 46.23
C LEU B 67 9.11 -2.44 45.77
N GLU B 68 9.12 -1.51 46.74
CA GLU B 68 8.81 -0.12 46.47
C GLU B 68 9.81 0.48 45.47
N ASN B 69 9.34 1.49 44.73
CA ASN B 69 10.09 2.16 43.64
C ASN B 69 11.17 1.33 42.90
N VAL B 70 10.89 0.03 42.70
CA VAL B 70 11.76 -0.87 41.92
C VAL B 70 11.24 -1.06 40.49
N THR B 71 12.11 -0.89 39.50
CA THR B 71 11.80 -1.29 38.12
C THR B 71 12.52 -2.61 37.86
N GLU B 72 11.87 -3.52 37.15
CA GLU B 72 12.45 -4.83 36.87
C GLU B 72 12.11 -5.33 35.47
N ASN B 73 13.10 -5.91 34.80
CA ASN B 73 12.91 -6.41 33.45
C ASN B 73 12.39 -7.84 33.42
N PHE B 74 11.44 -8.08 32.53
CA PHE B 74 10.88 -9.41 32.30
C PHE B 74 10.98 -9.76 30.82
N ASN B 75 10.90 -11.05 30.52
CA ASN B 75 10.84 -11.52 29.14
C ASN B 75 10.06 -12.83 29.08
N MET B 76 8.75 -12.72 28.84
CA MET B 76 7.87 -13.88 28.83
C MET B 76 8.29 -14.90 27.78
N TRP B 77 9.04 -14.46 26.78
CA TRP B 77 9.42 -15.30 25.66
C TRP B 77 10.67 -16.13 25.93
N LYS B 78 11.47 -15.69 26.90
CA LYS B 78 12.64 -16.44 27.34
C LYS B 78 12.53 -16.70 28.83
N ASN B 79 11.61 -17.58 29.19
CA ASN B 79 11.28 -17.89 30.58
C ASN B 79 11.24 -19.40 30.83
N ASN B 80 12.24 -19.91 31.55
CA ASN B 80 12.40 -21.35 31.77
C ASN B 80 11.21 -22.01 32.49
N MET B 81 10.43 -21.20 33.19
CA MET B 81 9.23 -21.66 33.88
C MET B 81 8.30 -22.33 32.87
N VAL B 82 8.25 -21.76 31.68
CA VAL B 82 7.42 -22.29 30.60
C VAL B 82 7.88 -23.70 30.25
N GLU B 83 9.20 -23.87 30.12
CA GLU B 83 9.76 -25.17 29.79
C GLU B 83 9.43 -26.17 30.87
N GLN B 84 9.62 -25.78 32.14
CA GLN B 84 9.29 -26.69 33.23
C GLN B 84 7.80 -27.10 33.21
N MET B 85 6.91 -26.12 33.08
CA MET B 85 5.48 -26.41 32.99
C MET B 85 5.18 -27.35 31.82
N HIS B 86 5.82 -27.06 30.68
CA HIS B 86 5.65 -27.85 29.46
C HIS B 86 6.00 -29.31 29.74
N GLU B 87 7.17 -29.52 30.36
CA GLU B 87 7.58 -30.86 30.76
C GLU B 87 6.52 -31.49 31.66
N ASP B 88 6.10 -30.75 32.68
CA ASP B 88 5.10 -31.28 33.62
C ASP B 88 3.82 -31.74 32.91
N ILE B 89 3.30 -30.91 32.01
CA ILE B 89 2.03 -31.26 31.36
C ILE B 89 2.22 -32.38 30.33
N ILE B 90 3.40 -32.44 29.70
CA ILE B 90 3.73 -33.59 28.87
C ILE B 90 3.69 -34.87 29.71
N SER B 91 4.34 -34.85 30.86
CA SER B 91 4.31 -36.00 31.77
C SER B 91 2.87 -36.32 32.18
N LEU B 92 2.10 -35.30 32.57
CA LEU B 92 0.70 -35.48 32.94
C LEU B 92 -0.08 -36.19 31.85
N TRP B 93 0.02 -35.68 30.62
CA TRP B 93 -0.73 -36.25 29.51
C TRP B 93 -0.25 -37.66 29.21
N ASP B 94 1.06 -37.89 29.26
CA ASP B 94 1.57 -39.22 28.96
C ASP B 94 1.16 -40.23 30.02
N GLN B 95 1.03 -39.78 31.27
CA GLN B 95 0.49 -40.64 32.32
C GLN B 95 -1.04 -40.78 32.26
N SER B 96 -1.72 -39.71 31.87
CA SER B 96 -3.18 -39.63 31.98
C SER B 96 -3.99 -40.02 30.73
N LEU B 97 -3.59 -39.49 29.57
CA LEU B 97 -4.30 -39.75 28.31
C LEU B 97 -3.48 -40.65 27.40
N LYS B 98 -3.57 -41.95 27.66
CA LYS B 98 -2.78 -42.94 26.95
C LYS B 98 -3.39 -43.24 25.58
N PRO B 99 -2.65 -42.99 24.49
CA PRO B 99 -3.25 -43.39 23.22
C PRO B 99 -3.12 -44.90 23.01
N CYS B 100 -4.06 -45.47 22.27
CA CYS B 100 -4.03 -46.89 21.95
C CYS B 100 -2.85 -47.20 21.05
N VAL B 101 -2.59 -46.30 20.11
CA VAL B 101 -1.49 -46.44 19.18
C VAL B 101 -0.81 -45.08 19.03
N LYS B 102 0.52 -45.08 19.03
CA LYS B 102 1.29 -43.85 18.84
C LYS B 102 2.34 -44.07 17.77
N LEU B 103 2.29 -43.22 16.75
CA LEU B 103 3.20 -43.34 15.60
C LEU B 103 4.22 -42.23 15.65
N THR B 104 5.47 -42.59 15.88
CA THR B 104 6.50 -41.58 16.07
C THR B 104 7.87 -42.13 15.68
N GLY B 105 8.54 -41.40 14.80
CA GLY B 105 9.87 -41.76 14.35
C GLY B 105 9.99 -43.20 13.91
N GLY B 106 9.10 -43.62 13.02
CA GLY B 106 9.15 -44.97 12.49
C GLY B 106 8.69 -46.03 13.48
N SER B 107 8.38 -45.62 14.70
CA SER B 107 7.90 -46.55 15.72
C SER B 107 6.39 -46.54 15.82
N VAL B 108 5.84 -47.72 16.08
CA VAL B 108 4.43 -47.89 16.45
C VAL B 108 4.41 -48.38 17.89
N ILE B 109 3.95 -47.52 18.79
CA ILE B 109 3.84 -47.82 20.20
C ILE B 109 2.39 -48.10 20.55
N THR B 110 2.13 -49.29 21.10
CA THR B 110 0.78 -49.66 21.53
C THR B 110 0.73 -49.91 23.03
N GLN B 111 -0.39 -49.53 23.64
CA GLN B 111 -0.58 -49.69 25.07
C GLN B 111 -2.06 -49.57 25.43
N ALA B 112 -2.39 -49.89 26.67
CA ALA B 112 -3.75 -49.74 27.15
C ALA B 112 -4.13 -48.27 27.11
N CYS B 113 -5.31 -48.00 26.57
CA CYS B 113 -5.77 -46.63 26.34
C CYS B 113 -7.12 -46.37 27.01
N PRO B 114 -7.16 -46.39 28.35
CA PRO B 114 -8.44 -46.17 29.01
C PRO B 114 -9.02 -44.78 28.78
N LYS B 115 -10.34 -44.71 28.60
CA LYS B 115 -11.05 -43.43 28.65
C LYS B 115 -11.14 -43.00 30.11
N VAL B 116 -10.79 -41.75 30.38
CA VAL B 116 -10.66 -41.27 31.75
C VAL B 116 -11.50 -40.03 32.02
N SER B 117 -11.62 -39.69 33.30
CA SER B 117 -12.18 -38.41 33.69
C SER B 117 -11.09 -37.37 33.53
N PHE B 118 -11.41 -36.32 32.80
CA PHE B 118 -10.42 -35.34 32.38
C PHE B 118 -11.02 -33.95 32.48
N GLU B 119 -10.52 -33.16 33.43
CA GLU B 119 -10.98 -31.80 33.64
C GLU B 119 -9.86 -31.06 34.38
N PRO B 120 -9.15 -30.16 33.68
CA PRO B 120 -7.97 -29.56 34.31
C PRO B 120 -8.27 -28.85 35.63
N ILE B 121 -7.30 -28.90 36.53
CA ILE B 121 -7.35 -28.16 37.78
C ILE B 121 -6.20 -27.15 37.83
N PRO B 122 -6.31 -26.14 38.69
CA PRO B 122 -5.22 -25.16 38.77
C PRO B 122 -3.96 -25.73 39.43
N ILE B 123 -2.81 -25.44 38.84
CA ILE B 123 -1.52 -25.81 39.41
C ILE B 123 -0.74 -24.53 39.75
N HIS B 124 -0.16 -24.49 40.93
CA HIS B 124 0.69 -23.37 41.34
C HIS B 124 2.14 -23.78 41.14
N TYR B 125 2.95 -22.88 40.58
CA TYR B 125 4.38 -23.15 40.46
C TYR B 125 5.16 -22.34 41.48
N CYS B 126 6.01 -23.05 42.21
CA CYS B 126 6.63 -22.53 43.42
C CYS B 126 8.14 -22.64 43.41
N ALA B 127 8.78 -21.58 43.88
CA ALA B 127 10.23 -21.53 44.01
C ALA B 127 10.67 -22.19 45.31
N PRO B 128 11.71 -23.06 45.25
CA PRO B 128 12.20 -23.70 46.47
C PRO B 128 13.05 -22.76 47.32
N ALA B 129 13.51 -23.24 48.48
CA ALA B 129 14.34 -22.44 49.37
C ALA B 129 15.57 -21.91 48.64
N GLY B 130 15.89 -20.65 48.89
CA GLY B 130 17.02 -19.99 48.25
C GLY B 130 16.57 -19.16 47.07
N PHE B 131 15.37 -19.45 46.56
CA PHE B 131 14.83 -18.77 45.39
C PHE B 131 13.47 -18.15 45.67
N ALA B 132 13.09 -17.19 44.83
CA ALA B 132 11.77 -16.54 44.93
C ALA B 132 11.25 -16.24 43.53
N ILE B 133 9.95 -15.96 43.44
CA ILE B 133 9.35 -15.58 42.17
C ILE B 133 9.00 -14.11 42.16
N LEU B 134 9.51 -13.39 41.17
CA LEU B 134 9.13 -12.00 40.97
C LEU B 134 7.91 -11.95 40.07
N LYS B 135 6.89 -11.23 40.55
CA LYS B 135 5.63 -11.05 39.86
C LYS B 135 5.47 -9.60 39.41
N CYS B 136 5.20 -9.44 38.11
CA CYS B 136 4.88 -8.14 37.52
C CYS B 136 3.41 -7.83 37.68
N ASN B 137 3.12 -6.66 38.26
CA ASN B 137 1.73 -6.26 38.54
C ASN B 137 1.26 -5.12 37.65
N ASP B 138 2.05 -4.79 36.63
CA ASP B 138 1.63 -3.80 35.65
C ASP B 138 0.44 -4.31 34.84
N LYS B 139 -0.62 -3.51 34.79
CA LYS B 139 -1.88 -3.95 34.23
C LYS B 139 -1.88 -3.93 32.69
N LYS B 140 -0.91 -3.22 32.10
CA LYS B 140 -0.76 -3.19 30.63
C LYS B 140 0.56 -3.82 30.16
N PHE B 141 1.17 -4.65 30.99
CA PHE B 141 2.50 -5.18 30.69
C PHE B 141 2.54 -5.98 29.38
N ASN B 142 3.44 -5.59 28.47
CA ASN B 142 3.53 -6.22 27.15
C ASN B 142 4.43 -7.45 27.11
N GLY B 143 4.88 -7.91 28.27
CA GLY B 143 5.56 -9.18 28.36
C GLY B 143 7.07 -9.15 28.24
N THR B 144 7.62 -8.03 27.77
CA THR B 144 9.06 -7.87 27.63
C THR B 144 9.49 -6.50 28.12
N GLY B 145 10.67 -6.45 28.74
CA GLY B 145 11.22 -5.18 29.14
C GLY B 145 10.83 -4.82 30.56
N PRO B 146 10.85 -3.53 30.90
CA PRO B 146 10.71 -3.08 32.28
C PRO B 146 9.29 -3.14 32.83
N CYS B 147 9.18 -3.48 34.11
CA CYS B 147 7.94 -3.49 34.88
C CYS B 147 8.16 -2.70 36.16
N THR B 148 7.26 -1.76 36.48
CA THR B 148 7.49 -0.85 37.61
C THR B 148 6.83 -1.29 38.91
N ASN B 149 5.70 -2.00 38.82
CA ASN B 149 5.00 -2.47 40.02
C ASN B 149 5.32 -3.95 40.23
N VAL B 150 6.45 -4.20 40.86
CA VAL B 150 6.93 -5.56 41.03
C VAL B 150 6.73 -6.01 42.48
N SER B 151 6.33 -7.27 42.64
CA SER B 151 6.25 -7.87 43.96
C SER B 151 6.95 -9.22 43.94
N THR B 152 7.23 -9.77 45.12
CA THR B 152 7.84 -11.09 45.22
C THR B 152 6.89 -12.05 45.91
N VAL B 153 6.82 -13.26 45.37
CA VAL B 153 5.96 -14.31 45.90
C VAL B 153 6.71 -15.64 45.83
N GLN B 154 6.23 -16.62 46.60
CA GLN B 154 6.83 -17.96 46.56
C GLN B 154 6.21 -18.79 45.46
N CYS B 155 4.92 -18.56 45.20
CA CYS B 155 4.18 -19.34 44.22
C CYS B 155 3.41 -18.46 43.25
N THR B 156 3.28 -18.94 42.02
CA THR B 156 2.41 -18.32 41.03
C THR B 156 0.94 -18.52 41.43
N HIS B 157 0.04 -17.88 40.71
CA HIS B 157 -1.39 -18.14 40.88
C HIS B 157 -1.71 -19.54 40.33
N GLY B 158 -2.92 -20.01 40.55
CA GLY B 158 -3.32 -21.31 40.05
C GLY B 158 -3.52 -21.28 38.54
N ILE B 159 -2.78 -22.12 37.84
CA ILE B 159 -2.84 -22.18 36.38
C ILE B 159 -3.41 -23.50 35.87
N ARG B 160 -4.53 -23.42 35.14
CA ARG B 160 -5.13 -24.59 34.54
CA ARG B 160 -5.13 -24.60 34.52
C ARG B 160 -4.37 -24.97 33.25
N PRO B 161 -3.73 -26.15 33.24
CA PRO B 161 -2.92 -26.51 32.06
C PRO B 161 -3.78 -26.92 30.86
N VAL B 162 -4.44 -25.94 30.24
CA VAL B 162 -5.34 -26.23 29.12
C VAL B 162 -4.60 -26.30 27.79
N VAL B 163 -4.74 -27.43 27.10
CA VAL B 163 -4.13 -27.63 25.78
C VAL B 163 -5.17 -27.32 24.71
N SER B 164 -4.92 -26.25 23.93
CA SER B 164 -5.82 -25.87 22.87
C SER B 164 -5.13 -25.06 21.79
N THR B 165 -5.84 -24.85 20.68
CA THR B 165 -5.39 -23.99 19.60
C THR B 165 -6.38 -22.85 19.37
N GLN B 166 -5.90 -21.76 18.77
CA GLN B 166 -6.71 -20.61 18.39
C GLN B 166 -7.24 -19.83 19.61
N LEU B 167 -8.06 -20.48 20.43
CA LEU B 167 -8.62 -19.84 21.61
C LEU B 167 -7.94 -20.32 22.89
N LEU B 168 -7.64 -19.38 23.79
CA LEU B 168 -7.17 -19.72 25.13
C LEU B 168 -8.36 -19.80 26.08
N LEU B 169 -8.48 -20.95 26.74
CA LEU B 169 -9.65 -21.25 27.56
C LEU B 169 -9.32 -21.30 29.05
N ASN B 170 -10.26 -20.84 29.86
CA ASN B 170 -10.18 -20.94 31.33
C ASN B 170 -8.93 -20.29 31.93
N GLY B 171 -8.40 -19.26 31.27
CA GLY B 171 -7.21 -18.56 31.76
C GLY B 171 -7.52 -17.32 32.59
N SER B 172 -6.49 -16.50 32.81
CA SER B 172 -6.62 -15.27 33.57
C SER B 172 -6.92 -14.08 32.67
N LEU B 173 -7.83 -13.22 33.10
CA LEU B 173 -8.20 -12.03 32.34
C LEU B 173 -7.30 -10.84 32.65
N ALA B 174 -7.10 -9.98 31.66
CA ALA B 174 -6.47 -8.69 31.89
C ALA B 174 -7.39 -7.84 32.77
N GLU B 175 -6.81 -7.09 33.71
CA GLU B 175 -7.61 -6.35 34.68
C GLU B 175 -8.30 -5.13 34.08
N GLU B 176 -7.61 -4.43 33.19
CA GLU B 176 -8.14 -3.20 32.61
C GLU B 176 -8.68 -3.41 31.20
N GLU B 177 -7.84 -3.15 30.20
CA GLU B 177 -8.25 -3.30 28.81
C GLU B 177 -7.67 -4.59 28.26
N ILE B 178 -8.15 -5.00 27.09
CA ILE B 178 -7.56 -6.11 26.38
C ILE B 178 -6.07 -5.84 26.22
N VAL B 179 -5.26 -6.89 26.27
CA VAL B 179 -3.81 -6.73 26.08
C VAL B 179 -3.30 -7.70 25.04
N ILE B 180 -2.55 -7.20 24.07
CA ILE B 180 -1.94 -8.02 23.03
C ILE B 180 -0.43 -8.03 23.21
N ARG B 181 0.16 -9.22 23.13
CA ARG B 181 1.59 -9.37 23.31
C ARG B 181 2.24 -10.15 22.16
N SER B 182 3.41 -9.68 21.75
CA SER B 182 4.23 -10.39 20.78
C SER B 182 5.69 -10.21 21.12
N GLU B 183 6.50 -11.22 20.79
CA GLU B 183 7.94 -11.09 20.96
C GLU B 183 8.47 -10.00 20.03
N ASN B 184 7.78 -9.81 18.91
CA ASN B 184 8.18 -8.82 17.90
C ASN B 184 7.02 -8.59 16.92
N PHE B 185 6.32 -7.48 17.10
CA PHE B 185 5.10 -7.21 16.33
C PHE B 185 5.38 -7.03 14.84
N THR B 186 6.52 -6.43 14.51
CA THR B 186 6.86 -6.17 13.11
C THR B 186 7.26 -7.49 12.43
N ASN B 187 7.47 -8.53 13.23
CA ASN B 187 7.77 -9.86 12.71
C ASN B 187 6.50 -10.70 12.61
N ASN B 188 6.02 -10.88 11.38
CA ASN B 188 4.75 -11.57 11.16
C ASN B 188 4.83 -13.07 11.40
N ALA B 189 6.02 -13.58 11.67
CA ALA B 189 6.19 -14.99 12.00
C ALA B 189 5.96 -15.23 13.48
N LYS B 190 5.90 -14.14 14.25
CA LYS B 190 5.74 -14.24 15.70
C LYS B 190 4.28 -14.19 16.09
N THR B 191 3.88 -15.16 16.92
CA THR B 191 2.49 -15.27 17.34
C THR B 191 2.09 -14.10 18.24
N ILE B 192 0.89 -13.61 18.03
CA ILE B 192 0.31 -12.58 18.88
C ILE B 192 -0.59 -13.26 19.89
N ILE B 193 -0.32 -13.02 21.17
CA ILE B 193 -1.15 -13.56 22.24
C ILE B 193 -2.08 -12.46 22.73
N VAL B 194 -3.38 -12.67 22.54
CA VAL B 194 -4.40 -11.75 23.02
C VAL B 194 -4.94 -12.22 24.37
N GLN B 195 -4.93 -11.30 25.34
CA GLN B 195 -5.52 -11.52 26.66
C GLN B 195 -6.72 -10.60 26.83
N LEU B 196 -7.90 -11.21 26.88
CA LEU B 196 -9.15 -10.49 27.06
C LEU B 196 -9.29 -9.98 28.49
N ASN B 197 -10.18 -9.00 28.67
CA ASN B 197 -10.52 -8.50 30.00
C ASN B 197 -11.93 -8.89 30.40
N GLU B 198 -12.67 -9.47 29.45
CA GLU B 198 -13.95 -10.09 29.74
C GLU B 198 -14.03 -11.46 29.10
N SER B 199 -14.40 -12.47 29.88
CA SER B 199 -14.54 -13.82 29.37
C SER B 199 -15.67 -13.89 28.36
N VAL B 200 -15.50 -14.71 27.34
CA VAL B 200 -16.63 -15.08 26.48
C VAL B 200 -16.89 -16.57 26.65
N VAL B 201 -18.05 -16.91 27.19
CA VAL B 201 -18.35 -18.31 27.50
C VAL B 201 -18.69 -19.09 26.24
N ILE B 202 -18.10 -20.28 26.12
CA ILE B 202 -18.37 -21.16 25.00
C ILE B 202 -18.73 -22.56 25.53
N ASN B 203 -19.89 -23.06 25.10
CA ASN B 203 -20.37 -24.37 25.54
C ASN B 203 -20.30 -25.38 24.41
N CYS B 204 -19.49 -26.40 24.59
CA CYS B 204 -19.31 -27.44 23.58
C CYS B 204 -19.90 -28.76 24.05
N THR B 205 -20.62 -29.41 23.13
CA THR B 205 -21.37 -30.62 23.45
C THR B 205 -21.30 -31.64 22.33
N ARG B 206 -21.11 -32.90 22.73
CA ARG B 206 -21.40 -34.05 21.89
C ARG B 206 -22.70 -34.67 22.38
N PRO B 207 -23.83 -34.39 21.71
CA PRO B 207 -25.13 -34.88 22.20
C PRO B 207 -25.16 -36.41 22.28
N ASN B 208 -25.98 -36.97 23.17
CA ASN B 208 -25.97 -38.42 23.38
C ASN B 208 -26.87 -39.15 22.39
N ASN B 209 -27.49 -38.40 21.49
CA ASN B 209 -28.33 -38.99 20.44
C ASN B 209 -29.54 -39.73 21.01
N GLY B 216 -27.73 -40.83 14.92
CA GLY B 216 -26.91 -40.87 16.11
C GLY B 216 -25.43 -40.97 15.77
N ASP B 217 -24.78 -39.82 15.60
CA ASP B 217 -23.37 -39.75 15.25
C ASP B 217 -22.55 -39.37 16.47
N ILE B 218 -21.81 -40.34 17.01
CA ILE B 218 -21.08 -40.15 18.25
C ILE B 218 -19.87 -39.23 18.10
N ARG B 219 -19.53 -38.90 16.86
CA ARG B 219 -18.40 -38.02 16.58
C ARG B 219 -18.83 -36.61 16.17
N GLN B 220 -20.14 -36.39 16.12
CA GLN B 220 -20.67 -35.07 15.76
C GLN B 220 -20.89 -34.24 17.01
N ALA B 221 -20.27 -33.07 17.07
CA ALA B 221 -20.40 -32.19 18.22
C ALA B 221 -20.59 -30.75 17.78
N HIS B 222 -20.83 -29.86 18.73
CA HIS B 222 -20.92 -28.44 18.41
C HIS B 222 -20.59 -27.56 19.59
N CYS B 223 -20.22 -26.31 19.30
CA CYS B 223 -20.01 -25.30 20.34
C CYS B 223 -20.90 -24.09 20.12
N ASN B 224 -21.50 -23.60 21.19
CA ASN B 224 -22.28 -22.38 21.14
C ASN B 224 -21.64 -21.27 21.94
N LEU B 225 -21.68 -20.06 21.39
CA LEU B 225 -21.30 -18.87 22.16
C LEU B 225 -22.09 -17.65 21.69
N SER B 226 -22.09 -16.61 22.51
CA SER B 226 -22.85 -15.40 22.20
C SER B 226 -22.29 -14.63 21.00
N LYS B 227 -23.14 -14.44 19.99
CA LYS B 227 -22.75 -13.74 18.78
C LYS B 227 -22.30 -12.31 19.07
N THR B 228 -23.07 -11.58 19.86
CA THR B 228 -22.79 -10.17 20.11
C THR B 228 -21.56 -9.98 21.01
N GLN B 229 -21.41 -10.85 22.01
CA GLN B 229 -20.22 -10.79 22.86
C GLN B 229 -18.98 -11.03 22.02
N TRP B 230 -19.04 -12.03 21.13
CA TRP B 230 -17.89 -12.33 20.30
C TRP B 230 -17.59 -11.21 19.32
N GLU B 231 -18.62 -10.72 18.64
CA GLU B 231 -18.41 -9.61 17.70
C GLU B 231 -17.83 -8.40 18.42
N ASN B 232 -18.38 -8.05 19.58
CA ASN B 232 -17.83 -6.94 20.34
C ASN B 232 -16.39 -7.22 20.78
N THR B 233 -16.12 -8.47 21.14
CA THR B 233 -14.76 -8.87 21.48
C THR B 233 -13.80 -8.63 20.30
N LEU B 234 -14.19 -9.11 19.12
CA LEU B 234 -13.41 -8.88 17.92
C LEU B 234 -13.21 -7.39 17.68
N GLU B 235 -14.29 -6.61 17.83
CA GLU B 235 -14.20 -5.16 17.68
C GLU B 235 -13.12 -4.57 18.60
N GLN B 236 -13.17 -4.95 19.87
CA GLN B 236 -12.21 -4.40 20.82
C GLN B 236 -10.77 -4.87 20.52
N ILE B 237 -10.61 -6.14 20.14
CA ILE B 237 -9.30 -6.61 19.73
C ILE B 237 -8.80 -5.83 18.51
N ALA B 238 -9.72 -5.58 17.57
CA ALA B 238 -9.38 -4.83 16.37
C ALA B 238 -8.89 -3.46 16.76
N ILE B 239 -9.60 -2.80 17.67
CA ILE B 239 -9.16 -1.52 18.20
C ILE B 239 -7.75 -1.63 18.78
N LYS B 240 -7.52 -2.62 19.64
CA LYS B 240 -6.18 -2.82 20.20
C LYS B 240 -5.11 -3.09 19.13
N LEU B 241 -5.46 -3.79 18.06
CA LEU B 241 -4.51 -4.02 16.98
C LEU B 241 -4.22 -2.74 16.20
N LYS B 242 -5.25 -1.96 15.90
CA LYS B 242 -5.03 -0.65 15.27
C LYS B 242 -4.12 0.20 16.15
N GLU B 243 -4.37 0.16 17.46
CA GLU B 243 -3.50 0.86 18.40
C GLU B 243 -2.01 0.50 18.25
N GLN B 244 -1.74 -0.75 17.86
CA GLN B 244 -0.35 -1.21 17.73
C GLN B 244 0.21 -0.98 16.33
N PHE B 245 -0.56 -1.31 15.28
CA PHE B 245 -0.04 -1.28 13.92
C PHE B 245 -0.40 -0.01 13.14
N GLY B 246 -1.18 0.87 13.75
CA GLY B 246 -1.51 2.14 13.12
C GLY B 246 -3.00 2.39 13.05
N ASN B 247 -3.39 3.62 13.36
CA ASN B 247 -4.81 3.98 13.38
C ASN B 247 -5.38 4.08 11.98
N ASN B 248 -4.50 4.23 10.99
CA ASN B 248 -4.92 4.28 9.60
C ASN B 248 -5.19 2.90 9.01
N LYS B 249 -4.77 1.87 9.74
CA LYS B 249 -4.91 0.49 9.27
C LYS B 249 -6.34 -0.05 9.38
N THR B 250 -6.76 -0.76 8.34
CA THR B 250 -8.02 -1.48 8.36
CA THR B 250 -8.02 -1.49 8.34
C THR B 250 -7.76 -2.91 8.81
N ILE B 251 -8.41 -3.31 9.90
CA ILE B 251 -8.20 -4.63 10.50
C ILE B 251 -9.20 -5.64 10.00
N ILE B 252 -8.68 -6.78 9.54
CA ILE B 252 -9.50 -7.87 9.04
C ILE B 252 -9.12 -9.17 9.73
N PHE B 253 -10.13 -9.97 10.08
CA PHE B 253 -9.91 -11.32 10.56
C PHE B 253 -10.33 -12.30 9.48
N ASN B 254 -9.45 -13.27 9.17
CA ASN B 254 -9.79 -14.36 8.26
C ASN B 254 -9.50 -15.71 8.91
N PRO B 255 -10.14 -16.78 8.40
CA PRO B 255 -9.83 -18.10 8.95
C PRO B 255 -8.40 -18.52 8.63
N SER B 256 -7.92 -19.59 9.26
CA SER B 256 -6.58 -20.10 8.99
C SER B 256 -6.37 -20.43 7.52
N SER B 257 -5.18 -20.12 7.01
CA SER B 257 -4.84 -20.40 5.61
C SER B 257 -4.71 -21.89 5.33
N GLY B 258 -4.52 -22.70 6.37
CA GLY B 258 -4.45 -24.14 6.23
C GLY B 258 -3.38 -24.80 7.08
N GLY B 259 -3.25 -26.11 6.94
CA GLY B 259 -2.30 -26.90 7.70
C GLY B 259 -2.98 -28.07 8.38
N ASP B 260 -2.39 -28.55 9.46
CA ASP B 260 -2.98 -29.64 10.22
C ASP B 260 -4.32 -29.21 10.79
N PRO B 261 -5.30 -30.13 10.84
CA PRO B 261 -6.63 -29.82 11.40
C PRO B 261 -6.56 -29.15 12.77
N GLU B 262 -5.56 -29.50 13.55
CA GLU B 262 -5.43 -28.99 14.91
C GLU B 262 -5.30 -27.47 14.98
N ILE B 263 -4.59 -26.88 14.03
CA ILE B 263 -4.38 -25.43 14.03
C ILE B 263 -5.29 -24.68 13.06
N VAL B 264 -5.91 -25.42 12.14
CA VAL B 264 -6.89 -24.82 11.23
C VAL B 264 -8.23 -24.65 11.94
N THR B 265 -8.56 -25.58 12.81
CA THR B 265 -9.79 -25.50 13.59
C THR B 265 -9.47 -25.07 15.02
N HIS B 266 -10.50 -24.70 15.75
CA HIS B 266 -10.36 -24.53 17.19
C HIS B 266 -10.40 -25.93 17.76
N SER B 267 -9.24 -26.43 18.19
CA SER B 267 -9.17 -27.78 18.71
C SER B 267 -8.83 -27.77 20.18
N PHE B 268 -9.39 -28.74 20.89
CA PHE B 268 -9.22 -28.80 22.34
C PHE B 268 -9.67 -30.13 22.88
N ASN B 269 -9.42 -30.37 24.16
CA ASN B 269 -9.84 -31.63 24.77
C ASN B 269 -10.93 -31.39 25.79
N CYS B 270 -12.08 -32.01 25.54
CA CYS B 270 -13.23 -31.90 26.42
C CYS B 270 -13.60 -33.27 26.97
N GLY B 271 -13.40 -33.45 28.27
CA GLY B 271 -13.70 -34.71 28.93
C GLY B 271 -12.93 -35.88 28.34
N GLY B 272 -11.69 -35.62 27.92
CA GLY B 272 -10.82 -36.65 27.39
C GLY B 272 -10.97 -36.87 25.89
N GLU B 273 -11.92 -36.18 25.27
CA GLU B 273 -12.15 -36.31 23.84
C GLU B 273 -11.61 -35.10 23.08
N PHE B 274 -11.03 -35.37 21.92
CA PHE B 274 -10.35 -34.34 21.14
C PHE B 274 -11.31 -33.69 20.16
N PHE B 275 -11.71 -32.47 20.49
CA PHE B 275 -12.63 -31.69 19.68
C PHE B 275 -11.90 -30.90 18.61
N TYR B 276 -12.46 -30.94 17.41
CA TYR B 276 -12.04 -30.11 16.29
C TYR B 276 -13.23 -29.29 15.81
N CYS B 277 -13.21 -27.98 16.08
CA CYS B 277 -14.34 -27.10 15.80
C CYS B 277 -14.02 -26.06 14.72
N ASN B 278 -14.82 -26.07 13.66
CA ASN B 278 -14.70 -25.10 12.57
C ASN B 278 -14.92 -23.68 13.09
N SER B 279 -13.89 -22.85 12.98
CA SER B 279 -13.91 -21.50 13.57
C SER B 279 -14.07 -20.40 12.51
N THR B 280 -14.54 -20.78 11.32
CA THR B 280 -14.76 -19.82 10.25
C THR B 280 -15.65 -18.67 10.71
N GLN B 281 -16.72 -19.00 11.43
CA GLN B 281 -17.66 -18.00 11.91
C GLN B 281 -17.06 -17.09 12.97
N LEU B 282 -15.96 -17.53 13.58
CA LEU B 282 -15.31 -16.74 14.62
C LEU B 282 -14.34 -15.72 14.04
N PHE B 283 -13.78 -16.01 12.88
CA PHE B 283 -12.67 -15.23 12.35
C PHE B 283 -12.89 -14.76 10.92
N THR B 284 -14.14 -14.44 10.59
CA THR B 284 -14.47 -13.76 9.35
C THR B 284 -15.15 -12.46 9.72
N TRP B 285 -14.40 -11.36 9.67
CA TRP B 285 -14.86 -10.09 10.23
C TRP B 285 -14.17 -8.88 9.60
N GLY B 295 -28.71 -14.47 13.82
CA GLY B 295 -28.67 -15.37 14.95
C GLY B 295 -28.37 -14.66 16.26
N ARG B 296 -28.45 -15.40 17.36
CA ARG B 296 -28.10 -14.84 18.67
C ARG B 296 -26.91 -15.59 19.25
N ASN B 297 -26.86 -16.88 18.96
CA ASN B 297 -25.68 -17.71 19.26
C ASN B 297 -24.89 -18.02 17.99
N ILE B 298 -23.57 -17.95 18.09
CA ILE B 298 -22.69 -18.55 17.09
C ILE B 298 -22.57 -20.02 17.45
N THR B 299 -22.91 -20.87 16.48
CA THR B 299 -22.78 -22.32 16.61
C THR B 299 -21.68 -22.87 15.72
N LEU B 300 -20.59 -23.33 16.34
CA LEU B 300 -19.50 -23.96 15.61
C LEU B 300 -19.74 -25.46 15.47
N PRO B 301 -19.74 -25.97 14.24
CA PRO B 301 -19.81 -27.44 14.06
C PRO B 301 -18.48 -28.07 14.44
N CYS B 302 -18.52 -29.23 15.10
CA CYS B 302 -17.30 -29.92 15.51
C CYS B 302 -17.30 -31.41 15.21
N ARG B 303 -16.10 -31.96 15.05
CA ARG B 303 -15.92 -33.40 15.06
C ARG B 303 -15.04 -33.80 16.24
N ILE B 304 -15.33 -34.97 16.80
CA ILE B 304 -14.41 -35.61 17.72
C ILE B 304 -13.56 -36.57 16.89
N LYS B 305 -12.24 -36.41 16.98
CA LYS B 305 -11.32 -37.25 16.22
C LYS B 305 -10.62 -38.25 17.10
N GLN B 306 -10.29 -39.39 16.51
CA GLN B 306 -9.56 -40.44 17.19
C GLN B 306 -8.08 -40.40 16.83
N ILE B 307 -7.77 -39.90 15.63
CA ILE B 307 -6.40 -39.87 15.13
C ILE B 307 -5.87 -38.43 15.11
N ILE B 308 -4.99 -38.17 16.06
CA ILE B 308 -4.55 -36.83 16.43
C ILE B 308 -3.10 -36.58 16.03
N ASN B 309 -2.78 -35.37 15.60
CA ASN B 309 -1.39 -34.94 15.52
C ASN B 309 -0.96 -34.48 16.89
N MET B 310 0.19 -34.97 17.36
CA MET B 310 0.58 -34.72 18.73
C MET B 310 1.22 -33.36 18.96
N TRP B 311 1.01 -32.81 20.16
CA TRP B 311 1.62 -31.54 20.56
C TRP B 311 2.91 -31.72 21.36
N GLN B 312 3.09 -32.88 21.99
CA GLN B 312 4.28 -33.11 22.83
C GLN B 312 5.49 -33.37 21.97
N GLU B 313 5.24 -33.98 20.81
CA GLU B 313 6.31 -34.35 19.89
C GLU B 313 5.67 -34.56 18.53
N VAL B 314 6.50 -34.69 17.50
CA VAL B 314 6.01 -34.86 16.15
C VAL B 314 5.58 -36.31 15.94
N GLY B 315 4.29 -36.50 15.67
CA GLY B 315 3.77 -37.82 15.36
C GLY B 315 2.27 -37.90 15.52
N LYS B 316 1.73 -39.10 15.39
CA LYS B 316 0.30 -39.34 15.52
C LYS B 316 -0.02 -40.05 16.82
N ALA B 317 -1.22 -39.79 17.33
CA ALA B 317 -1.76 -40.54 18.46
C ALA B 317 -3.16 -41.03 18.10
N MET B 318 -3.47 -42.29 18.42
CA MET B 318 -4.76 -42.88 18.07
C MET B 318 -5.49 -43.32 19.31
N TYR B 319 -6.72 -42.83 19.45
CA TYR B 319 -7.54 -43.12 20.63
C TYR B 319 -8.76 -43.95 20.24
N ALA B 320 -9.38 -44.58 21.23
CA ALA B 320 -10.61 -45.34 21.03
C ALA B 320 -11.76 -44.38 20.68
N PRO B 321 -12.88 -44.91 20.16
CA PRO B 321 -14.00 -44.04 19.78
C PRO B 321 -14.53 -43.22 20.95
N PRO B 322 -15.26 -42.13 20.65
CA PRO B 322 -15.81 -41.29 21.72
C PRO B 322 -16.64 -42.10 22.71
N ILE B 323 -16.58 -41.73 23.98
CA ILE B 323 -17.42 -42.37 24.98
C ILE B 323 -18.89 -42.11 24.65
N ARG B 324 -19.75 -43.01 25.11
CA ARG B 324 -21.18 -42.78 25.00
C ARG B 324 -21.65 -41.87 26.12
N GLY B 325 -22.86 -41.35 25.99
CA GLY B 325 -23.42 -40.51 27.02
C GLY B 325 -22.93 -39.08 26.93
N GLN B 326 -22.57 -38.53 28.08
CA GLN B 326 -22.32 -37.09 28.20
C GLN B 326 -20.88 -36.61 27.94
N ILE B 327 -20.71 -35.83 26.89
CA ILE B 327 -19.51 -35.03 26.71
C ILE B 327 -19.96 -33.58 26.68
N ARG B 328 -19.55 -32.78 27.66
CA ARG B 328 -19.99 -31.38 27.68
C ARG B 328 -18.97 -30.52 28.41
N CYS B 329 -18.52 -29.47 27.74
CA CYS B 329 -17.61 -28.50 28.35
C CYS B 329 -18.17 -27.08 28.24
N SER B 330 -18.15 -26.36 29.35
CA SER B 330 -18.42 -24.93 29.34
C SER B 330 -17.13 -24.21 29.72
N SER B 331 -16.61 -23.37 28.83
CA SER B 331 -15.32 -22.72 29.08
C SER B 331 -15.33 -21.21 28.89
N ASN B 332 -14.44 -20.55 29.62
CA ASN B 332 -14.18 -19.13 29.43
C ASN B 332 -13.19 -18.95 28.29
N ILE B 333 -13.61 -18.37 27.18
CA ILE B 333 -12.65 -17.85 26.22
C ILE B 333 -12.05 -16.63 26.90
N THR B 334 -10.75 -16.70 27.18
CA THR B 334 -10.05 -15.66 27.94
C THR B 334 -8.88 -15.09 27.16
N GLY B 335 -8.63 -15.66 25.98
CA GLY B 335 -7.51 -15.22 25.17
C GLY B 335 -7.55 -15.80 23.78
N LEU B 336 -6.68 -15.28 22.91
CA LEU B 336 -6.58 -15.76 21.53
C LEU B 336 -5.12 -15.86 21.11
N LEU B 337 -4.85 -16.74 20.16
CA LEU B 337 -3.55 -16.79 19.50
C LEU B 337 -3.75 -16.42 18.04
N LEU B 338 -3.12 -15.32 17.63
CA LEU B 338 -3.26 -14.80 16.28
C LEU B 338 -1.95 -14.75 15.52
N THR B 339 -2.04 -14.82 14.19
CA THR B 339 -0.91 -14.53 13.31
C THR B 339 -1.31 -13.45 12.32
N ARG B 340 -0.33 -12.67 11.89
CA ARG B 340 -0.55 -11.57 10.97
C ARG B 340 0.08 -11.89 9.62
N ASP B 341 -0.62 -11.54 8.54
CA ASP B 341 -0.12 -11.83 7.20
C ASP B 341 1.11 -11.03 6.82
N GLY B 342 1.00 -9.70 6.88
CA GLY B 342 2.07 -8.82 6.45
C GLY B 342 2.36 -8.92 4.96
N GLY B 343 3.01 -7.89 4.42
CA GLY B 343 3.36 -7.85 3.01
C GLY B 343 2.34 -7.08 2.18
N ASN B 347 -0.70 -3.05 2.43
CA ASN B 347 -0.86 -1.68 1.95
C ASN B 347 -2.16 -1.06 2.45
N GLY B 348 -2.19 -0.71 3.73
CA GLY B 348 -3.37 -0.14 4.36
C GLY B 348 -4.14 -1.15 5.19
N THR B 349 -4.17 -2.40 4.73
CA THR B 349 -4.96 -3.46 5.36
C THR B 349 -4.07 -4.42 6.15
N GLU B 350 -4.53 -4.82 7.33
CA GLU B 350 -3.86 -5.88 8.09
C GLU B 350 -4.81 -7.05 8.37
N ILE B 351 -4.40 -8.23 7.91
CA ILE B 351 -5.16 -9.45 8.08
C ILE B 351 -4.60 -10.30 9.21
N PHE B 352 -5.48 -10.70 10.12
CA PHE B 352 -5.11 -11.56 11.23
C PHE B 352 -5.87 -12.87 11.13
N ARG B 353 -5.20 -13.94 11.51
CA ARG B 353 -5.78 -15.28 11.45
C ARG B 353 -5.54 -16.01 12.75
N PRO B 354 -6.45 -16.92 13.11
CA PRO B 354 -6.20 -17.72 14.31
C PRO B 354 -4.95 -18.58 14.16
N GLY B 355 -4.16 -18.67 15.24
CA GLY B 355 -2.95 -19.45 15.23
C GLY B 355 -2.93 -20.43 16.38
N GLY B 356 -1.75 -20.65 16.95
CA GLY B 356 -1.57 -21.62 18.01
C GLY B 356 -0.81 -22.82 17.50
N GLY B 357 -0.70 -23.85 18.32
CA GLY B 357 0.04 -25.05 17.97
C GLY B 357 1.19 -25.28 18.92
N ASP B 358 1.95 -24.22 19.17
CA ASP B 358 3.04 -24.25 20.14
C ASP B 358 2.44 -24.04 21.53
N MET B 359 2.30 -25.13 22.28
CA MET B 359 1.62 -25.08 23.55
C MET B 359 2.40 -24.31 24.61
N ARG B 360 3.66 -24.02 24.34
CA ARG B 360 4.43 -23.20 25.25
C ARG B 360 3.87 -21.78 25.31
N ASP B 361 3.21 -21.35 24.23
CA ASP B 361 2.57 -20.04 24.22
C ASP B 361 1.38 -20.04 25.17
N ASN B 362 0.66 -21.14 25.23
CA ASN B 362 -0.44 -21.28 26.19
C ASN B 362 0.06 -21.07 27.62
N TRP B 363 1.18 -21.71 27.97
CA TRP B 363 1.77 -21.54 29.29
C TRP B 363 2.29 -20.11 29.44
N ARG B 364 2.88 -19.61 28.37
CA ARG B 364 3.41 -18.26 28.34
C ARG B 364 2.32 -17.24 28.65
N SER B 365 1.11 -17.49 28.13
CA SER B 365 -0.01 -16.57 28.33
C SER B 365 -0.36 -16.40 29.81
N GLU B 366 0.08 -17.34 30.64
CA GLU B 366 -0.19 -17.28 32.08
C GLU B 366 1.05 -16.96 32.89
N LEU B 367 2.21 -17.44 32.45
CA LEU B 367 3.46 -17.24 33.18
C LEU B 367 4.19 -15.94 32.80
N TYR B 368 3.59 -15.13 31.94
CA TYR B 368 4.25 -13.95 31.41
C TYR B 368 4.69 -12.96 32.48
N LYS B 369 3.93 -12.90 33.57
CA LYS B 369 4.18 -11.90 34.62
C LYS B 369 5.15 -12.40 35.70
N TYR B 370 5.71 -13.59 35.51
CA TYR B 370 6.58 -14.19 36.52
C TYR B 370 8.00 -14.40 36.04
N LYS B 371 8.95 -14.28 36.96
CA LYS B 371 10.28 -14.83 36.72
C LYS B 371 10.94 -15.29 38.01
N VAL B 372 11.77 -16.33 37.90
CA VAL B 372 12.41 -16.93 39.07
C VAL B 372 13.75 -16.25 39.32
N VAL B 373 14.03 -15.98 40.59
CA VAL B 373 15.29 -15.34 40.98
C VAL B 373 15.86 -16.01 42.23
N LYS B 374 17.17 -15.89 42.40
CA LYS B 374 17.84 -16.42 43.59
C LYS B 374 18.06 -15.34 44.64
N ILE B 375 17.69 -15.65 45.87
CA ILE B 375 17.81 -14.73 46.99
C ILE B 375 19.25 -14.70 47.49
N GLU B 376 19.67 -13.54 47.98
CA GLU B 376 21.05 -13.29 48.41
C GLU B 376 22.05 -13.37 47.24
N VAL C 25 7.62 60.75 39.86
CA VAL C 25 7.19 59.45 39.34
C VAL C 25 7.38 58.37 40.41
N TRP C 26 6.52 57.35 40.45
CA TRP C 26 5.39 57.16 39.55
C TRP C 26 4.27 56.43 40.31
N LYS C 27 3.41 55.74 39.58
CA LYS C 27 2.19 55.18 40.16
C LYS C 27 1.51 54.22 39.20
N GLU C 28 1.15 53.05 39.70
CA GLU C 28 0.44 52.07 38.90
C GLU C 28 -0.90 52.69 38.51
N ALA C 29 -1.25 52.61 37.23
CA ALA C 29 -2.41 53.36 36.73
C ALA C 29 -3.09 52.68 35.55
N THR C 30 -4.25 53.22 35.18
CA THR C 30 -5.05 52.70 34.08
C THR C 30 -5.39 53.80 33.09
N THR C 31 -5.09 53.56 31.82
CA THR C 31 -5.43 54.48 30.75
C THR C 31 -5.74 53.68 29.51
N THR C 32 -6.27 54.34 28.48
CA THR C 32 -6.55 53.67 27.23
C THR C 32 -5.25 53.49 26.44
N LEU C 33 -4.83 52.24 26.29
CA LEU C 33 -3.64 51.92 25.52
C LEU C 33 -3.94 51.99 24.04
N PHE C 34 -2.89 52.10 23.22
CA PHE C 34 -3.09 52.00 21.78
C PHE C 34 -2.23 50.88 21.24
N CYS C 35 -2.61 50.34 20.09
CA CYS C 35 -1.94 49.16 19.56
C CYS C 35 -1.11 49.50 18.34
N ALA C 36 -0.04 48.73 18.14
CA ALA C 36 0.82 48.88 16.99
C ALA C 36 1.04 47.52 16.32
N SER C 37 1.13 47.51 15.00
CA SER C 37 1.39 46.26 14.28
C SER C 37 2.04 46.52 12.94
N ASP C 38 2.51 45.44 12.32
CA ASP C 38 3.09 45.49 10.98
C ASP C 38 2.08 45.00 9.96
N ALA C 39 0.81 45.31 10.19
CA ALA C 39 -0.26 44.95 9.27
C ALA C 39 -0.04 45.57 7.89
N LYS C 40 -0.49 44.86 6.86
CA LYS C 40 -0.30 45.30 5.48
C LYS C 40 -1.65 45.73 4.89
N ALA C 41 -1.71 46.97 4.40
CA ALA C 41 -2.95 47.55 3.90
C ALA C 41 -3.47 46.81 2.67
N TYR C 42 -2.59 46.07 2.00
CA TYR C 42 -2.97 45.37 0.77
C TYR C 42 -3.42 43.94 1.03
N ASP C 43 -3.28 43.48 2.27
CA ASP C 43 -3.69 42.13 2.63
C ASP C 43 -5.14 42.12 3.10
N THR C 44 -5.94 41.23 2.53
CA THR C 44 -7.34 41.10 2.91
C THR C 44 -7.52 40.14 4.08
N GLU C 45 -6.42 39.59 4.59
CA GLU C 45 -6.47 38.79 5.80
C GLU C 45 -7.04 39.64 6.95
N VAL C 46 -7.93 39.07 7.74
CA VAL C 46 -8.80 39.89 8.58
C VAL C 46 -8.09 40.56 9.76
N HIS C 47 -7.04 39.93 10.28
CA HIS C 47 -6.24 40.56 11.32
C HIS C 47 -5.55 41.79 10.75
N ASN C 48 -5.02 41.65 9.54
CA ASN C 48 -4.36 42.76 8.85
C ASN C 48 -5.35 43.90 8.63
N VAL C 49 -6.53 43.57 8.09
CA VAL C 49 -7.57 44.58 7.86
C VAL C 49 -7.91 45.29 9.16
N TRP C 50 -8.19 44.53 10.22
CA TRP C 50 -8.50 45.14 11.52
C TRP C 50 -7.38 46.06 12.00
N ALA C 51 -6.16 45.51 12.00
CA ALA C 51 -5.00 46.24 12.51
C ALA C 51 -4.68 47.44 11.64
N THR C 52 -5.05 47.36 10.36
CA THR C 52 -4.79 48.46 9.44
C THR C 52 -5.55 49.72 9.85
N HIS C 53 -6.77 49.57 10.33
CA HIS C 53 -7.55 50.73 10.79
C HIS C 53 -7.48 50.94 12.30
N ALA C 54 -7.18 49.89 13.05
CA ALA C 54 -7.16 49.98 14.52
C ALA C 54 -5.81 50.35 15.13
N CYS C 55 -4.71 50.02 14.45
CA CYS C 55 -3.37 50.17 15.03
C CYS C 55 -2.50 51.14 14.25
N VAL C 56 -1.44 51.60 14.89
CA VAL C 56 -0.42 52.43 14.25
C VAL C 56 0.74 51.54 13.79
N PRO C 57 1.63 52.07 12.96
CA PRO C 57 2.77 51.24 12.53
C PRO C 57 3.78 51.04 13.67
N THR C 58 4.47 49.90 13.69
CA THR C 58 5.44 49.63 14.74
C THR C 58 6.72 50.43 14.57
N ASP C 59 7.37 50.71 15.71
CA ASP C 59 8.71 51.29 15.72
C ASP C 59 9.71 50.20 15.34
N PRO C 60 10.54 50.42 14.32
CA PRO C 60 11.53 49.40 13.95
C PRO C 60 12.66 49.25 14.98
N ASN C 61 13.05 50.35 15.60
CA ASN C 61 14.09 50.34 16.64
C ASN C 61 13.52 50.64 18.02
N PRO C 62 12.74 49.69 18.57
CA PRO C 62 12.18 49.94 19.90
C PRO C 62 13.27 50.01 20.96
N GLN C 63 13.14 50.94 21.90
CA GLN C 63 14.12 51.14 22.95
C GLN C 63 13.63 50.57 24.28
N GLU C 64 14.55 49.96 25.03
CA GLU C 64 14.25 49.42 26.35
C GLU C 64 15.30 49.90 27.34
N VAL C 65 14.84 50.53 28.42
CA VAL C 65 15.71 51.12 29.44
C VAL C 65 15.63 50.40 30.79
N LYS C 66 16.75 49.87 31.25
CA LYS C 66 16.80 49.21 32.56
C LYS C 66 16.73 50.20 33.71
N LEU C 67 15.90 49.88 34.70
CA LEU C 67 15.76 50.68 35.92
C LEU C 67 16.54 49.97 37.03
N GLU C 68 17.76 50.44 37.23
CA GLU C 68 18.81 49.70 37.93
C GLU C 68 18.49 49.27 39.37
N ASN C 69 18.16 50.22 40.24
CA ASN C 69 17.93 49.90 41.65
C ASN C 69 16.45 49.95 42.02
N VAL C 70 15.58 49.76 41.02
CA VAL C 70 14.15 49.80 41.25
C VAL C 70 13.54 48.40 41.39
N THR C 71 12.80 48.21 42.48
CA THR C 71 11.98 47.03 42.70
C THR C 71 10.53 47.40 42.45
N GLU C 72 9.77 46.50 41.82
CA GLU C 72 8.36 46.82 41.55
C GLU C 72 7.43 45.61 41.66
N ASN C 73 6.25 45.84 42.23
CA ASN C 73 5.26 44.78 42.40
C ASN C 73 4.41 44.62 41.15
N PHE C 74 4.13 43.37 40.81
CA PHE C 74 3.29 43.03 39.68
C PHE C 74 2.17 42.10 40.13
N ASN C 75 1.08 42.05 39.36
CA ASN C 75 0.00 41.12 39.60
C ASN C 75 -0.68 40.77 38.29
N MET C 76 -0.24 39.70 37.65
CA MET C 76 -0.76 39.32 36.34
C MET C 76 -2.26 39.05 36.36
N TRP C 77 -2.79 38.80 37.55
CA TRP C 77 -4.20 38.43 37.70
C TRP C 77 -5.11 39.64 37.78
N LYS C 78 -4.54 40.79 38.15
CA LYS C 78 -5.27 42.06 38.16
C LYS C 78 -4.52 43.08 37.30
N ASN C 79 -4.58 42.89 36.00
CA ASN C 79 -3.88 43.74 35.04
C ASN C 79 -4.83 44.17 33.94
N ASN C 80 -5.23 45.45 33.96
CA ASN C 80 -6.23 45.97 33.04
C ASN C 80 -5.86 45.80 31.56
N MET C 81 -4.58 45.61 31.28
CA MET C 81 -4.12 45.37 29.91
C MET C 81 -4.84 44.17 29.30
N VAL C 82 -5.07 43.15 30.13
CA VAL C 82 -5.74 41.93 29.70
C VAL C 82 -7.14 42.27 29.21
N GLU C 83 -7.83 43.12 29.98
CA GLU C 83 -9.19 43.51 29.67
C GLU C 83 -9.26 44.24 28.34
N GLN C 84 -8.36 45.21 28.16
CA GLN C 84 -8.29 45.98 26.93
C GLN C 84 -8.03 45.08 25.74
N MET C 85 -7.03 44.20 25.88
CA MET C 85 -6.74 43.25 24.81
C MET C 85 -7.96 42.41 24.49
N HIS C 86 -8.63 41.95 25.55
CA HIS C 86 -9.82 41.12 25.41
C HIS C 86 -10.88 41.86 24.58
N GLU C 87 -11.15 43.11 24.96
CA GLU C 87 -12.09 43.94 24.19
C GLU C 87 -11.65 44.03 22.72
N ASP C 88 -10.39 44.38 22.50
CA ASP C 88 -9.88 44.53 21.14
C ASP C 88 -10.09 43.26 20.32
N ILE C 89 -9.76 42.11 20.89
CA ILE C 89 -9.89 40.87 20.14
C ILE C 89 -11.34 40.45 19.95
N ILE C 90 -12.19 40.78 20.92
CA ILE C 90 -13.63 40.60 20.70
C ILE C 90 -14.08 41.43 19.50
N SER C 91 -13.70 42.71 19.45
CA SER C 91 -14.03 43.56 18.31
CA SER C 91 -14.04 43.56 18.31
CA SER C 91 -14.02 43.56 18.30
C SER C 91 -13.48 42.97 17.01
N LEU C 92 -12.23 42.51 17.05
CA LEU C 92 -11.61 41.91 15.88
C LEU C 92 -12.45 40.74 15.37
N TRP C 93 -12.75 39.80 16.24
CA TRP C 93 -13.52 38.63 15.85
C TRP C 93 -14.92 39.01 15.39
N ASP C 94 -15.55 39.95 16.08
CA ASP C 94 -16.91 40.32 15.75
C ASP C 94 -16.97 41.05 14.41
N GLN C 95 -15.93 41.81 14.07
CA GLN C 95 -15.84 42.40 12.75
C GLN C 95 -15.41 41.39 11.68
N SER C 96 -14.56 40.45 12.06
CA SER C 96 -13.92 39.56 11.08
C SER C 96 -14.60 38.21 10.80
N LEU C 97 -15.00 37.49 11.85
CA LEU C 97 -15.57 36.15 11.67
C LEU C 97 -17.07 36.13 11.93
N LYS C 98 -17.84 36.53 10.92
CA LYS C 98 -19.29 36.67 11.04
C LYS C 98 -20.04 35.35 10.87
N PRO C 99 -20.78 34.91 11.90
CA PRO C 99 -21.53 33.66 11.75
C PRO C 99 -22.83 33.84 10.96
N CYS C 100 -23.29 32.78 10.32
CA CYS C 100 -24.55 32.81 9.59
C CYS C 100 -25.65 33.04 10.62
N VAL C 101 -25.50 32.40 11.77
CA VAL C 101 -26.50 32.55 12.83
C VAL C 101 -25.84 32.71 14.20
N LYS C 102 -26.37 33.63 15.00
CA LYS C 102 -25.87 33.80 16.36
C LYS C 102 -27.03 33.76 17.34
N LEU C 103 -26.94 32.86 18.30
CA LEU C 103 -27.98 32.64 19.29
C LEU C 103 -27.47 33.15 20.62
N THR C 104 -28.02 34.26 21.12
CA THR C 104 -27.49 34.87 22.34
C THR C 104 -28.50 35.73 23.06
N GLY C 105 -28.69 35.46 24.35
CA GLY C 105 -29.56 36.24 25.21
C GLY C 105 -30.93 36.49 24.61
N GLY C 106 -31.59 35.42 24.21
CA GLY C 106 -32.93 35.52 23.63
C GLY C 106 -32.96 36.07 22.22
N SER C 107 -31.81 36.51 21.71
CA SER C 107 -31.72 37.03 20.35
C SER C 107 -31.21 35.99 19.37
N VAL C 108 -31.76 36.03 18.15
CA VAL C 108 -31.23 35.29 17.02
C VAL C 108 -30.80 36.29 15.94
N ILE C 109 -29.49 36.40 15.72
CA ILE C 109 -28.95 37.29 14.69
C ILE C 109 -28.49 36.48 13.48
N THR C 110 -29.02 36.81 12.31
CA THR C 110 -28.60 36.17 11.06
C THR C 110 -27.98 37.19 10.12
N GLN C 111 -26.94 36.77 9.39
CA GLN C 111 -26.27 37.65 8.45
C GLN C 111 -25.41 36.85 7.49
N ALA C 112 -24.88 37.52 6.47
CA ALA C 112 -23.97 36.90 5.53
C ALA C 112 -22.71 36.44 6.27
N CYS C 113 -22.28 35.21 6.00
CA CYS C 113 -21.14 34.62 6.71
C CYS C 113 -20.07 34.12 5.74
N PRO C 114 -19.42 35.04 5.02
CA PRO C 114 -18.37 34.65 4.08
C PRO C 114 -17.15 34.06 4.77
N LYS C 115 -16.53 33.06 4.14
CA LYS C 115 -15.25 32.54 4.58
C LYS C 115 -14.14 33.54 4.27
N VAL C 116 -13.28 33.79 5.25
CA VAL C 116 -12.27 34.85 5.14
C VAL C 116 -10.85 34.31 5.34
N SER C 117 -9.85 35.13 5.00
CA SER C 117 -8.46 34.83 5.33
C SER C 117 -8.18 35.21 6.78
N PHE C 118 -7.61 34.27 7.52
CA PHE C 118 -7.51 34.33 8.96
C PHE C 118 -6.18 33.72 9.37
N GLU C 119 -5.27 34.56 9.83
CA GLU C 119 -3.99 34.12 10.35
C GLU C 119 -3.52 35.23 11.27
N PRO C 120 -3.51 34.98 12.58
CA PRO C 120 -3.20 36.07 13.50
C PRO C 120 -1.86 36.72 13.19
N ILE C 121 -1.77 38.03 13.39
CA ILE C 121 -0.49 38.71 13.32
C ILE C 121 -0.23 39.26 14.70
N PRO C 122 1.04 39.52 15.03
CA PRO C 122 1.32 40.03 16.37
C PRO C 122 0.87 41.47 16.59
N ILE C 123 0.30 41.74 17.76
CA ILE C 123 -0.12 43.08 18.16
C ILE C 123 0.72 43.56 19.33
N HIS C 124 1.18 44.81 19.25
CA HIS C 124 1.89 45.45 20.35
C HIS C 124 0.94 46.37 21.08
N TYR C 125 0.98 46.33 22.40
CA TYR C 125 0.18 47.25 23.20
C TYR C 125 1.07 48.34 23.78
N CYS C 126 0.67 49.58 23.55
CA CYS C 126 1.53 50.73 23.77
C CYS C 126 0.89 51.76 24.68
N ALA C 127 1.71 52.28 25.58
CA ALA C 127 1.29 53.35 26.48
C ALA C 127 1.39 54.69 25.75
N PRO C 128 0.34 55.51 25.85
CA PRO C 128 0.38 56.83 25.21
C PRO C 128 1.25 57.79 26.00
N ALA C 129 1.41 59.02 25.50
CA ALA C 129 2.20 60.02 26.20
C ALA C 129 1.68 60.22 27.62
N GLY C 130 2.59 60.31 28.58
CA GLY C 130 2.23 60.46 29.98
C GLY C 130 2.32 59.15 30.75
N PHE C 131 2.30 58.03 30.03
CA PHE C 131 2.34 56.70 30.64
C PHE C 131 3.51 55.87 30.10
N ALA C 132 3.86 54.81 30.83
CA ALA C 132 4.91 53.90 30.40
C ALA C 132 4.56 52.46 30.75
N ILE C 133 5.21 51.50 30.09
CA ILE C 133 4.99 50.09 30.41
C ILE C 133 6.21 49.53 31.13
N LEU C 134 5.97 49.00 32.33
CA LEU C 134 7.00 48.31 33.08
C LEU C 134 7.01 46.83 32.75
N LYS C 135 8.20 46.34 32.40
CA LYS C 135 8.44 44.95 32.07
C LYS C 135 9.31 44.28 33.13
N CYS C 136 8.81 43.16 33.66
CA CYS C 136 9.57 42.34 34.59
C CYS C 136 10.46 41.37 33.84
N ASN C 137 11.76 41.37 34.15
CA ASN C 137 12.72 40.51 33.47
C ASN C 137 13.30 39.40 34.35
N ASP C 138 12.74 39.21 35.55
CA ASP C 138 13.13 38.08 36.38
C ASP C 138 12.66 36.80 35.70
N LYS C 139 13.60 35.87 35.49
CA LYS C 139 13.35 34.72 34.64
C LYS C 139 12.56 33.60 35.32
N LYS C 140 12.43 33.67 36.64
CA LYS C 140 11.63 32.68 37.39
C LYS C 140 10.40 33.35 38.01
N PHE C 141 10.02 34.50 37.47
CA PHE C 141 8.92 35.30 38.01
C PHE C 141 7.59 34.56 37.99
N ASN C 142 6.95 34.45 39.16
CA ASN C 142 5.71 33.68 39.28
C ASN C 142 4.44 34.50 39.02
N GLY C 143 4.60 35.71 38.51
CA GLY C 143 3.47 36.49 38.04
C GLY C 143 2.83 37.44 39.06
N THR C 144 3.18 37.27 40.33
CA THR C 144 2.65 38.14 41.38
C THR C 144 3.75 38.54 42.35
N GLY C 145 3.65 39.77 42.85
CA GLY C 145 4.58 40.25 43.86
C GLY C 145 5.76 41.00 43.25
N PRO C 146 6.86 41.12 44.00
CA PRO C 146 7.97 41.99 43.60
C PRO C 146 8.85 41.43 42.49
N CYS C 147 9.34 42.34 41.64
CA CYS C 147 10.28 42.03 40.58
C CYS C 147 11.47 42.99 40.70
N THR C 148 12.67 42.42 40.67
CA THR C 148 13.91 43.16 40.93
C THR C 148 14.64 43.60 39.65
N ASN C 149 14.50 42.83 38.58
CA ASN C 149 15.13 43.18 37.31
C ASN C 149 14.06 43.76 36.39
N VAL C 150 13.82 45.06 36.57
CA VAL C 150 12.74 45.75 35.89
C VAL C 150 13.28 46.65 34.79
N SER C 151 12.57 46.69 33.66
CA SER C 151 12.88 47.64 32.60
C SER C 151 11.61 48.36 32.16
N THR C 152 11.78 49.47 31.44
CA THR C 152 10.66 50.23 30.94
C THR C 152 10.64 50.23 29.43
N VAL C 153 9.45 50.10 28.86
CA VAL C 153 9.28 50.10 27.42
C VAL C 153 8.01 50.88 27.10
N GLN C 154 7.90 51.31 25.85
CA GLN C 154 6.73 52.02 25.38
C GLN C 154 5.67 51.03 24.92
N CYS C 155 6.13 49.91 24.36
CA CYS C 155 5.24 48.88 23.82
C CYS C 155 5.63 47.50 24.32
N THR C 156 4.64 46.63 24.48
CA THR C 156 4.89 45.23 24.76
C THR C 156 5.51 44.58 23.53
N HIS C 157 5.94 43.32 23.67
CA HIS C 157 6.38 42.56 22.50
C HIS C 157 5.16 42.26 21.64
N GLY C 158 5.39 41.71 20.44
CA GLY C 158 4.30 41.37 19.56
C GLY C 158 3.54 40.16 20.08
N ILE C 159 2.25 40.33 20.29
CA ILE C 159 1.40 39.25 20.80
C ILE C 159 0.41 38.82 19.73
N ARG C 160 0.50 37.55 19.31
CA ARG C 160 -0.46 36.97 18.39
C ARG C 160 -1.73 36.61 19.16
N PRO C 161 -2.85 37.30 18.87
CA PRO C 161 -4.07 37.08 19.67
C PRO C 161 -4.73 35.74 19.33
N VAL C 162 -4.09 34.65 19.77
CA VAL C 162 -4.57 33.31 19.46
C VAL C 162 -5.64 32.87 20.46
N VAL C 163 -6.79 32.52 19.91
CA VAL C 163 -7.93 32.05 20.70
C VAL C 163 -7.92 30.53 20.69
N SER C 164 -7.68 29.93 21.84
CA SER C 164 -7.65 28.47 21.95
C SER C 164 -7.92 28.01 23.37
N THR C 165 -8.12 26.70 23.51
CA THR C 165 -8.27 26.07 24.82
C THR C 165 -7.21 24.99 25.03
N GLN C 166 -6.97 24.67 26.31
CA GLN C 166 -6.05 23.62 26.72
C GLN C 166 -4.59 23.97 26.41
N LEU C 167 -4.26 24.15 25.13
CA LEU C 167 -2.90 24.48 24.73
C LEU C 167 -2.77 25.94 24.31
N LEU C 168 -1.70 26.59 24.76
CA LEU C 168 -1.37 27.93 24.31
C LEU C 168 -0.42 27.83 23.11
N LEU C 169 -0.83 28.46 22.01
CA LEU C 169 -0.14 28.35 20.74
C LEU C 169 0.55 29.66 20.32
N ASN C 170 1.71 29.52 19.67
CA ASN C 170 2.41 30.65 19.05
C ASN C 170 2.71 31.79 20.04
N GLY C 171 2.86 31.45 21.32
CA GLY C 171 3.15 32.44 22.34
C GLY C 171 4.64 32.54 22.64
N SER C 172 4.96 33.20 23.76
CA SER C 172 6.36 33.37 24.19
C SER C 172 6.82 32.25 25.12
N LEU C 173 8.04 31.79 24.92
CA LEU C 173 8.62 30.73 25.76
C LEU C 173 9.30 31.27 27.01
N ALA C 174 9.31 30.45 28.05
CA ALA C 174 10.11 30.74 29.25
C ALA C 174 11.58 30.71 28.88
N GLU C 175 12.34 31.65 29.42
CA GLU C 175 13.74 31.80 29.02
C GLU C 175 14.63 30.69 29.59
N GLU C 176 14.40 30.29 30.85
CA GLU C 176 15.19 29.23 31.45
C GLU C 176 14.40 27.93 31.55
N GLU C 177 13.76 27.69 32.69
CA GLU C 177 13.01 26.45 32.90
C GLU C 177 11.52 26.68 32.70
N ILE C 178 10.77 25.60 32.57
CA ILE C 178 9.31 25.67 32.57
C ILE C 178 8.86 26.43 33.79
N VAL C 179 7.82 27.25 33.63
CA VAL C 179 7.26 27.98 34.78
C VAL C 179 5.75 27.80 34.84
N ILE C 180 5.24 27.46 36.01
CA ILE C 180 3.80 27.32 36.20
C ILE C 180 3.32 28.42 37.13
N ARG C 181 2.20 29.06 36.75
CA ARG C 181 1.65 30.17 37.53
C ARG C 181 0.17 29.99 37.84
N SER C 182 -0.21 30.37 39.06
CA SER C 182 -1.62 30.39 39.46
C SER C 182 -1.88 31.59 40.36
N GLU C 183 -3.10 32.12 40.33
CA GLU C 183 -3.49 33.18 41.25
C GLU C 183 -3.44 32.68 42.67
N ASN C 184 -3.67 31.38 42.83
CA ASN C 184 -3.69 30.75 44.14
C ASN C 184 -3.65 29.24 43.96
N PHE C 185 -2.48 28.64 44.16
CA PHE C 185 -2.27 27.23 43.87
C PHE C 185 -3.11 26.33 44.77
N THR C 186 -3.30 26.76 46.02
CA THR C 186 -4.03 25.95 46.99
C THR C 186 -5.53 25.97 46.68
N ASN C 187 -5.95 26.89 45.82
CA ASN C 187 -7.34 26.96 45.35
C ASN C 187 -7.47 26.21 44.02
N ASN C 188 -8.07 25.03 44.07
CA ASN C 188 -8.14 24.17 42.89
C ASN C 188 -9.09 24.68 41.81
N ALA C 189 -9.81 25.75 42.11
CA ALA C 189 -10.72 26.36 41.14
C ALA C 189 -9.99 27.36 40.25
N LYS C 190 -8.75 27.69 40.62
CA LYS C 190 -7.95 28.66 39.89
C LYS C 190 -7.10 27.98 38.83
N THR C 191 -7.15 28.49 37.61
CA THR C 191 -6.44 27.89 36.48
C THR C 191 -4.93 28.00 36.64
N ILE C 192 -4.24 26.93 36.26
CA ILE C 192 -2.79 26.93 36.24
C ILE C 192 -2.30 27.22 34.82
N ILE C 193 -1.51 28.27 34.69
CA ILE C 193 -0.91 28.63 33.40
C ILE C 193 0.51 28.12 33.35
N VAL C 194 0.74 27.17 32.46
CA VAL C 194 2.05 26.59 32.23
C VAL C 194 2.72 27.28 31.07
N GLN C 195 3.94 27.74 31.30
CA GLN C 195 4.78 28.34 30.28
C GLN C 195 5.99 27.45 30.03
N LEU C 196 6.02 26.88 28.82
CA LEU C 196 7.10 26.01 28.38
C LEU C 196 8.34 26.81 28.04
N ASN C 197 9.49 26.13 28.01
CA ASN C 197 10.75 26.75 27.59
C ASN C 197 11.24 26.16 26.27
N GLU C 198 10.56 25.13 25.78
CA GLU C 198 10.77 24.61 24.43
C GLU C 198 9.43 24.42 23.73
N SER C 199 9.31 24.97 22.53
CA SER C 199 8.09 24.80 21.77
C SER C 199 7.91 23.34 21.44
N VAL C 200 6.66 22.89 21.42
CA VAL C 200 6.33 21.60 20.82
C VAL C 200 5.48 21.90 19.60
N VAL C 201 5.99 21.60 18.42
CA VAL C 201 5.30 21.94 17.19
C VAL C 201 4.16 20.96 16.97
N ILE C 202 2.99 21.50 16.64
CA ILE C 202 1.81 20.70 16.35
C ILE C 202 1.26 21.13 15.01
N ASN C 203 1.12 20.15 14.13
CA ASN C 203 0.66 20.38 12.75
C ASN C 203 -0.75 19.84 12.60
N CYS C 204 -1.71 20.72 12.37
CA CYS C 204 -3.09 20.28 12.21
C CYS C 204 -3.55 20.49 10.79
N THR C 205 -4.22 19.46 10.26
CA THR C 205 -4.61 19.41 8.87
C THR C 205 -6.01 18.82 8.63
N ARG C 206 -6.75 19.50 7.76
CA ARG C 206 -7.93 18.95 7.11
C ARG C 206 -7.53 18.67 5.66
N PRO C 207 -7.23 17.40 5.33
CA PRO C 207 -6.70 17.04 3.99
C PRO C 207 -7.64 17.42 2.84
N ASN C 208 -7.07 17.61 1.64
CA ASN C 208 -7.81 18.09 0.48
C ASN C 208 -8.47 17.03 -0.41
N ASN C 209 -9.14 16.06 0.20
CA ASN C 209 -9.88 15.05 -0.56
C ASN C 209 -11.34 14.96 -0.09
N GLY C 216 -14.41 11.26 0.95
CA GLY C 216 -13.76 12.38 1.63
C GLY C 216 -14.71 13.11 2.56
N ASP C 217 -14.30 13.25 3.81
CA ASP C 217 -15.09 13.93 4.84
C ASP C 217 -14.48 15.30 5.13
N ILE C 218 -15.15 16.36 4.69
CA ILE C 218 -14.60 17.70 4.77
C ILE C 218 -14.52 18.21 6.21
N ARG C 219 -15.13 17.47 7.13
CA ARG C 219 -15.10 17.84 8.55
C ARG C 219 -14.15 16.99 9.39
N GLN C 220 -13.48 16.03 8.76
CA GLN C 220 -12.51 15.19 9.46
C GLN C 220 -11.14 15.81 9.33
N ALA C 221 -10.51 16.09 10.47
CA ALA C 221 -9.16 16.67 10.47
C ALA C 221 -8.33 15.97 11.51
N HIS C 222 -7.04 16.30 11.58
CA HIS C 222 -6.21 15.71 12.63
C HIS C 222 -5.00 16.58 12.92
N CYS C 223 -4.40 16.36 14.08
CA CYS C 223 -3.15 17.03 14.42
C CYS C 223 -2.04 16.03 14.69
N ASN C 224 -0.85 16.31 14.19
CA ASN C 224 0.31 15.50 14.50
C ASN C 224 1.31 16.27 15.35
N LEU C 225 1.88 15.56 16.31
CA LEU C 225 3.01 16.08 17.08
C LEU C 225 3.90 14.95 17.57
N SER C 226 5.11 15.34 17.98
CA SER C 226 6.12 14.40 18.44
C SER C 226 5.76 13.76 19.77
N LYS C 227 5.70 12.42 19.79
CA LYS C 227 5.40 11.68 21.01
C LYS C 227 6.41 11.95 22.11
N THR C 228 7.70 11.90 21.78
CA THR C 228 8.75 12.01 22.78
C THR C 228 8.89 13.43 23.33
N GLN C 229 8.73 14.43 22.46
CA GLN C 229 8.76 15.81 22.91
C GLN C 229 7.62 16.07 23.90
N TRP C 230 6.44 15.55 23.58
CA TRP C 230 5.29 15.73 24.43
C TRP C 230 5.50 14.97 25.74
N GLU C 231 5.98 13.73 25.66
CA GLU C 231 6.26 12.93 26.85
C GLU C 231 7.23 13.68 27.78
N ASN C 232 8.31 14.17 27.20
CA ASN C 232 9.30 14.90 27.98
C ASN C 232 8.71 16.18 28.56
N THR C 233 7.87 16.85 27.78
CA THR C 233 7.17 18.05 28.26
C THR C 233 6.33 17.71 29.50
N LEU C 234 5.52 16.67 29.39
CA LEU C 234 4.72 16.23 30.52
C LEU C 234 5.59 15.89 31.73
N GLU C 235 6.68 15.14 31.52
CA GLU C 235 7.57 14.85 32.65
C GLU C 235 8.07 16.14 33.32
N GLN C 236 8.53 17.11 32.51
CA GLN C 236 9.03 18.36 33.09
C GLN C 236 7.93 19.17 33.81
N ILE C 237 6.74 19.21 33.23
CA ILE C 237 5.62 19.88 33.91
C ILE C 237 5.32 19.17 35.22
N ALA C 238 5.32 17.83 35.20
CA ALA C 238 5.06 17.03 36.38
C ALA C 238 6.08 17.37 37.48
N ILE C 239 7.35 17.43 37.09
CA ILE C 239 8.38 17.88 38.03
C ILE C 239 8.03 19.24 38.59
N LYS C 240 7.70 20.19 37.72
CA LYS C 240 7.32 21.52 38.21
C LYS C 240 6.10 21.52 39.13
N LEU C 241 5.14 20.63 38.88
CA LEU C 241 3.98 20.52 39.77
C LEU C 241 4.36 19.91 41.13
N LYS C 242 5.18 18.86 41.13
CA LYS C 242 5.70 18.34 42.40
C LYS C 242 6.44 19.42 43.17
N GLU C 243 7.26 20.19 42.46
CA GLU C 243 7.98 21.31 43.06
C GLU C 243 7.05 22.28 43.81
N GLN C 244 5.81 22.41 43.33
CA GLN C 244 4.85 23.33 43.93
C GLN C 244 4.02 22.67 45.02
N PHE C 245 3.54 21.45 44.77
CA PHE C 245 2.60 20.80 45.68
C PHE C 245 3.20 19.78 46.65
N GLY C 246 4.50 19.48 46.51
CA GLY C 246 5.16 18.57 47.43
C GLY C 246 5.83 17.40 46.72
N ASN C 247 7.03 17.03 47.17
CA ASN C 247 7.80 15.97 46.52
C ASN C 247 7.21 14.59 46.76
N ASN C 248 6.38 14.46 47.79
CA ASN C 248 5.73 13.19 48.09
C ASN C 248 4.49 12.95 47.24
N LYS C 249 4.06 13.97 46.51
CA LYS C 249 2.85 13.89 45.71
C LYS C 249 3.07 13.07 44.44
N THR C 250 2.10 12.21 44.13
CA THR C 250 2.03 11.52 42.84
C THR C 250 1.30 12.40 41.82
N ILE C 251 1.96 12.74 40.71
CA ILE C 251 1.35 13.58 39.68
C ILE C 251 0.71 12.74 38.59
N ILE C 252 -0.56 13.01 38.32
CA ILE C 252 -1.30 12.32 37.25
C ILE C 252 -1.99 13.33 36.34
N PHE C 253 -1.94 13.08 35.03
CA PHE C 253 -2.73 13.84 34.07
C PHE C 253 -3.90 13.01 33.57
N ASN C 254 -5.09 13.58 33.60
CA ASN C 254 -6.27 12.93 33.04
C ASN C 254 -6.94 13.89 32.05
N PRO C 255 -7.72 13.35 31.11
CA PRO C 255 -8.44 14.24 30.19
C PRO C 255 -9.50 15.06 30.90
N SER C 256 -10.06 16.03 30.20
CA SER C 256 -11.14 16.86 30.75
C SER C 256 -12.30 15.99 31.24
N SER C 257 -12.86 16.37 32.38
CA SER C 257 -13.99 15.63 32.95
C SER C 257 -15.26 15.78 32.13
N GLY C 258 -15.33 16.83 31.31
CA GLY C 258 -16.47 17.03 30.44
C GLY C 258 -16.87 18.50 30.38
N GLY C 259 -17.96 18.76 29.66
CA GLY C 259 -18.45 20.12 29.49
C GLY C 259 -18.63 20.44 28.02
N ASP C 260 -18.57 21.71 27.69
CA ASP C 260 -18.68 22.12 26.30
C ASP C 260 -17.52 21.53 25.50
N PRO C 261 -17.77 21.08 24.27
CA PRO C 261 -16.71 20.51 23.42
C PRO C 261 -15.46 21.40 23.34
N GLU C 262 -15.66 22.71 23.40
CA GLU C 262 -14.57 23.66 23.26
C GLU C 262 -13.50 23.50 24.34
N ILE C 263 -13.91 23.16 25.55
CA ILE C 263 -12.97 23.01 26.66
C ILE C 263 -12.65 21.53 26.93
N VAL C 264 -13.46 20.62 26.40
CA VAL C 264 -13.18 19.19 26.53
C VAL C 264 -12.11 18.76 25.52
N THR C 265 -12.15 19.36 24.34
CA THR C 265 -11.14 19.11 23.31
C THR C 265 -10.15 20.25 23.27
N HIS C 266 -9.04 20.03 22.57
CA HIS C 266 -8.16 21.12 22.21
C HIS C 266 -8.81 21.79 21.03
N SER C 267 -9.38 22.97 21.25
CA SER C 267 -10.07 23.65 20.16
C SER C 267 -9.36 24.92 19.80
N PHE C 268 -9.45 25.25 18.53
CA PHE C 268 -8.76 26.41 18.01
C PHE C 268 -9.29 26.74 16.65
N ASN C 269 -8.88 27.89 16.12
CA ASN C 269 -9.30 28.30 14.79
C ASN C 269 -8.11 28.26 13.89
N CYS C 270 -8.20 27.41 12.87
CA CYS C 270 -7.13 27.25 11.91
C CYS C 270 -7.67 27.62 10.56
N GLY C 271 -7.15 28.72 10.06
CA GLY C 271 -7.55 29.22 8.77
C GLY C 271 -9.05 29.54 8.66
N GLY C 272 -9.63 30.04 9.75
CA GLY C 272 -11.03 30.45 9.75
C GLY C 272 -11.99 29.33 10.08
N GLU C 273 -11.49 28.10 10.21
CA GLU C 273 -12.31 26.94 10.55
C GLU C 273 -12.08 26.53 12.00
N PHE C 274 -13.15 26.11 12.66
CA PHE C 274 -13.08 25.80 14.08
C PHE C 274 -12.76 24.32 14.32
N PHE C 275 -11.51 24.08 14.74
CA PHE C 275 -11.01 22.74 15.00
C PHE C 275 -11.29 22.33 16.43
N TYR C 276 -11.78 21.10 16.59
CA TYR C 276 -11.97 20.45 17.88
C TYR C 276 -11.21 19.13 17.87
N CYS C 277 -10.10 19.10 18.61
CA CYS C 277 -9.19 17.96 18.59
C CYS C 277 -9.15 17.22 19.92
N ASN C 278 -9.45 15.91 19.85
CA ASN C 278 -9.46 15.04 21.02
C ASN C 278 -8.08 15.00 21.65
N SER C 279 -7.97 15.46 22.89
CA SER C 279 -6.67 15.61 23.55
C SER C 279 -6.43 14.53 24.60
N THR C 280 -7.20 13.44 24.51
CA THR C 280 -7.04 12.33 25.44
C THR C 280 -5.60 11.81 25.45
N GLN C 281 -5.02 11.64 24.25
CA GLN C 281 -3.65 11.13 24.14
C GLN C 281 -2.61 12.11 24.67
N LEU C 282 -2.98 13.38 24.80
CA LEU C 282 -2.07 14.38 25.31
C LEU C 282 -2.08 14.42 26.83
N PHE C 283 -3.21 14.04 27.42
CA PHE C 283 -3.44 14.24 28.85
C PHE C 283 -3.88 12.97 29.58
N THR C 284 -3.36 11.83 29.15
CA THR C 284 -3.51 10.58 29.87
C THR C 284 -2.12 10.10 30.22
N TRP C 285 -1.71 10.34 31.46
CA TRP C 285 -0.31 10.17 31.84
C TRP C 285 -0.08 9.92 33.33
N ASN C 286 0.83 9.01 33.62
CA ASN C 286 1.42 8.89 34.95
C ASN C 286 2.85 8.36 34.75
N ASP C 287 3.61 8.28 35.83
CA ASP C 287 5.03 7.89 35.79
C ASP C 287 5.37 6.69 34.91
N THR C 288 4.48 5.71 34.82
CA THR C 288 4.79 4.48 34.11
C THR C 288 5.04 4.78 32.64
N ARG C 289 4.45 5.86 32.15
CA ARG C 289 4.56 6.22 30.75
C ARG C 289 5.96 6.71 30.44
N LYS C 290 6.78 6.82 31.47
CA LYS C 290 8.19 7.15 31.26
C LYS C 290 8.88 6.00 30.54
N LEU C 291 8.36 4.78 30.69
CA LEU C 291 8.99 3.62 30.07
C LEU C 291 8.43 3.30 28.69
N ASN C 292 7.48 4.12 28.24
CA ASN C 292 6.87 3.95 26.93
C ASN C 292 7.49 4.90 25.90
N ASN C 293 8.81 4.85 25.75
CA ASN C 293 9.52 5.74 24.85
C ASN C 293 9.55 5.23 23.40
N THR C 294 9.29 3.95 23.21
CA THR C 294 9.10 3.41 21.87
C THR C 294 7.96 4.21 21.25
N GLY C 295 8.28 5.00 20.23
CA GLY C 295 7.38 6.05 19.80
C GLY C 295 7.36 6.42 18.34
N ARG C 296 6.13 6.47 17.82
CA ARG C 296 5.82 7.19 16.59
C ARG C 296 4.89 8.32 17.00
N ASN C 297 5.02 9.45 16.33
CA ASN C 297 4.17 10.63 16.48
C ASN C 297 2.74 10.42 17.02
N ILE C 298 2.31 11.35 17.86
CA ILE C 298 0.92 11.41 18.29
C ILE C 298 0.04 12.07 17.22
N THR C 299 -1.01 11.36 16.83
CA THR C 299 -2.02 11.92 15.94
C THR C 299 -3.33 12.08 16.69
N LEU C 300 -3.75 13.32 16.91
CA LEU C 300 -5.02 13.62 17.54
C LEU C 300 -6.11 13.71 16.47
N PRO C 301 -7.19 12.92 16.62
CA PRO C 301 -8.31 13.09 15.70
C PRO C 301 -9.07 14.38 15.98
N CYS C 302 -9.51 15.07 14.94
CA CYS C 302 -10.24 16.32 15.09
C CYS C 302 -11.49 16.36 14.22
N ARG C 303 -12.45 17.15 14.67
CA ARG C 303 -13.57 17.57 13.83
C ARG C 303 -13.54 19.07 13.60
N ILE C 304 -13.97 19.48 12.42
CA ILE C 304 -14.31 20.86 12.17
C ILE C 304 -15.80 21.02 12.43
N LYS C 305 -16.16 21.95 13.32
CA LYS C 305 -17.56 22.19 13.65
C LYS C 305 -18.08 23.50 13.07
N GLN C 306 -19.36 23.51 12.76
CA GLN C 306 -20.03 24.71 12.27
C GLN C 306 -20.79 25.43 13.38
N ILE C 307 -21.20 24.69 14.40
CA ILE C 307 -21.98 25.27 15.50
C ILE C 307 -21.14 25.34 16.77
N ILE C 308 -20.74 26.57 17.09
CA ILE C 308 -19.72 26.88 18.08
C ILE C 308 -20.35 27.51 19.32
N ASN C 309 -19.83 27.19 20.50
CA ASN C 309 -20.11 27.98 21.70
C ASN C 309 -19.15 29.14 21.73
N MET C 310 -19.66 30.35 21.96
CA MET C 310 -18.85 31.55 21.83
C MET C 310 -17.99 31.81 23.05
N TRP C 311 -16.84 32.43 22.82
CA TRP C 311 -15.94 32.85 23.89
C TRP C 311 -16.18 34.30 24.27
N GLN C 312 -16.75 35.08 23.35
CA GLN C 312 -16.95 36.52 23.57
C GLN C 312 -18.10 36.79 24.52
N GLU C 313 -19.09 35.91 24.48
CA GLU C 313 -20.29 36.05 25.27
C GLU C 313 -20.96 34.68 25.29
N VAL C 314 -21.96 34.51 26.13
CA VAL C 314 -22.62 33.22 26.24
C VAL C 314 -23.57 33.05 25.06
N GLY C 315 -23.34 32.02 24.25
CA GLY C 315 -24.26 31.69 23.18
C GLY C 315 -23.65 30.81 22.11
N LYS C 316 -24.43 30.60 21.04
CA LYS C 316 -24.00 29.79 19.92
C LYS C 316 -23.70 30.66 18.71
N ALA C 317 -22.77 30.21 17.88
CA ALA C 317 -22.51 30.82 16.59
C ALA C 317 -22.53 29.72 15.54
N MET C 318 -23.18 29.98 14.42
CA MET C 318 -23.34 28.99 13.37
C MET C 318 -22.72 29.52 12.10
N TYR C 319 -21.79 28.72 11.60
CA TYR C 319 -20.97 29.04 10.46
C TYR C 319 -21.24 28.13 9.27
N ALA C 320 -20.82 28.56 8.09
CA ALA C 320 -20.97 27.75 6.88
C ALA C 320 -20.04 26.54 6.91
N PRO C 321 -20.30 25.54 6.05
CA PRO C 321 -19.45 24.33 5.99
C PRO C 321 -17.99 24.64 5.65
N PRO C 322 -17.07 23.72 5.97
CA PRO C 322 -15.65 23.93 5.67
C PRO C 322 -15.35 24.25 4.21
N ILE C 323 -14.37 25.13 3.99
CA ILE C 323 -13.84 25.39 2.65
C ILE C 323 -13.16 24.15 2.08
N ARG C 324 -13.05 24.11 0.76
CA ARG C 324 -12.24 23.10 0.08
C ARG C 324 -10.77 23.49 0.12
N GLY C 325 -9.89 22.58 -0.24
CA GLY C 325 -8.48 22.87 -0.32
C GLY C 325 -7.80 22.77 1.03
N GLN C 326 -6.61 22.17 1.04
CA GLN C 326 -5.95 21.75 2.27
C GLN C 326 -5.88 22.88 3.29
N ILE C 327 -6.49 22.62 4.44
CA ILE C 327 -6.46 23.53 5.58
C ILE C 327 -5.41 23.01 6.52
N ARG C 328 -4.42 23.85 6.82
CA ARG C 328 -3.28 23.43 7.61
C ARG C 328 -2.68 24.54 8.45
N CYS C 329 -2.51 24.25 9.73
CA CYS C 329 -1.81 25.15 10.64
C CYS C 329 -0.66 24.40 11.28
N SER C 330 0.53 25.01 11.28
CA SER C 330 1.65 24.51 12.05
C SER C 330 1.91 25.51 13.16
N SER C 331 1.76 25.07 14.41
CA SER C 331 1.87 25.99 15.54
C SER C 331 2.83 25.52 16.60
N ASN C 332 3.42 26.49 17.31
CA ASN C 332 4.22 26.22 18.50
C ASN C 332 3.34 26.08 19.72
N ILE C 333 3.26 24.88 20.30
CA ILE C 333 2.72 24.76 21.64
C ILE C 333 3.77 25.35 22.57
N THR C 334 3.40 26.44 23.24
CA THR C 334 4.33 27.20 24.08
C THR C 334 3.82 27.30 25.52
N GLY C 335 2.64 26.76 25.77
CA GLY C 335 2.03 26.86 27.08
C GLY C 335 0.83 25.95 27.24
N LEU C 336 0.36 25.83 28.49
CA LEU C 336 -0.81 25.01 28.79
C LEU C 336 -1.71 25.68 29.82
N LEU C 337 -2.99 25.34 29.77
CA LEU C 337 -3.94 25.72 30.81
C LEU C 337 -4.40 24.45 31.52
N LEU C 338 -4.13 24.35 32.82
CA LEU C 338 -4.48 23.17 33.60
C LEU C 338 -5.43 23.49 34.76
N THR C 339 -6.20 22.48 35.17
CA THR C 339 -6.95 22.55 36.41
C THR C 339 -6.60 21.35 37.27
N ARG C 340 -6.69 21.52 38.58
CA ARG C 340 -6.38 20.46 39.54
C ARG C 340 -7.65 19.99 40.24
N ASP C 341 -7.76 18.69 40.45
CA ASP C 341 -8.96 18.13 41.08
C ASP C 341 -9.09 18.54 42.55
N GLY C 342 -8.06 18.28 43.35
CA GLY C 342 -8.11 18.56 44.77
C GLY C 342 -9.15 17.75 45.54
N GLY C 343 -8.97 17.70 46.86
CA GLY C 343 -9.87 16.97 47.74
C GLY C 343 -9.34 15.58 48.09
N ASN C 347 -5.57 12.02 48.32
CA ASN C 347 -4.79 11.32 49.34
C ASN C 347 -3.47 10.79 48.78
N GLY C 348 -2.52 11.70 48.57
CA GLY C 348 -1.24 11.34 48.00
C GLY C 348 -1.13 11.70 46.52
N THR C 349 -2.24 11.56 45.81
CA THR C 349 -2.25 11.76 44.36
C THR C 349 -2.87 13.11 43.99
N GLU C 350 -2.25 13.78 43.02
CA GLU C 350 -2.79 15.01 42.46
C GLU C 350 -3.06 14.81 40.97
N ILE C 351 -4.32 15.01 40.59
CA ILE C 351 -4.75 14.87 39.20
C ILE C 351 -4.90 16.22 38.53
N PHE C 352 -4.30 16.37 37.36
CA PHE C 352 -4.42 17.60 36.58
C PHE C 352 -5.10 17.29 35.26
N ARG C 353 -5.93 18.23 34.82
CA ARG C 353 -6.67 18.08 33.58
C ARG C 353 -6.49 19.32 32.74
N PRO C 354 -6.56 19.17 31.41
CA PRO C 354 -6.52 20.36 30.57
C PRO C 354 -7.71 21.27 30.88
N GLY C 355 -7.47 22.56 30.92
CA GLY C 355 -8.53 23.53 31.18
C GLY C 355 -8.57 24.58 30.09
N GLY C 356 -8.90 25.81 30.48
CA GLY C 356 -9.06 26.90 29.54
C GLY C 356 -10.51 27.27 29.39
N GLY C 357 -10.79 28.17 28.45
CA GLY C 357 -12.14 28.66 28.23
C GLY C 357 -12.20 30.16 28.44
N ASP C 358 -11.58 30.62 29.53
CA ASP C 358 -11.48 32.05 29.80
C ASP C 358 -10.32 32.61 29.02
N MET C 359 -10.61 33.27 27.90
CA MET C 359 -9.56 33.71 26.99
C MET C 359 -8.69 34.80 27.60
N ARG C 360 -9.13 35.37 28.72
CA ARG C 360 -8.32 36.35 29.42
C ARG C 360 -7.03 35.71 29.95
N ASP C 361 -7.08 34.42 30.22
CA ASP C 361 -5.89 33.70 30.67
C ASP C 361 -4.88 33.62 29.53
N ASN C 362 -5.36 33.41 28.31
CA ASN C 362 -4.50 33.41 27.13
C ASN C 362 -3.73 34.72 27.01
N TRP C 363 -4.43 35.84 27.17
CA TRP C 363 -3.80 37.15 27.09
C TRP C 363 -2.87 37.31 28.29
N ARG C 364 -3.33 36.82 29.44
CA ARG C 364 -2.55 36.85 30.66
C ARG C 364 -1.21 36.14 30.49
N SER C 365 -1.23 35.02 29.77
CA SER C 365 -0.02 34.22 29.57
C SER C 365 1.07 34.99 28.84
N GLU C 366 0.68 36.07 28.16
CA GLU C 366 1.62 36.89 27.41
C GLU C 366 1.85 38.24 28.08
N LEU C 367 0.83 38.77 28.73
CA LEU C 367 0.91 40.07 29.39
C LEU C 367 1.37 40.03 30.85
N TYR C 368 1.70 38.85 31.36
CA TYR C 368 1.99 38.70 32.79
C TYR C 368 3.17 39.55 33.25
N LYS C 369 4.13 39.76 32.37
CA LYS C 369 5.38 40.44 32.73
C LYS C 369 5.28 41.95 32.56
N TYR C 370 4.08 42.44 32.23
CA TYR C 370 3.88 43.87 31.98
C TYR C 370 2.92 44.53 32.96
N LYS C 371 3.18 45.80 33.27
CA LYS C 371 2.13 46.64 33.87
C LYS C 371 2.30 48.10 33.47
N VAL C 372 1.18 48.82 33.40
CA VAL C 372 1.17 50.22 32.99
C VAL C 372 1.30 51.16 34.18
N VAL C 373 2.10 52.21 34.01
CA VAL C 373 2.28 53.21 35.07
C VAL C 373 2.24 54.62 34.48
N LYS C 374 1.86 55.60 35.32
CA LYS C 374 1.84 56.99 34.91
C LYS C 374 3.08 57.73 35.39
N ILE C 375 3.71 58.46 34.46
CA ILE C 375 4.92 59.22 34.73
C ILE C 375 4.55 60.50 35.47
N GLU C 376 5.48 60.99 36.29
CA GLU C 376 5.25 62.11 37.21
C GLU C 376 4.24 61.74 38.29
N VAL D 25 -25.41 8.60 -34.51
CA VAL D 25 -24.20 9.19 -33.97
C VAL D 25 -22.97 8.54 -34.59
N TRP D 26 -21.86 9.27 -34.75
CA TRP D 26 -21.69 10.67 -34.37
C TRP D 26 -20.72 11.36 -35.33
N LYS D 27 -20.06 12.41 -34.86
CA LYS D 27 -19.28 13.27 -35.74
C LYS D 27 -18.42 14.20 -34.90
N GLU D 28 -17.11 14.24 -35.18
CA GLU D 28 -16.21 15.12 -34.44
C GLU D 28 -16.57 16.57 -34.73
N ALA D 29 -16.68 17.37 -33.67
CA ALA D 29 -17.17 18.74 -33.81
C ALA D 29 -16.59 19.67 -32.75
N THR D 30 -16.89 20.96 -32.92
CA THR D 30 -16.44 22.00 -32.00
C THR D 30 -17.65 22.79 -31.53
N THR D 31 -17.79 22.89 -30.20
CA THR D 31 -18.88 23.67 -29.61
C THR D 31 -18.41 24.32 -28.34
N THR D 32 -19.22 25.23 -27.81
CA THR D 32 -18.91 25.87 -26.54
C THR D 32 -19.27 24.92 -25.42
N LEU D 33 -18.25 24.44 -24.71
CA LEU D 33 -18.46 23.58 -23.57
C LEU D 33 -18.91 24.43 -22.41
N PHE D 34 -19.50 23.81 -21.39
CA PHE D 34 -19.80 24.53 -20.16
C PHE D 34 -19.07 23.80 -19.06
N CYS D 35 -18.79 24.51 -17.97
CA CYS D 35 -17.95 23.95 -16.91
C CYS D 35 -18.76 23.66 -15.66
N ALA D 36 -18.30 22.66 -14.90
CA ALA D 36 -18.93 22.30 -13.64
C ALA D 36 -17.87 22.21 -12.54
N SER D 37 -18.25 22.62 -11.33
CA SER D 37 -17.35 22.50 -10.19
C SER D 37 -18.14 22.44 -8.90
N ASP D 38 -17.46 22.10 -7.81
CA ASP D 38 -18.07 22.09 -6.48
C ASP D 38 -17.68 23.37 -5.75
N ALA D 39 -17.59 24.46 -6.49
CA ALA D 39 -17.28 25.75 -5.89
C ALA D 39 -18.35 26.10 -4.87
N LYS D 40 -17.93 26.78 -3.82
CA LYS D 40 -18.82 27.12 -2.72
C LYS D 40 -19.10 28.62 -2.71
N ALA D 41 -20.38 28.96 -2.72
CA ALA D 41 -20.84 30.35 -2.83
C ALA D 41 -20.41 31.20 -1.64
N TYR D 42 -20.07 30.56 -0.52
CA TYR D 42 -19.71 31.27 0.70
C TYR D 42 -18.20 31.48 0.82
N ASP D 43 -17.44 30.88 -0.08
CA ASP D 43 -15.99 30.97 -0.05
C ASP D 43 -15.50 32.17 -0.86
N THR D 44 -14.66 33.00 -0.26
CA THR D 44 -14.10 34.17 -0.95
C THR D 44 -12.81 33.81 -1.70
N GLU D 45 -12.39 32.56 -1.62
CA GLU D 45 -11.27 32.08 -2.44
C GLU D 45 -11.62 32.29 -3.92
N VAL D 46 -10.68 32.79 -4.71
CA VAL D 46 -11.02 33.37 -6.01
C VAL D 46 -11.45 32.35 -7.08
N HIS D 47 -10.94 31.13 -7.01
CA HIS D 47 -11.39 30.08 -7.93
C HIS D 47 -12.84 29.77 -7.64
N ASN D 48 -13.17 29.68 -6.35
CA ASN D 48 -14.55 29.44 -5.93
C ASN D 48 -15.47 30.55 -6.43
N VAL D 49 -15.07 31.80 -6.18
CA VAL D 49 -15.83 32.96 -6.64
C VAL D 49 -16.06 32.92 -8.13
N TRP D 50 -14.99 32.72 -8.90
CA TRP D 50 -15.11 32.64 -10.35
C TRP D 50 -16.06 31.52 -10.76
N ALA D 51 -15.81 30.33 -10.22
CA ALA D 51 -16.57 29.14 -10.59
C ALA D 51 -18.03 29.26 -10.17
N THR D 52 -18.29 30.04 -9.12
CA THR D 52 -19.66 30.22 -8.65
C THR D 52 -20.55 30.93 -9.69
N HIS D 53 -19.99 31.91 -10.41
CA HIS D 53 -20.76 32.58 -11.46
C HIS D 53 -20.48 32.00 -12.84
N ALA D 54 -19.34 31.33 -13.01
CA ALA D 54 -18.98 30.76 -14.31
C ALA D 54 -19.43 29.32 -14.53
N CYS D 55 -19.56 28.54 -13.45
CA CYS D 55 -19.81 27.09 -13.59
C CYS D 55 -21.11 26.65 -12.92
N VAL D 56 -21.59 25.47 -13.33
CA VAL D 56 -22.75 24.84 -12.71
C VAL D 56 -22.28 23.85 -11.65
N PRO D 57 -23.19 23.38 -10.79
CA PRO D 57 -22.74 22.40 -9.79
C PRO D 57 -22.47 21.04 -10.42
N THR D 58 -21.52 20.29 -9.86
CA THR D 58 -21.18 18.98 -10.40
C THR D 58 -22.27 17.97 -10.07
N ASP D 59 -22.39 16.97 -10.93
CA ASP D 59 -23.24 15.83 -10.66
C ASP D 59 -22.51 14.97 -9.63
N PRO D 60 -23.17 14.64 -8.51
CA PRO D 60 -22.48 13.78 -7.54
C PRO D 60 -22.29 12.36 -8.05
N ASN D 61 -23.26 11.86 -8.82
CA ASN D 61 -23.18 10.53 -9.43
C ASN D 61 -23.06 10.59 -10.96
N PRO D 62 -21.90 11.04 -11.46
CA PRO D 62 -21.65 11.19 -12.91
C PRO D 62 -21.66 9.85 -13.64
N GLN D 63 -22.19 9.83 -14.87
CA GLN D 63 -22.30 8.59 -15.63
C GLN D 63 -21.23 8.45 -16.71
N GLU D 64 -20.73 7.22 -16.87
CA GLU D 64 -19.75 6.89 -17.92
C GLU D 64 -20.17 5.61 -18.64
N VAL D 65 -20.31 5.70 -19.97
CA VAL D 65 -20.74 4.56 -20.79
C VAL D 65 -19.67 4.02 -21.74
N LYS D 66 -19.33 2.76 -21.59
CA LYS D 66 -18.34 2.12 -22.47
C LYS D 66 -18.92 1.86 -23.86
N LEU D 67 -18.16 2.23 -24.89
CA LEU D 67 -18.53 1.95 -26.28
C LEU D 67 -17.69 0.78 -26.76
N GLU D 68 -18.26 -0.42 -26.68
CA GLU D 68 -17.51 -1.67 -26.72
C GLU D 68 -16.70 -1.91 -28.00
N ASN D 69 -17.35 -1.83 -29.16
CA ASN D 69 -16.68 -2.14 -30.43
C ASN D 69 -16.36 -0.88 -31.22
N VAL D 70 -16.24 0.25 -30.53
CA VAL D 70 -15.93 1.51 -31.18
C VAL D 70 -14.45 1.85 -31.06
N THR D 71 -13.83 2.09 -32.22
CA THR D 71 -12.48 2.62 -32.29
C THR D 71 -12.60 4.09 -32.68
N GLU D 72 -11.78 4.94 -32.07
CA GLU D 72 -11.87 6.36 -32.35
C GLU D 72 -10.49 7.03 -32.35
N ASN D 73 -10.28 7.93 -33.30
CA ASN D 73 -9.00 8.64 -33.40
C ASN D 73 -8.98 9.88 -32.52
N PHE D 74 -7.84 10.12 -31.88
CA PHE D 74 -7.66 11.29 -31.04
C PHE D 74 -6.41 12.07 -31.49
N ASN D 75 -6.37 13.34 -31.13
CA ASN D 75 -5.18 14.16 -31.34
C ASN D 75 -5.12 15.24 -30.27
N MET D 76 -4.42 14.95 -29.18
CA MET D 76 -4.33 15.85 -28.04
C MET D 76 -3.74 17.20 -28.40
N TRP D 77 -3.03 17.25 -29.53
CA TRP D 77 -2.34 18.45 -29.96
C TRP D 77 -3.27 19.37 -30.74
N LYS D 78 -4.35 18.81 -31.26
CA LYS D 78 -5.39 19.59 -31.93
C LYS D 78 -6.73 19.34 -31.26
N ASN D 79 -6.87 19.87 -30.05
CA ASN D 79 -8.06 19.67 -29.24
C ASN D 79 -8.58 21.00 -28.72
N ASN D 80 -9.69 21.46 -29.29
CA ASN D 80 -10.27 22.76 -28.98
C ASN D 80 -10.64 22.94 -27.49
N MET D 81 -10.83 21.81 -26.82
CA MET D 81 -11.12 21.81 -25.40
C MET D 81 -10.03 22.57 -24.67
N VAL D 82 -8.80 22.39 -25.14
CA VAL D 82 -7.63 23.06 -24.58
C VAL D 82 -7.77 24.57 -24.73
N GLU D 83 -8.16 25.00 -25.91
CA GLU D 83 -8.31 26.42 -26.21
C GLU D 83 -9.36 27.01 -25.30
N GLN D 84 -10.51 26.33 -25.20
CA GLN D 84 -11.57 26.78 -24.31
C GLN D 84 -11.11 26.90 -22.86
N MET D 85 -10.46 25.85 -22.37
CA MET D 85 -9.94 25.89 -21.00
C MET D 85 -8.98 27.07 -20.82
N HIS D 86 -8.11 27.27 -21.81
CA HIS D 86 -7.14 28.36 -21.78
C HIS D 86 -7.87 29.69 -21.65
N GLU D 87 -8.88 29.91 -22.49
CA GLU D 87 -9.71 31.12 -22.38
C GLU D 87 -10.29 31.27 -20.98
N ASP D 88 -10.92 30.20 -20.49
CA ASP D 88 -11.53 30.23 -19.16
C ASP D 88 -10.54 30.62 -18.06
N ILE D 89 -9.36 30.01 -18.07
CA ILE D 89 -8.39 30.29 -17.01
C ILE D 89 -7.75 31.67 -17.16
N ILE D 90 -7.58 32.14 -18.39
CA ILE D 90 -7.21 33.55 -18.60
C ILE D 90 -8.24 34.46 -17.95
N SER D 91 -9.52 34.19 -18.22
CA SER D 91 -10.59 34.95 -17.58
C SER D 91 -10.51 34.87 -16.05
N LEU D 92 -10.33 33.66 -15.54
CA LEU D 92 -10.23 33.45 -14.10
C LEU D 92 -9.13 34.32 -13.50
N TRP D 93 -7.93 34.21 -14.06
CA TRP D 93 -6.80 34.98 -13.53
C TRP D 93 -7.01 36.47 -13.69
N ASP D 94 -7.55 36.89 -14.84
CA ASP D 94 -7.72 38.31 -15.10
C ASP D 94 -8.76 38.92 -14.18
N GLN D 95 -9.78 38.15 -13.81
CA GLN D 95 -10.72 38.61 -12.79
C GLN D 95 -10.17 38.48 -11.37
N SER D 96 -9.37 37.44 -11.15
CA SER D 96 -8.96 37.08 -9.78
C SER D 96 -7.66 37.70 -9.30
N LEU D 97 -6.63 37.72 -10.13
CA LEU D 97 -5.33 38.21 -9.69
C LEU D 97 -4.97 39.54 -10.35
N LYS D 98 -5.50 40.62 -9.80
CA LYS D 98 -5.31 41.95 -10.38
C LYS D 98 -3.96 42.53 -9.98
N PRO D 99 -3.09 42.81 -10.96
CA PRO D 99 -1.79 43.39 -10.63
C PRO D 99 -1.88 44.88 -10.34
N CYS D 100 -0.95 45.39 -9.53
CA CYS D 100 -0.90 46.82 -9.25
C CYS D 100 -0.57 47.51 -10.54
N VAL D 101 0.32 46.91 -11.32
CA VAL D 101 0.68 47.49 -12.61
C VAL D 101 0.77 46.41 -13.67
N LYS D 102 0.26 46.70 -14.86
CA LYS D 102 0.38 45.77 -15.98
C LYS D 102 0.94 46.53 -17.18
N LEU D 103 2.05 46.03 -17.71
CA LEU D 103 2.72 46.65 -18.84
C LEU D 103 2.52 45.77 -20.05
N THR D 104 1.73 46.22 -21.03
CA THR D 104 1.40 45.35 -22.15
C THR D 104 1.03 46.12 -23.40
N GLY D 105 1.71 45.79 -24.50
CA GLY D 105 1.47 46.39 -25.80
C GLY D 105 1.43 47.91 -25.77
N GLY D 106 2.47 48.50 -25.20
CA GLY D 106 2.57 49.95 -25.11
C GLY D 106 1.65 50.56 -24.07
N SER D 107 0.81 49.75 -23.44
CA SER D 107 -0.10 50.24 -22.41
C SER D 107 0.43 49.98 -21.01
N VAL D 108 0.16 50.93 -20.10
CA VAL D 108 0.38 50.75 -18.68
C VAL D 108 -0.96 50.83 -17.93
N ILE D 109 -1.40 49.71 -17.38
CA ILE D 109 -2.64 49.65 -16.61
C ILE D 109 -2.32 49.57 -15.11
N THR D 110 -2.85 50.51 -14.35
CA THR D 110 -2.69 50.50 -12.91
C THR D 110 -4.05 50.34 -12.24
N GLN D 111 -4.08 49.61 -11.13
CA GLN D 111 -5.31 49.39 -10.39
C GLN D 111 -4.97 48.85 -9.01
N ALA D 112 -5.99 48.79 -8.16
CA ALA D 112 -5.84 48.20 -6.83
C ALA D 112 -5.48 46.73 -6.93
N CYS D 113 -4.51 46.30 -6.12
CA CYS D 113 -3.99 44.94 -6.18
C CYS D 113 -4.07 44.23 -4.83
N PRO D 114 -5.30 43.98 -4.34
CA PRO D 114 -5.47 43.30 -3.06
C PRO D 114 -4.93 41.87 -3.08
N LYS D 115 -4.35 41.44 -1.98
CA LYS D 115 -4.00 40.03 -1.79
C LYS D 115 -5.28 39.23 -1.58
N VAL D 116 -5.39 38.10 -2.26
CA VAL D 116 -6.62 37.31 -2.23
C VAL D 116 -6.34 35.89 -1.76
N SER D 117 -7.40 35.16 -1.42
CA SER D 117 -7.29 33.74 -1.14
C SER D 117 -7.22 32.99 -2.45
N PHE D 118 -6.20 32.16 -2.58
CA PHE D 118 -5.89 31.52 -3.85
C PHE D 118 -5.49 30.06 -3.64
N GLU D 119 -6.36 29.16 -4.09
CA GLU D 119 -6.09 27.73 -4.04
C GLU D 119 -6.97 27.08 -5.08
N PRO D 120 -6.36 26.59 -6.17
CA PRO D 120 -7.18 26.09 -7.29
C PRO D 120 -8.15 25.01 -6.86
N ILE D 121 -9.32 24.99 -7.49
CA ILE D 121 -10.26 23.89 -7.31
C ILE D 121 -10.42 23.21 -8.65
N PRO D 122 -10.89 21.96 -8.64
CA PRO D 122 -11.09 21.22 -9.89
C PRO D 122 -12.24 21.75 -10.73
N ILE D 123 -12.02 21.84 -12.03
CA ILE D 123 -13.04 22.23 -12.98
C ILE D 123 -13.35 21.06 -13.90
N HIS D 124 -14.64 20.77 -14.08
CA HIS D 124 -15.07 19.74 -15.02
C HIS D 124 -15.53 20.42 -16.29
N TYR D 125 -15.14 19.89 -17.44
CA TYR D 125 -15.62 20.42 -18.71
C TYR D 125 -16.66 19.51 -19.31
N CYS D 126 -17.79 20.11 -19.68
CA CYS D 126 -18.99 19.37 -20.02
C CYS D 126 -19.55 19.76 -21.39
N ALA D 127 -19.96 18.74 -22.13
CA ALA D 127 -20.58 18.92 -23.43
C ALA D 127 -22.07 19.21 -23.25
N PRO D 128 -22.60 20.22 -23.97
CA PRO D 128 -24.02 20.56 -23.88
C PRO D 128 -24.91 19.57 -24.63
N ALA D 129 -26.22 19.79 -24.57
CA ALA D 129 -27.18 18.91 -25.24
C ALA D 129 -26.86 18.79 -26.72
N GLY D 130 -26.91 17.56 -27.23
CA GLY D 130 -26.60 17.30 -28.63
C GLY D 130 -25.18 16.82 -28.80
N PHE D 131 -24.35 17.03 -27.78
CA PHE D 131 -22.94 16.69 -27.86
C PHE D 131 -22.54 15.72 -26.75
N ALA D 132 -21.40 15.07 -26.94
CA ALA D 132 -20.87 14.13 -25.96
C ALA D 132 -19.37 14.24 -25.88
N ILE D 133 -18.78 13.78 -24.77
CA ILE D 133 -17.34 13.75 -24.65
C ILE D 133 -16.87 12.30 -24.72
N LEU D 134 -16.01 12.04 -25.69
CA LEU D 134 -15.37 10.74 -25.85
C LEU D 134 -14.06 10.71 -25.07
N LYS D 135 -13.93 9.70 -24.22
CA LYS D 135 -12.75 9.49 -23.40
C LYS D 135 -12.02 8.22 -23.82
N CYS D 136 -10.72 8.36 -24.08
CA CYS D 136 -9.85 7.23 -24.38
C CYS D 136 -9.32 6.59 -23.10
N ASN D 137 -9.52 5.29 -22.97
CA ASN D 137 -9.08 4.54 -21.78
C ASN D 137 -7.91 3.59 -22.04
N ASP D 138 -7.31 3.66 -23.22
CA ASP D 138 -6.10 2.89 -23.48
C ASP D 138 -5.01 3.45 -22.57
N LYS D 139 -4.39 2.58 -21.77
CA LYS D 139 -3.52 3.04 -20.69
C LYS D 139 -2.10 3.42 -21.11
N LYS D 140 -1.70 3.05 -22.33
CA LYS D 140 -0.39 3.41 -22.86
C LYS D 140 -0.59 4.43 -23.98
N PHE D 141 -1.76 5.04 -24.01
CA PHE D 141 -2.14 5.95 -25.08
C PHE D 141 -1.21 7.16 -25.20
N ASN D 142 -0.63 7.33 -26.38
CA ASN D 142 0.34 8.38 -26.63
C ASN D 142 -0.28 9.69 -27.08
N GLY D 143 -1.61 9.79 -27.01
CA GLY D 143 -2.29 11.05 -27.25
C GLY D 143 -2.75 11.32 -28.67
N THR D 144 -2.25 10.53 -29.62
CA THR D 144 -2.64 10.68 -31.01
C THR D 144 -2.90 9.33 -31.67
N GLY D 145 -3.87 9.32 -32.58
CA GLY D 145 -4.19 8.13 -33.34
C GLY D 145 -5.33 7.34 -32.71
N PRO D 146 -5.42 6.04 -33.04
CA PRO D 146 -6.61 5.26 -32.66
C PRO D 146 -6.66 4.86 -31.18
N CYS D 147 -7.86 4.87 -30.63
CA CYS D 147 -8.12 4.37 -29.30
C CYS D 147 -9.29 3.40 -29.40
N THR D 148 -9.12 2.19 -28.88
CA THR D 148 -10.10 1.12 -29.02
C THR D 148 -11.01 0.98 -27.81
N ASN D 149 -10.49 1.33 -26.64
CA ASN D 149 -11.28 1.26 -25.41
C ASN D 149 -11.77 2.66 -25.07
N VAL D 150 -12.85 3.05 -25.72
CA VAL D 150 -13.40 4.39 -25.61
C VAL D 150 -14.67 4.35 -24.79
N SER D 151 -14.88 5.37 -23.98
CA SER D 151 -16.16 5.51 -23.27
C SER D 151 -16.68 6.91 -23.51
N THR D 152 -17.96 7.12 -23.23
CA THR D 152 -18.58 8.42 -23.40
C THR D 152 -19.01 8.94 -22.05
N VAL D 153 -18.78 10.23 -21.85
CA VAL D 153 -19.15 10.91 -20.63
C VAL D 153 -19.67 12.30 -21.01
N GLN D 154 -20.39 12.91 -20.08
CA GLN D 154 -20.88 14.26 -20.28
C GLN D 154 -19.80 15.24 -19.86
N CYS D 155 -19.04 14.86 -18.84
CA CYS D 155 -18.02 15.74 -18.28
C CYS D 155 -16.67 15.05 -18.12
N THR D 156 -15.61 15.85 -18.28
CA THR D 156 -14.26 15.41 -17.96
C THR D 156 -14.14 15.21 -16.46
N HIS D 157 -13.01 14.67 -16.02
CA HIS D 157 -12.71 14.63 -14.60
C HIS D 157 -12.44 16.07 -14.14
N GLY D 158 -12.37 16.25 -12.83
CA GLY D 158 -12.10 17.57 -12.29
C GLY D 158 -10.66 17.93 -12.56
N ILE D 159 -10.46 19.06 -13.23
CA ILE D 159 -9.11 19.50 -13.57
C ILE D 159 -8.77 20.77 -12.79
N ARG D 160 -7.74 20.66 -11.96
CA ARG D 160 -7.22 21.80 -11.24
C ARG D 160 -6.40 22.69 -12.17
N PRO D 161 -6.87 23.92 -12.45
CA PRO D 161 -6.17 24.76 -13.43
C PRO D 161 -4.88 25.32 -12.87
N VAL D 162 -3.89 24.47 -12.70
CA VAL D 162 -2.62 24.86 -12.11
C VAL D 162 -1.71 25.46 -13.17
N VAL D 163 -1.30 26.70 -12.92
CA VAL D 163 -0.39 27.41 -13.81
C VAL D 163 1.02 27.26 -13.28
N SER D 164 1.87 26.56 -14.03
CA SER D 164 3.26 26.37 -13.64
C SER D 164 4.15 26.09 -14.82
N THR D 165 5.46 26.12 -14.57
CA THR D 165 6.47 25.75 -15.55
C THR D 165 7.29 24.57 -15.04
N GLN D 166 7.92 23.86 -15.98
CA GLN D 166 8.82 22.74 -15.68
C GLN D 166 8.11 21.52 -15.08
N LEU D 167 7.50 21.69 -13.92
CA LEU D 167 6.78 20.60 -13.26
C LEU D 167 5.27 20.78 -13.36
N LEU D 168 4.57 19.68 -13.64
CA LEU D 168 3.11 19.67 -13.59
C LEU D 168 2.66 19.24 -12.20
N LEU D 169 1.86 20.09 -11.56
CA LEU D 169 1.45 19.89 -10.17
C LEU D 169 -0.03 19.54 -10.01
N ASN D 170 -0.33 18.69 -9.05
CA ASN D 170 -1.70 18.34 -8.66
C ASN D 170 -2.56 17.81 -9.82
N GLY D 171 -1.92 17.18 -10.80
CA GLY D 171 -2.63 16.61 -11.94
C GLY D 171 -2.97 15.15 -11.78
N SER D 172 -3.36 14.51 -12.87
CA SER D 172 -3.71 13.09 -12.88
C SER D 172 -2.51 12.22 -13.22
N LEU D 173 -2.37 11.10 -12.52
CA LEU D 173 -1.27 10.17 -12.74
C LEU D 173 -1.61 9.14 -13.82
N ALA D 174 -0.57 8.67 -14.50
CA ALA D 174 -0.70 7.52 -15.41
C ALA D 174 -1.06 6.30 -14.58
N GLU D 175 -1.95 5.47 -15.10
CA GLU D 175 -2.47 4.33 -14.36
C GLU D 175 -1.44 3.21 -14.20
N GLU D 176 -0.68 2.92 -15.26
CA GLU D 176 0.33 1.87 -15.19
C GLU D 176 1.73 2.45 -15.07
N GLU D 177 2.41 2.62 -16.20
CA GLU D 177 3.78 3.10 -16.22
C GLU D 177 3.83 4.58 -16.59
N ILE D 178 4.98 5.21 -16.38
CA ILE D 178 5.21 6.56 -16.87
C ILE D 178 4.90 6.60 -18.36
N VAL D 179 4.33 7.72 -18.82
CA VAL D 179 4.08 7.87 -20.25
C VAL D 179 4.60 9.23 -20.72
N ILE D 180 5.37 9.23 -21.80
CA ILE D 180 5.89 10.46 -22.39
C ILE D 180 5.23 10.71 -23.74
N ARG D 181 4.80 11.95 -23.96
CA ARG D 181 4.12 12.31 -25.20
C ARG D 181 4.74 13.53 -25.85
N SER D 182 4.81 13.50 -27.18
CA SER D 182 5.24 14.65 -27.96
C SER D 182 4.41 14.69 -29.22
N GLU D 183 4.17 15.89 -29.75
CA GLU D 183 3.50 16.02 -31.03
C GLU D 183 4.37 15.40 -32.12
N ASN D 184 5.68 15.43 -31.89
CA ASN D 184 6.65 14.91 -32.84
C ASN D 184 8.00 14.80 -32.13
N PHE D 185 8.37 13.58 -31.74
CA PHE D 185 9.57 13.36 -30.92
C PHE D 185 10.85 13.71 -31.65
N THR D 186 10.89 13.45 -32.95
CA THR D 186 12.10 13.68 -33.72
C THR D 186 12.30 15.18 -33.93
N ASN D 187 11.26 15.95 -33.61
CA ASN D 187 11.32 17.41 -33.67
C ASN D 187 11.66 17.96 -32.29
N ASN D 188 12.89 18.42 -32.12
CA ASN D 188 13.35 18.86 -30.80
C ASN D 188 12.74 20.18 -30.36
N ALA D 189 11.97 20.81 -31.25
CA ALA D 189 11.28 22.06 -30.91
C ALA D 189 9.95 21.77 -30.21
N LYS D 190 9.53 20.50 -30.25
CA LYS D 190 8.26 20.10 -29.66
C LYS D 190 8.43 19.64 -28.23
N THR D 191 7.58 20.19 -27.35
CA THR D 191 7.67 19.89 -25.92
C THR D 191 7.30 18.44 -25.66
N ILE D 192 8.03 17.82 -24.75
CA ILE D 192 7.71 16.48 -24.28
C ILE D 192 6.93 16.62 -22.99
N ILE D 193 5.74 16.06 -22.98
CA ILE D 193 4.90 16.04 -21.79
C ILE D 193 5.04 14.69 -21.13
N VAL D 194 5.61 14.72 -19.92
CA VAL D 194 5.82 13.54 -19.11
C VAL D 194 4.69 13.40 -18.11
N GLN D 195 4.08 12.22 -18.10
CA GLN D 195 3.04 11.86 -17.15
C GLN D 195 3.55 10.75 -16.24
N LEU D 196 3.73 11.09 -14.97
CA LEU D 196 4.21 10.15 -13.96
C LEU D 196 3.12 9.18 -13.54
N ASN D 197 3.53 8.07 -12.94
CA ASN D 197 2.59 7.10 -12.39
C ASN D 197 2.65 7.08 -10.86
N GLU D 198 3.62 7.79 -10.30
CA GLU D 198 3.68 8.04 -8.86
C GLU D 198 3.95 9.51 -8.60
N SER D 199 3.13 10.13 -7.76
CA SER D 199 3.34 11.52 -7.39
C SER D 199 4.64 11.66 -6.61
N VAL D 200 5.33 12.78 -6.81
CA VAL D 200 6.40 13.16 -5.89
C VAL D 200 5.99 14.42 -5.17
N VAL D 201 5.82 14.32 -3.86
CA VAL D 201 5.31 15.46 -3.09
C VAL D 201 6.42 16.49 -2.93
N ILE D 202 6.06 17.75 -3.18
CA ILE D 202 6.99 18.85 -3.03
C ILE D 202 6.34 19.90 -2.15
N ASN D 203 7.07 20.26 -1.08
CA ASN D 203 6.58 21.20 -0.08
C ASN D 203 7.34 22.50 -0.18
N CYS D 204 6.65 23.56 -0.56
CA CYS D 204 7.28 24.86 -0.68
C CYS D 204 6.75 25.81 0.38
N THR D 205 7.69 26.52 1.01
CA THR D 205 7.38 27.37 2.14
C THR D 205 8.15 28.68 2.12
N ARG D 206 7.42 29.76 2.43
CA ARG D 206 7.99 31.03 2.84
C ARG D 206 7.76 31.12 4.34
N PRO D 207 8.78 30.82 5.14
CA PRO D 207 8.60 30.78 6.61
C PRO D 207 8.12 32.10 7.19
N ASN D 208 7.52 32.02 8.38
CA ASN D 208 6.94 33.17 9.03
C ASN D 208 8.06 33.90 9.77
N ASN D 209 7.95 35.22 9.89
CA ASN D 209 8.97 36.02 10.57
C ASN D 209 8.68 36.13 12.06
N GLY D 216 14.81 38.78 8.79
CA GLY D 216 13.84 38.00 8.05
C GLY D 216 13.64 38.52 6.65
N ASP D 217 13.78 37.63 5.67
CA ASP D 217 13.61 37.97 4.26
C ASP D 217 12.27 37.43 3.77
N ILE D 218 11.31 38.32 3.58
CA ILE D 218 9.94 37.91 3.24
C ILE D 218 9.83 37.37 1.82
N ARG D 219 10.87 37.54 1.02
CA ARG D 219 10.88 37.04 -0.36
C ARG D 219 11.73 35.78 -0.53
N GLN D 220 12.34 35.31 0.56
CA GLN D 220 13.15 34.11 0.50
C GLN D 220 12.27 32.92 0.86
N ALA D 221 12.20 31.93 -0.04
CA ALA D 221 11.39 30.74 0.21
C ALA D 221 12.18 29.51 -0.21
N HIS D 222 11.60 28.33 0.04
CA HIS D 222 12.26 27.11 -0.41
C HIS D 222 11.29 25.96 -0.64
N CYS D 223 11.71 24.98 -1.43
CA CYS D 223 10.93 23.76 -1.63
C CYS D 223 11.73 22.54 -1.20
N ASN D 224 11.07 21.62 -0.51
CA ASN D 224 11.68 20.35 -0.16
C ASN D 224 10.98 19.20 -0.85
N LEU D 225 11.78 18.25 -1.30
CA LEU D 225 11.23 17.00 -1.82
C LEU D 225 12.20 15.83 -1.61
N SER D 226 11.66 14.62 -1.70
CA SER D 226 12.46 13.41 -1.47
C SER D 226 13.48 13.22 -2.58
N LYS D 227 14.75 13.21 -2.20
CA LYS D 227 15.84 13.03 -3.16
C LYS D 227 15.76 11.69 -3.88
N THR D 228 15.53 10.61 -3.14
CA THR D 228 15.56 9.27 -3.73
C THR D 228 14.36 9.05 -4.65
N GLN D 229 13.21 9.59 -4.26
CA GLN D 229 12.01 9.52 -5.11
C GLN D 229 12.23 10.27 -6.41
N TRP D 230 12.83 11.45 -6.30
CA TRP D 230 13.06 12.25 -7.49
C TRP D 230 14.06 11.57 -8.40
N GLU D 231 15.16 11.10 -7.81
CA GLU D 231 16.17 10.39 -8.58
C GLU D 231 15.58 9.14 -9.26
N ASN D 232 14.79 8.35 -8.52
CA ASN D 232 14.16 7.19 -9.15
C ASN D 232 13.22 7.64 -10.26
N THR D 233 12.52 8.77 -10.03
CA THR D 233 11.65 9.32 -11.06
C THR D 233 12.44 9.64 -12.33
N LEU D 234 13.56 10.34 -12.16
CA LEU D 234 14.45 10.64 -13.29
C LEU D 234 14.90 9.36 -13.99
N GLU D 235 15.30 8.36 -13.22
CA GLU D 235 15.72 7.09 -13.80
C GLU D 235 14.61 6.49 -14.67
N GLN D 236 13.39 6.44 -14.14
CA GLN D 236 12.29 5.86 -14.91
C GLN D 236 11.95 6.69 -16.15
N ILE D 237 11.98 8.01 -16.02
CA ILE D 237 11.77 8.86 -17.19
C ILE D 237 12.86 8.59 -18.23
N ALA D 238 14.10 8.46 -17.77
CA ALA D 238 15.22 8.17 -18.67
C ALA D 238 14.99 6.87 -19.40
N ILE D 239 14.56 5.84 -18.67
CA ILE D 239 14.19 4.57 -19.33
C ILE D 239 13.16 4.81 -20.42
N LYS D 240 12.09 5.53 -20.08
CA LYS D 240 11.06 5.83 -21.08
C LYS D 240 11.60 6.63 -22.28
N LEU D 241 12.54 7.52 -22.03
CA LEU D 241 13.14 8.28 -23.12
C LEU D 241 14.02 7.41 -24.01
N LYS D 242 14.81 6.54 -23.40
CA LYS D 242 15.62 5.57 -24.13
C LYS D 242 14.71 4.72 -25.01
N GLU D 243 13.59 4.29 -24.46
CA GLU D 243 12.59 3.54 -25.24
C GLU D 243 12.21 4.27 -26.53
N GLN D 244 12.23 5.61 -26.51
CA GLN D 244 11.86 6.41 -27.67
C GLN D 244 13.04 6.76 -28.59
N PHE D 245 14.16 7.17 -28.00
CA PHE D 245 15.28 7.69 -28.79
C PHE D 245 16.42 6.69 -29.02
N GLY D 246 16.32 5.52 -28.39
CA GLY D 246 17.31 4.47 -28.59
C GLY D 246 17.93 4.02 -27.28
N ASN D 247 18.07 2.71 -27.10
CA ASN D 247 18.58 2.16 -25.85
C ASN D 247 20.08 2.35 -25.67
N ASN D 248 20.80 2.60 -26.77
CA ASN D 248 22.24 2.84 -26.68
C ASN D 248 22.51 4.29 -26.27
N LYS D 249 21.47 5.12 -26.27
CA LYS D 249 21.62 6.52 -25.93
C LYS D 249 21.84 6.71 -24.45
N THR D 250 22.80 7.56 -24.09
CA THR D 250 22.91 8.01 -22.71
C THR D 250 21.99 9.20 -22.55
N ILE D 251 21.13 9.13 -21.53
CA ILE D 251 20.19 10.19 -21.22
C ILE D 251 20.78 11.12 -20.17
N ILE D 252 20.75 12.41 -20.48
CA ILE D 252 21.27 13.42 -19.57
C ILE D 252 20.19 14.45 -19.33
N PHE D 253 20.03 14.85 -18.06
CA PHE D 253 19.18 15.97 -17.70
C PHE D 253 20.09 17.12 -17.35
N ASN D 254 19.86 18.28 -17.95
CA ASN D 254 20.60 19.49 -17.59
C ASN D 254 19.61 20.60 -17.25
N PRO D 255 20.05 21.61 -16.49
CA PRO D 255 19.12 22.70 -16.17
C PRO D 255 18.72 23.50 -17.40
N SER D 256 17.73 24.38 -17.24
CA SER D 256 17.31 25.24 -18.34
C SER D 256 18.51 26.03 -18.83
N SER D 257 18.64 26.15 -20.15
CA SER D 257 19.74 26.89 -20.76
C SER D 257 19.63 28.40 -20.51
N GLY D 258 18.42 28.86 -20.21
CA GLY D 258 18.21 30.27 -19.90
C GLY D 258 16.91 30.81 -20.50
N GLY D 259 16.70 32.11 -20.31
CA GLY D 259 15.50 32.79 -20.77
C GLY D 259 14.84 33.55 -19.65
N ASP D 260 13.54 33.78 -19.77
CA ASP D 260 12.81 34.46 -18.71
C ASP D 260 12.85 33.61 -17.43
N PRO D 261 12.95 34.25 -16.26
CA PRO D 261 13.00 33.52 -14.99
C PRO D 261 11.91 32.44 -14.85
N GLU D 262 10.73 32.72 -15.43
CA GLU D 262 9.59 31.82 -15.31
C GLU D 262 9.84 30.44 -15.89
N ILE D 263 10.59 30.35 -16.98
CA ILE D 263 10.84 29.06 -17.63
C ILE D 263 12.21 28.53 -17.26
N VAL D 264 13.05 29.38 -16.69
CA VAL D 264 14.37 28.98 -16.21
C VAL D 264 14.26 28.29 -14.84
N THR D 265 13.36 28.79 -14.01
CA THR D 265 13.10 28.21 -12.69
C THR D 265 11.80 27.40 -12.73
N HIS D 266 11.59 26.60 -11.70
CA HIS D 266 10.27 26.03 -11.47
C HIS D 266 9.44 27.13 -10.86
N SER D 267 8.52 27.69 -11.63
CA SER D 267 7.72 28.79 -11.14
C SER D 267 6.28 28.39 -11.01
N PHE D 268 5.64 28.97 -10.01
CA PHE D 268 4.26 28.60 -9.72
C PHE D 268 3.67 29.59 -8.76
N ASN D 269 2.36 29.49 -8.57
CA ASN D 269 1.66 30.38 -7.66
C ASN D 269 1.17 29.60 -6.46
N CYS D 270 1.65 30.02 -5.29
CA CYS D 270 1.28 29.40 -4.03
C CYS D 270 0.64 30.44 -3.12
N GLY D 271 -0.65 30.28 -2.86
CA GLY D 271 -1.38 31.20 -2.01
C GLY D 271 -1.35 32.63 -2.51
N GLY D 272 -1.35 32.78 -3.84
CA GLY D 272 -1.41 34.10 -4.45
C GLY D 272 -0.05 34.75 -4.65
N GLU D 273 1.01 34.10 -4.17
CA GLU D 273 2.36 34.63 -4.33
C GLU D 273 3.12 33.84 -5.40
N PHE D 274 3.92 34.55 -6.20
CA PHE D 274 4.61 33.95 -7.33
C PHE D 274 6.00 33.46 -6.95
N PHE D 275 6.10 32.13 -6.86
CA PHE D 275 7.33 31.44 -6.49
C PHE D 275 8.18 31.16 -7.73
N TYR D 276 9.47 31.43 -7.59
CA TYR D 276 10.48 31.08 -8.57
C TYR D 276 11.56 30.24 -7.89
N CYS D 277 11.57 28.94 -8.20
CA CYS D 277 12.43 27.99 -7.52
C CYS D 277 13.52 27.43 -8.44
N ASN D 278 14.76 27.62 -8.03
CA ASN D 278 15.93 27.12 -8.78
C ASN D 278 15.89 25.59 -8.88
N SER D 279 15.80 25.08 -10.11
CA SER D 279 15.60 23.65 -10.33
C SER D 279 16.86 22.95 -10.81
N THR D 280 18.01 23.56 -10.60
CA THR D 280 19.29 22.96 -10.97
C THR D 280 19.45 21.58 -10.32
N GLN D 281 19.12 21.50 -9.03
CA GLN D 281 19.28 20.24 -8.29
C GLN D 281 18.30 19.18 -8.74
N LEU D 282 17.26 19.59 -9.46
CA LEU D 282 16.28 18.65 -9.97
C LEU D 282 16.72 18.05 -11.29
N PHE D 283 17.53 18.79 -12.05
CA PHE D 283 17.79 18.45 -13.43
C PHE D 283 19.30 18.42 -13.74
N THR D 284 20.11 17.97 -12.78
CA THR D 284 21.51 17.68 -13.03
C THR D 284 21.78 16.23 -12.68
N TRP D 285 21.68 15.37 -13.69
CA TRP D 285 21.65 13.93 -13.48
C TRP D 285 21.95 13.23 -14.79
N ASN D 286 22.53 12.04 -14.74
CA ASN D 286 22.58 11.25 -15.96
C ASN D 286 22.40 9.75 -15.77
N ASP D 287 22.16 9.11 -16.90
CA ASP D 287 21.85 7.69 -17.02
C ASP D 287 22.79 6.75 -16.29
N THR D 288 24.08 7.08 -16.32
CA THR D 288 25.12 6.20 -15.79
C THR D 288 25.13 6.09 -14.27
N ARG D 289 24.57 7.08 -13.59
CA ARG D 289 24.58 7.12 -12.12
C ARG D 289 23.63 6.13 -11.46
N LYS D 290 24.15 5.37 -10.49
CA LYS D 290 23.29 4.58 -9.62
C LYS D 290 22.60 5.50 -8.61
N LEU D 291 21.48 5.04 -8.09
CA LEU D 291 20.63 5.87 -7.24
C LEU D 291 20.95 5.70 -5.76
N THR D 294 20.26 7.54 0.01
CA THR D 294 19.96 8.90 0.44
C THR D 294 21.27 9.60 0.84
N GLY D 295 21.28 10.93 0.97
CA GLY D 295 20.11 11.76 0.77
C GLY D 295 20.20 13.11 1.47
N ARG D 296 19.12 13.60 2.10
CA ARG D 296 17.80 12.96 2.16
C ARG D 296 16.74 13.82 1.45
N ASN D 297 16.70 15.11 1.75
CA ASN D 297 15.85 16.03 1.01
C ASN D 297 16.58 16.88 0.00
N ILE D 298 15.98 17.04 -1.18
CA ILE D 298 16.38 18.09 -2.09
C ILE D 298 15.67 19.35 -1.61
N THR D 299 16.47 20.38 -1.31
CA THR D 299 15.94 21.68 -0.95
C THR D 299 16.24 22.67 -2.07
N LEU D 300 15.20 23.09 -2.78
CA LEU D 300 15.33 24.09 -3.82
C LEU D 300 15.20 25.48 -3.24
N PRO D 301 16.19 26.36 -3.46
CA PRO D 301 16.02 27.74 -3.03
C PRO D 301 15.03 28.47 -3.92
N CYS D 302 14.18 29.31 -3.35
CA CYS D 302 13.19 30.06 -4.13
C CYS D 302 13.15 31.53 -3.76
N ARG D 303 12.71 32.34 -4.72
CA ARG D 303 12.30 33.72 -4.46
C ARG D 303 10.83 33.89 -4.74
N ILE D 304 10.19 34.74 -3.95
CA ILE D 304 8.88 35.25 -4.30
C ILE D 304 9.10 36.54 -5.07
N LYS D 305 8.54 36.61 -6.28
CA LYS D 305 8.72 37.80 -7.11
C LYS D 305 7.45 38.62 -7.21
N GLN D 306 7.61 39.93 -7.36
CA GLN D 306 6.50 40.85 -7.54
C GLN D 306 6.28 41.24 -8.99
N ILE D 307 7.37 41.22 -9.77
CA ILE D 307 7.31 41.65 -11.16
C ILE D 307 7.47 40.43 -12.07
N ILE D 308 6.33 40.06 -12.66
CA ILE D 308 6.12 38.78 -13.32
C ILE D 308 6.01 38.98 -14.82
N ASN D 309 6.53 38.04 -15.60
CA ASN D 309 6.18 37.95 -17.02
C ASN D 309 4.87 37.20 -17.14
N MET D 310 3.93 37.75 -17.87
CA MET D 310 2.59 37.17 -17.91
C MET D 310 2.54 35.97 -18.85
N TRP D 311 1.66 35.03 -18.52
CA TRP D 311 1.43 33.85 -19.34
C TRP D 311 0.23 34.05 -20.26
N GLN D 312 -0.65 34.99 -19.91
CA GLN D 312 -1.89 35.21 -20.65
C GLN D 312 -1.62 35.95 -21.95
N GLU D 313 -0.61 36.81 -21.91
CA GLU D 313 -0.26 37.66 -23.04
C GLU D 313 1.16 38.13 -22.81
N VAL D 314 1.76 38.73 -23.82
CA VAL D 314 3.13 39.19 -23.68
C VAL D 314 3.14 40.48 -22.88
N GLY D 315 3.79 40.45 -21.73
CA GLY D 315 3.97 41.65 -20.94
C GLY D 315 4.31 41.36 -19.50
N LYS D 316 4.38 42.42 -18.71
CA LYS D 316 4.71 42.33 -17.29
C LYS D 316 3.49 42.59 -16.42
N ALA D 317 3.50 41.98 -15.24
CA ALA D 317 2.53 42.28 -14.19
C ALA D 317 3.28 42.54 -12.89
N MET D 318 2.86 43.57 -12.16
CA MET D 318 3.52 43.97 -10.92
C MET D 318 2.52 43.92 -9.78
N TYR D 319 2.90 43.14 -8.76
CA TYR D 319 2.09 42.86 -7.59
C TYR D 319 2.68 43.44 -6.30
N ALA D 320 1.85 43.54 -5.27
CA ALA D 320 2.30 44.01 -3.96
C ALA D 320 3.23 43.00 -3.27
N PRO D 321 3.98 43.44 -2.25
CA PRO D 321 4.92 42.56 -1.54
C PRO D 321 4.24 41.35 -0.90
N PRO D 322 5.01 40.30 -0.58
CA PRO D 322 4.43 39.11 0.05
C PRO D 322 3.66 39.39 1.33
N ILE D 323 2.57 38.66 1.53
CA ILE D 323 1.82 38.69 2.77
C ILE D 323 2.70 38.19 3.92
N ARG D 324 2.34 38.55 5.14
CA ARG D 324 3.01 38.02 6.32
C ARG D 324 2.51 36.62 6.65
N GLY D 325 3.22 35.95 7.56
CA GLY D 325 2.82 34.66 8.03
C GLY D 325 3.24 33.56 7.08
N GLN D 326 2.94 32.32 7.46
CA GLN D 326 3.51 31.18 6.75
C GLN D 326 2.75 30.93 5.46
N ILE D 327 3.47 31.02 4.35
CA ILE D 327 2.93 30.66 3.04
C ILE D 327 3.49 29.30 2.70
N ARG D 328 2.58 28.35 2.46
CA ARG D 328 2.98 26.98 2.25
C ARG D 328 2.08 26.23 1.29
N CYS D 329 2.72 25.61 0.31
CA CYS D 329 2.02 24.75 -0.63
C CYS D 329 2.69 23.39 -0.58
N SER D 330 1.87 22.36 -0.44
CA SER D 330 2.29 20.99 -0.59
C SER D 330 1.63 20.52 -1.87
N SER D 331 2.40 20.07 -2.85
CA SER D 331 1.83 19.65 -4.13
C SER D 331 2.36 18.30 -4.60
N ASN D 332 1.54 17.62 -5.39
CA ASN D 332 1.96 16.42 -6.12
C ASN D 332 2.66 16.82 -7.38
N ILE D 333 3.95 16.53 -7.52
CA ILE D 333 4.55 16.53 -8.84
C ILE D 333 4.01 15.30 -9.55
N THR D 334 3.26 15.54 -10.63
CA THR D 334 2.57 14.47 -11.36
C THR D 334 3.00 14.41 -12.82
N GLY D 335 3.84 15.35 -13.23
CA GLY D 335 4.24 15.42 -14.62
C GLY D 335 5.38 16.37 -14.84
N LEU D 336 5.95 16.34 -16.04
CA LEU D 336 7.06 17.24 -16.38
C LEU D 336 6.89 17.75 -17.81
N LEU D 337 7.45 18.93 -18.07
CA LEU D 337 7.57 19.43 -19.43
C LEU D 337 9.06 19.50 -19.77
N LEU D 338 9.47 18.73 -20.77
CA LEU D 338 10.87 18.67 -21.15
C LEU D 338 11.10 19.11 -22.58
N THR D 339 12.30 19.60 -22.84
CA THR D 339 12.76 19.82 -24.21
C THR D 339 14.08 19.10 -24.39
N ARG D 340 14.34 18.68 -25.62
CA ARG D 340 15.54 17.94 -25.97
C ARG D 340 16.45 18.83 -26.82
N ASP D 341 17.75 18.77 -26.57
CA ASP D 341 18.70 19.59 -27.31
C ASP D 341 18.74 19.20 -28.78
N GLY D 342 18.98 17.93 -29.04
CA GLY D 342 19.14 17.45 -30.40
C GLY D 342 20.37 17.98 -31.11
N GLY D 343 20.78 17.28 -32.16
CA GLY D 343 21.96 17.65 -32.93
C GLY D 343 23.18 16.86 -32.53
N ASN D 347 26.22 12.92 -29.90
CA ASN D 347 27.04 11.76 -30.23
C ASN D 347 26.92 10.66 -29.17
N GLY D 348 25.80 9.95 -29.18
CA GLY D 348 25.55 8.92 -28.18
C GLY D 348 24.63 9.47 -27.10
N THR D 349 24.76 10.78 -26.87
CA THR D 349 24.08 11.46 -25.78
C THR D 349 22.85 12.24 -26.21
N GLU D 350 21.80 12.14 -25.40
CA GLU D 350 20.63 13.00 -25.55
C GLU D 350 20.40 13.80 -24.27
N ILE D 351 20.42 15.13 -24.39
CA ILE D 351 20.24 16.03 -23.26
C ILE D 351 18.83 16.58 -23.22
N PHE D 352 18.20 16.47 -22.06
CA PHE D 352 16.87 17.00 -21.83
C PHE D 352 16.91 18.07 -20.75
N ARG D 353 16.09 19.09 -20.93
CA ARG D 353 16.04 20.20 -20.01
C ARG D 353 14.60 20.50 -19.65
N PRO D 354 14.36 21.02 -18.44
CA PRO D 354 13.01 21.41 -18.07
C PRO D 354 12.51 22.52 -19.00
N GLY D 355 11.25 22.42 -19.42
CA GLY D 355 10.66 23.40 -20.30
C GLY D 355 9.37 23.95 -19.75
N GLY D 356 8.42 24.23 -20.64
CA GLY D 356 7.15 24.83 -20.26
C GLY D 356 7.06 26.26 -20.71
N GLY D 357 6.00 26.94 -20.28
CA GLY D 357 5.75 28.32 -20.67
C GLY D 357 4.42 28.45 -21.38
N ASP D 358 4.19 27.55 -22.34
CA ASP D 358 2.89 27.49 -23.01
C ASP D 358 1.92 26.69 -22.17
N MET D 359 1.03 27.39 -21.49
CA MET D 359 0.13 26.76 -20.53
C MET D 359 -0.89 25.86 -21.20
N ARG D 360 -1.00 25.94 -22.52
CA ARG D 360 -1.91 25.06 -23.24
C ARG D 360 -1.45 23.61 -23.09
N ASP D 361 -0.14 23.42 -22.89
CA ASP D 361 0.41 22.08 -22.63
C ASP D 361 -0.02 21.57 -21.26
N ASN D 362 -0.06 22.45 -20.27
CA ASN D 362 -0.54 22.08 -18.94
C ASN D 362 -1.96 21.53 -19.03
N TRP D 363 -2.82 22.22 -19.79
CA TRP D 363 -4.19 21.76 -19.97
C TRP D 363 -4.19 20.48 -20.79
N ARG D 364 -3.32 20.44 -21.80
CA ARG D 364 -3.17 19.26 -22.65
C ARG D 364 -2.83 18.03 -21.83
N SER D 365 -1.98 18.20 -20.81
CA SER D 365 -1.56 17.06 -20.00
C SER D 365 -2.73 16.39 -19.30
N GLU D 366 -3.85 17.09 -19.20
CA GLU D 366 -5.04 16.57 -18.54
C GLU D 366 -6.14 16.24 -19.54
N LEU D 367 -6.25 17.04 -20.59
CA LEU D 367 -7.30 16.86 -21.60
C LEU D 367 -6.93 15.91 -22.74
N TYR D 368 -5.75 15.30 -22.68
CA TYR D 368 -5.25 14.50 -23.80
C TYR D 368 -6.18 13.36 -24.18
N LYS D 369 -6.88 12.79 -23.20
CA LYS D 369 -7.70 11.61 -23.44
C LYS D 369 -9.15 11.93 -23.82
N TYR D 370 -9.47 13.20 -24.01
CA TYR D 370 -10.84 13.61 -24.30
C TYR D 370 -10.99 14.22 -25.68
N LYS D 371 -12.14 13.99 -26.31
CA LYS D 371 -12.52 14.81 -27.46
C LYS D 371 -14.03 14.98 -27.55
N VAL D 372 -14.45 16.12 -28.10
CA VAL D 372 -15.85 16.47 -28.20
C VAL D 372 -16.47 16.00 -29.50
N VAL D 373 -17.68 15.47 -29.43
CA VAL D 373 -18.41 15.05 -30.63
C VAL D 373 -19.87 15.49 -30.56
N LYS D 374 -20.48 15.66 -31.73
CA LYS D 374 -21.91 15.96 -31.82
C LYS D 374 -22.63 14.67 -32.14
N ILE D 375 -23.67 14.36 -31.37
CA ILE D 375 -24.43 13.13 -31.57
C ILE D 375 -25.41 13.27 -32.72
N GLU D 376 -25.55 12.17 -33.47
CA GLU D 376 -26.35 12.10 -34.69
C GLU D 376 -25.87 13.07 -35.78
N ASN E 2 8.54 -37.03 -13.43
CA ASN E 2 7.95 -37.49 -12.18
CA ASN E 2 7.95 -37.48 -12.18
C ASN E 2 6.53 -36.96 -12.00
N LEU E 3 5.56 -37.84 -12.16
CA LEU E 3 4.14 -37.47 -12.12
C LEU E 3 3.72 -36.86 -10.79
N HIS E 4 4.14 -37.46 -9.68
CA HIS E 4 3.75 -36.99 -8.36
C HIS E 4 4.18 -35.55 -8.12
N PHE E 5 5.42 -35.24 -8.45
CA PHE E 5 5.96 -33.90 -8.23
C PHE E 5 5.28 -32.94 -9.20
N CYS E 6 4.95 -33.44 -10.38
CA CYS E 6 4.25 -32.65 -11.40
C CYS E 6 2.84 -32.29 -10.94
N GLN E 7 2.15 -33.26 -10.36
CA GLN E 7 0.78 -33.06 -9.89
C GLN E 7 0.76 -32.10 -8.72
N LEU E 8 1.81 -32.14 -7.89
CA LEU E 8 1.98 -31.18 -6.81
C LEU E 8 2.15 -29.78 -7.38
N ARG E 9 3.00 -29.66 -8.39
CA ARG E 9 3.30 -28.38 -9.01
C ARG E 9 2.05 -27.75 -9.60
N CYS E 10 1.33 -28.53 -10.39
CA CYS E 10 0.12 -28.04 -11.05
C CYS E 10 -1.00 -27.77 -10.06
N LYS E 11 -1.05 -28.55 -8.99
CA LYS E 11 -2.00 -28.32 -7.92
C LYS E 11 -1.87 -26.90 -7.35
N SER E 12 -0.64 -26.44 -7.22
CA SER E 12 -0.37 -25.11 -6.68
C SER E 12 -0.95 -24.03 -7.59
N LEU E 13 -1.17 -24.40 -8.85
CA LEU E 13 -1.74 -23.47 -9.81
C LEU E 13 -3.24 -23.69 -9.95
N GLY E 14 -3.77 -24.65 -9.18
CA GLY E 14 -5.18 -24.94 -9.24
C GLY E 14 -5.51 -25.83 -10.42
N LEU E 15 -4.48 -26.49 -10.94
CA LEU E 15 -4.61 -27.28 -12.15
C LEU E 15 -4.28 -28.75 -11.91
N LEU E 16 -4.77 -29.62 -12.79
CA LEU E 16 -4.36 -31.01 -12.78
C LEU E 16 -2.96 -31.12 -13.38
N GLY E 17 -2.20 -32.11 -12.94
CA GLY E 17 -0.90 -32.37 -13.53
C GLY E 17 -0.89 -33.70 -14.23
N ARG E 18 -0.35 -33.74 -15.44
CA ARG E 18 -0.13 -34.99 -16.13
C ARG E 18 1.14 -34.90 -16.96
N CYS E 19 1.69 -36.06 -17.32
CA CYS E 19 2.90 -36.07 -18.12
C CYS E 19 2.60 -35.78 -19.59
N ALA E 20 3.53 -35.11 -20.40
CA ALA E 20 3.57 -34.95 -21.85
C ALA E 20 4.91 -35.54 -22.25
N THR E 22 8.20 -36.82 -21.46
CA THR E 22 9.09 -36.69 -20.31
C THR E 22 8.92 -35.35 -19.60
N CYS E 24 6.40 -32.14 -17.67
CA CYS E 24 5.22 -31.92 -16.83
C CYS E 24 4.28 -30.93 -17.50
N ALA E 25 3.01 -31.32 -17.65
CA ALA E 25 2.01 -30.43 -18.22
C ALA E 25 0.87 -30.22 -17.23
N CYS E 26 0.45 -28.99 -17.06
CA CYS E 26 -0.64 -28.75 -16.16
C CYS E 26 -1.87 -28.41 -16.98
N VAL E 27 -2.93 -29.18 -16.78
CA VAL E 27 -4.13 -29.10 -17.59
C VAL E 27 -5.24 -28.36 -16.86
N ASN F 2 -24.47 29.82 30.77
CA ASN F 2 -25.39 30.08 31.87
C ASN F 2 -25.34 28.95 32.90
N LEU F 3 -25.05 29.32 34.15
CA LEU F 3 -24.66 28.35 35.16
C LEU F 3 -25.73 27.30 35.42
N HIS F 4 -26.99 27.72 35.50
CA HIS F 4 -28.08 26.80 35.82
C HIS F 4 -28.19 25.66 34.81
N PHE F 5 -28.14 25.97 33.53
CA PHE F 5 -28.24 24.95 32.50
C PHE F 5 -27.00 24.06 32.50
N CYS F 6 -25.85 24.66 32.78
CA CYS F 6 -24.60 23.92 32.83
C CYS F 6 -24.61 22.91 33.98
N GLN F 7 -25.07 23.34 35.15
CA GLN F 7 -25.11 22.47 36.31
C GLN F 7 -26.13 21.35 36.11
N LEU F 8 -27.21 21.65 35.42
CA LEU F 8 -28.19 20.64 35.04
C LEU F 8 -27.56 19.59 34.12
N ARG F 9 -26.86 20.07 33.09
CA ARG F 9 -26.23 19.19 32.10
C ARG F 9 -25.18 18.28 32.72
N CYS F 10 -24.28 18.86 33.52
CA CYS F 10 -23.21 18.09 34.13
C CYS F 10 -23.78 17.09 35.13
N LYS F 11 -24.90 17.45 35.77
CA LYS F 11 -25.60 16.52 36.66
C LYS F 11 -25.95 15.20 35.99
N SER F 12 -26.37 15.27 34.73
CA SER F 12 -26.73 14.06 33.99
C SER F 12 -25.51 13.17 33.82
N LEU F 13 -24.33 13.77 33.93
CA LEU F 13 -23.08 13.03 33.82
C LEU F 13 -22.53 12.66 35.19
N GLY F 14 -23.24 13.07 36.24
CA GLY F 14 -22.81 12.78 37.60
C GLY F 14 -21.74 13.75 38.08
N LEU F 15 -21.65 14.90 37.41
CA LEU F 15 -20.60 15.87 37.70
C LEU F 15 -21.15 17.23 38.11
N LEU F 16 -20.30 18.01 38.78
CA LEU F 16 -20.60 19.40 39.08
C LEU F 16 -20.46 20.23 37.83
N GLY F 17 -21.21 21.32 37.76
CA GLY F 17 -21.08 22.26 36.65
C GLY F 17 -20.56 23.59 37.17
N ARG F 18 -19.61 24.16 36.44
CA ARG F 18 -19.17 25.52 36.73
C ARG F 18 -18.81 26.23 35.44
N CYS F 19 -18.78 27.56 35.49
CA CYS F 19 -18.40 28.30 34.31
C CYS F 19 -16.89 28.33 34.13
N ALA F 20 -16.30 28.54 32.79
CA ALA F 20 -14.94 28.79 32.33
C ALA F 20 -15.09 29.88 31.29
N THR F 22 -17.10 31.97 29.12
CA THR F 22 -18.45 31.85 28.56
C THR F 22 -18.85 30.40 28.34
N CYS F 24 -19.39 26.07 29.58
CA CYS F 24 -19.76 25.14 30.62
C CYS F 24 -18.67 24.09 30.84
N ALA F 25 -18.23 23.95 32.08
CA ALA F 25 -17.26 22.93 32.42
C ALA F 25 -17.86 22.01 33.46
N CYS F 26 -17.62 20.72 33.31
CA CYS F 26 -18.04 19.75 34.32
C CYS F 26 -16.87 19.39 35.22
N VAL F 27 -17.11 19.42 36.53
CA VAL F 27 -16.08 19.23 37.52
C VAL F 27 -16.32 17.96 38.32
N ASN G 2 7.21 -32.37 10.79
CA ASN G 2 8.33 -32.50 9.87
C ASN G 2 8.31 -31.42 8.79
N LEU G 3 9.34 -30.58 8.77
CA LEU G 3 9.29 -29.36 7.98
C LEU G 3 9.21 -29.64 6.48
N HIS G 4 10.04 -30.57 6.01
CA HIS G 4 10.10 -30.89 4.59
C HIS G 4 8.73 -31.34 4.10
N PHE G 5 8.10 -32.21 4.87
CA PHE G 5 6.78 -32.73 4.52
C PHE G 5 5.74 -31.62 4.56
N CYS G 6 5.88 -30.71 5.52
CA CYS G 6 4.95 -29.60 5.67
C CYS G 6 5.07 -28.65 4.48
N GLN G 7 6.31 -28.36 4.10
CA GLN G 7 6.60 -27.43 3.02
C GLN G 7 6.11 -27.97 1.67
N LEU G 8 6.23 -29.28 1.48
CA LEU G 8 5.68 -29.92 0.29
C LEU G 8 4.16 -29.81 0.26
N ARG G 9 3.54 -30.14 1.38
CA ARG G 9 2.08 -30.13 1.49
C ARG G 9 1.52 -28.73 1.24
N CYS G 10 2.09 -27.74 1.93
CA CYS G 10 1.63 -26.37 1.77
C CYS G 10 1.99 -25.81 0.40
N LYS G 11 3.11 -26.26 -0.16
CA LYS G 11 3.52 -25.86 -1.51
C LYS G 11 2.42 -26.18 -2.52
N SER G 12 1.78 -27.33 -2.34
CA SER G 12 0.71 -27.78 -3.22
C SER G 12 -0.53 -26.89 -3.16
N LEU G 13 -0.67 -26.15 -2.06
CA LEU G 13 -1.81 -25.24 -1.88
C LEU G 13 -1.44 -23.83 -2.30
N GLY G 14 -0.20 -23.66 -2.77
CA GLY G 14 0.29 -22.36 -3.19
C GLY G 14 0.77 -21.53 -2.01
N LEU G 15 1.04 -22.20 -0.90
CA LEU G 15 1.44 -21.52 0.33
C LEU G 15 2.80 -22.02 0.82
N LEU G 16 3.48 -21.21 1.62
CA LEU G 16 4.66 -21.70 2.31
C LEU G 16 4.23 -22.54 3.49
N GLY G 17 5.09 -23.48 3.88
CA GLY G 17 4.84 -24.27 5.06
C GLY G 17 5.87 -23.93 6.11
N ARG G 18 5.42 -23.80 7.35
CA ARG G 18 6.32 -23.68 8.48
C ARG G 18 5.73 -24.39 9.67
N CYS G 19 6.57 -24.69 10.64
CA CYS G 19 6.09 -25.37 11.83
C CYS G 19 5.42 -24.43 12.80
N ALA G 20 4.45 -25.03 13.73
CA ALA G 20 3.80 -24.40 14.87
C ALA G 20 3.92 -25.40 16.00
N THR G 22 4.73 -28.71 17.23
CA THR G 22 4.82 -30.04 16.62
C THR G 22 3.87 -30.18 15.43
N CYS G 24 2.08 -28.72 11.45
CA CYS G 24 2.34 -28.04 10.19
C CYS G 24 1.33 -26.92 9.96
N ALA G 25 1.85 -25.73 9.69
CA ALA G 25 1.01 -24.58 9.37
C ALA G 25 1.37 -24.04 8.00
N CYS G 26 0.36 -23.75 7.18
CA CYS G 26 0.62 -23.21 5.86
C CYS G 26 0.39 -21.70 5.91
N VAL G 27 1.36 -20.95 5.40
CA VAL G 27 1.35 -19.51 5.50
C VAL G 27 1.36 -18.79 4.14
N ASN H 2 8.15 38.79 -27.05
CA ASN H 2 8.42 39.27 -28.40
C ASN H 2 9.78 38.77 -28.90
N LEU H 3 9.75 38.11 -30.05
CA LEU H 3 10.88 37.30 -30.52
C LEU H 3 12.17 38.09 -30.70
N HIS H 4 12.08 39.28 -31.28
CA HIS H 4 13.26 40.09 -31.56
C HIS H 4 14.04 40.42 -30.30
N PHE H 5 13.34 40.87 -29.26
CA PHE H 5 14.01 41.23 -28.01
C PHE H 5 14.55 39.99 -27.32
N CYS H 6 13.83 38.88 -27.46
CA CYS H 6 14.25 37.63 -26.85
C CYS H 6 15.55 37.14 -27.46
N GLN H 7 15.62 37.19 -28.79
CA GLN H 7 16.80 36.75 -29.50
C GLN H 7 17.97 37.67 -29.22
N LEU H 8 17.69 38.96 -29.05
CA LEU H 8 18.73 39.92 -28.66
C LEU H 8 19.31 39.57 -27.30
N ARG H 9 18.44 39.36 -26.32
CA ARG H 9 18.88 39.03 -24.97
C ARG H 9 19.65 37.71 -24.91
N CYS H 10 19.10 36.68 -25.55
CA CYS H 10 19.73 35.36 -25.53
C CYS H 10 21.05 35.38 -26.27
N LYS H 11 21.17 36.21 -27.31
CA LYS H 11 22.46 36.38 -27.99
C LYS H 11 23.58 36.78 -27.04
N SER H 12 23.25 37.65 -26.08
CA SER H 12 24.24 38.11 -25.14
C SER H 12 24.76 36.96 -24.28
N LEU H 13 24.00 35.88 -24.23
CA LEU H 13 24.40 34.69 -23.48
C LEU H 13 25.04 33.64 -24.40
N GLY H 14 25.13 33.95 -25.69
CA GLY H 14 25.69 33.01 -26.65
C GLY H 14 24.66 31.99 -27.08
N LEU H 15 23.39 32.32 -26.88
CA LEU H 15 22.30 31.38 -27.15
C LEU H 15 21.30 31.89 -28.17
N LEU H 16 20.56 30.95 -28.76
CA LEU H 16 19.44 31.27 -29.62
C LEU H 16 18.25 31.71 -28.79
N GLY H 17 17.38 32.53 -29.36
CA GLY H 17 16.16 32.89 -28.68
C GLY H 17 14.94 32.35 -29.41
N ARG H 18 14.00 31.78 -28.66
CA ARG H 18 12.71 31.44 -29.23
C ARG H 18 11.62 31.63 -28.19
N CYS H 19 10.39 31.76 -28.65
CA CYS H 19 9.28 31.92 -27.73
C CYS H 19 8.85 30.58 -27.17
N ALA H 20 8.09 30.47 -25.91
CA ALA H 20 7.44 29.40 -25.17
C ALA H 20 6.15 30.02 -24.66
N THR H 22 4.01 32.88 -24.08
CA THR H 22 4.24 34.32 -23.95
C THR H 22 5.63 34.63 -23.38
N CYS H 24 10.15 34.30 -23.17
CA CYS H 24 11.39 34.14 -23.89
C CYS H 24 12.20 32.96 -23.35
N ALA H 25 12.61 32.07 -24.26
CA ALA H 25 13.44 30.95 -23.87
C ALA H 25 14.75 31.01 -24.66
N CYS H 26 15.86 30.81 -23.96
CA CYS H 26 17.17 30.76 -24.60
C CYS H 26 17.54 29.32 -24.87
N VAL H 27 18.11 29.08 -26.05
CA VAL H 27 18.40 27.72 -26.50
C VAL H 27 19.82 27.60 -27.04
N GLU I 1 25.40 -33.34 -6.02
CA GLU I 1 24.18 -32.64 -6.49
C GLU I 1 24.43 -31.14 -6.70
N VAL I 2 23.68 -30.57 -7.62
CA VAL I 2 23.67 -29.13 -7.87
C VAL I 2 22.68 -28.42 -6.95
N GLN I 3 23.08 -27.29 -6.38
CA GLN I 3 22.11 -26.52 -5.60
C GLN I 3 22.51 -25.07 -5.37
N LEU I 4 21.49 -24.31 -4.93
CA LEU I 4 21.56 -22.87 -4.76
C LEU I 4 21.22 -22.52 -3.33
N VAL I 5 22.17 -21.87 -2.65
CA VAL I 5 22.02 -21.55 -1.24
C VAL I 5 21.85 -20.06 -1.12
N GLU I 6 20.64 -19.63 -0.75
CA GLU I 6 20.33 -18.22 -0.70
C GLU I 6 20.42 -17.70 0.73
N SER I 7 20.75 -16.42 0.87
CA SER I 7 20.70 -15.78 2.17
C SER I 7 20.60 -14.27 2.04
N GLY I 8 20.39 -13.61 3.17
CA GLY I 8 20.15 -12.17 3.18
C GLY I 8 18.68 -11.89 3.16
N GLY I 9 18.32 -10.63 2.98
CA GLY I 9 16.93 -10.23 2.92
C GLY I 9 16.33 -10.08 4.30
N GLY I 10 15.05 -9.71 4.34
CA GLY I 10 14.37 -9.43 5.58
C GLY I 10 13.50 -8.20 5.44
N LEU I 11 13.45 -7.40 6.50
CA LEU I 11 12.55 -6.26 6.58
C LEU I 11 13.30 -4.94 6.74
N VAL I 12 12.96 -3.96 5.90
CA VAL I 12 13.56 -2.63 5.98
C VAL I 12 12.54 -1.53 5.72
N GLN I 13 12.84 -0.33 6.23
CA GLN I 13 12.04 0.85 5.99
C GLN I 13 12.15 1.21 4.51
N PRO I 14 11.11 1.84 3.94
CA PRO I 14 11.29 2.27 2.54
C PRO I 14 12.52 3.16 2.40
N GLY I 15 13.31 2.94 1.37
CA GLY I 15 14.53 3.68 1.15
C GLY I 15 15.73 3.04 1.81
N GLY I 16 15.50 1.96 2.56
CA GLY I 16 16.58 1.23 3.19
C GLY I 16 17.26 0.33 2.18
N SER I 17 18.12 -0.57 2.64
CA SER I 17 18.81 -1.48 1.74
C SER I 17 19.02 -2.87 2.31
N LEU I 18 19.19 -3.82 1.41
CA LEU I 18 19.52 -5.20 1.79
C LEU I 18 20.58 -5.75 0.84
N ARG I 19 21.14 -6.90 1.20
CA ARG I 19 21.98 -7.64 0.27
C ARG I 19 21.59 -9.11 0.28
N LEU I 20 21.32 -9.63 -0.91
CA LEU I 20 21.04 -11.05 -1.07
C LEU I 20 22.29 -11.74 -1.57
N SER I 21 22.49 -12.99 -1.16
CA SER I 21 23.55 -13.81 -1.69
C SER I 21 23.00 -15.15 -2.11
N CYS I 22 23.55 -15.66 -3.20
CA CYS I 22 23.21 -16.98 -3.73
C CYS I 22 24.51 -17.71 -4.04
N ALA I 23 24.72 -18.83 -3.35
CA ALA I 23 25.93 -19.61 -3.52
C ALA I 23 25.56 -20.89 -4.23
N ALA I 24 26.25 -21.16 -5.34
CA ALA I 24 25.92 -22.30 -6.17
C ALA I 24 26.96 -23.38 -6.05
N SER I 25 26.52 -24.57 -5.69
CA SER I 25 27.36 -25.75 -5.76
C SER I 25 26.94 -26.51 -7.00
N GLY I 26 27.91 -26.92 -7.81
CA GLY I 26 27.64 -27.69 -9.00
C GLY I 26 27.98 -27.00 -10.31
N PHE I 27 28.09 -25.67 -10.32
CA PHE I 27 28.47 -24.93 -11.53
C PHE I 27 29.68 -24.04 -11.35
N THR I 28 30.07 -23.50 -12.49
CA THR I 28 31.01 -22.40 -12.57
C THR I 28 30.13 -21.25 -13.06
N LEU I 29 29.77 -20.35 -12.16
CA LEU I 29 28.75 -19.33 -12.44
C LEU I 29 28.99 -18.52 -13.71
N ASP I 30 30.25 -18.34 -14.11
CA ASP I 30 30.54 -17.52 -15.26
C ASP I 30 30.29 -18.28 -16.57
N TYR I 31 29.85 -19.52 -16.48
CA TYR I 31 29.40 -20.27 -17.67
C TYR I 31 27.89 -20.17 -17.86
N TYR I 32 27.21 -19.47 -16.95
CA TYR I 32 25.76 -19.39 -16.97
C TYR I 32 25.25 -17.97 -16.77
N SER I 33 23.97 -17.79 -17.06
CA SER I 33 23.24 -16.61 -16.62
C SER I 33 22.62 -16.94 -15.28
N ILE I 34 23.08 -16.26 -14.24
CA ILE I 34 22.60 -16.51 -12.89
C ILE I 34 22.04 -15.21 -12.37
N GLY I 35 20.94 -15.29 -11.66
CA GLY I 35 20.45 -14.08 -11.02
C GLY I 35 19.19 -14.27 -10.23
N TRP I 36 18.41 -13.20 -10.15
CA TRP I 36 17.22 -13.20 -9.33
C TRP I 36 16.01 -12.76 -10.11
N PHE I 37 14.90 -13.44 -9.83
CA PHE I 37 13.59 -12.94 -10.18
C PHE I 37 12.79 -12.91 -8.88
N ARG I 38 11.61 -12.31 -8.90
CA ARG I 38 10.83 -12.17 -7.68
C ARG I 38 9.37 -12.42 -7.93
N GLN I 39 8.67 -12.85 -6.89
CA GLN I 39 7.23 -13.02 -6.98
C GLN I 39 6.58 -12.79 -5.63
N ALA I 40 5.50 -12.01 -5.64
CA ALA I 40 4.67 -11.80 -4.46
C ALA I 40 3.44 -12.69 -4.57
N PRO I 41 2.87 -13.12 -3.43
CA PRO I 41 1.73 -14.04 -3.51
C PRO I 41 0.55 -13.47 -4.31
N GLY I 42 -0.03 -14.30 -5.18
CA GLY I 42 -1.19 -13.88 -5.94
C GLY I 42 -0.88 -12.93 -7.09
N LYS I 43 0.41 -12.69 -7.33
CA LYS I 43 0.85 -11.78 -8.38
C LYS I 43 1.79 -12.50 -9.35
N GLU I 44 1.88 -11.98 -10.56
CA GLU I 44 2.70 -12.60 -11.60
C GLU I 44 4.18 -12.43 -11.26
N ARG I 45 5.03 -13.26 -11.87
CA ARG I 45 6.47 -13.11 -11.71
C ARG I 45 6.93 -11.74 -12.19
N GLU I 46 7.99 -11.22 -11.59
CA GLU I 46 8.63 -9.99 -12.03
C GLU I 46 10.12 -10.21 -12.18
N GLY I 47 10.71 -9.56 -13.18
CA GLY I 47 12.15 -9.66 -13.38
C GLY I 47 12.86 -8.82 -12.34
N VAL I 48 14.12 -9.16 -12.06
CA VAL I 48 14.92 -8.37 -11.15
C VAL I 48 16.33 -8.14 -11.70
N SER I 49 17.15 -9.18 -11.76
CA SER I 49 18.53 -8.94 -12.19
C SER I 49 19.28 -10.21 -12.55
N CYS I 50 20.15 -10.10 -13.56
CA CYS I 50 20.92 -11.25 -14.05
C CYS I 50 22.37 -10.88 -14.31
N ILE I 51 23.28 -11.81 -14.01
CA ILE I 51 24.70 -11.66 -14.35
C ILE I 51 25.20 -12.89 -15.12
N SER I 52 26.16 -12.65 -16.01
CA SER I 52 26.40 -13.57 -17.12
C SER I 52 27.83 -13.58 -17.66
N ASP I 53 28.31 -14.78 -18.00
CA ASP I 53 29.55 -14.97 -18.77
C ASP I 53 30.82 -14.51 -18.06
N SER I 54 31.94 -14.56 -18.78
CA SER I 54 33.26 -14.34 -18.19
C SER I 54 33.49 -12.89 -17.78
N ASP I 55 32.94 -11.96 -18.55
CA ASP I 55 33.10 -10.54 -18.26
C ASP I 55 32.01 -10.05 -17.31
N GLY I 56 31.14 -10.95 -16.89
CA GLY I 56 30.10 -10.61 -15.93
C GLY I 56 29.15 -9.52 -16.41
N ARG I 57 28.64 -9.66 -17.62
CA ARG I 57 27.64 -8.76 -18.15
C ARG I 57 26.40 -8.79 -17.26
N THR I 58 25.86 -7.62 -16.94
CA THR I 58 24.73 -7.52 -16.02
C THR I 58 23.48 -6.99 -16.70
N TYR I 59 22.33 -7.44 -16.22
CA TYR I 59 21.04 -7.05 -16.76
C TYR I 59 20.05 -6.77 -15.62
N TYR I 60 19.25 -5.72 -15.79
CA TYR I 60 18.33 -5.30 -14.75
C TYR I 60 16.92 -5.08 -15.31
N ALA I 61 15.93 -5.41 -14.50
CA ALA I 61 14.55 -5.08 -14.81
C ALA I 61 14.45 -3.56 -14.73
N ASP I 62 13.62 -2.97 -15.58
CA ASP I 62 13.44 -1.52 -15.58
C ASP I 62 13.11 -0.96 -14.21
N SER I 63 12.29 -1.67 -13.45
CA SER I 63 11.79 -1.18 -12.18
C SER I 63 12.88 -1.07 -11.11
N VAL I 64 14.00 -1.78 -11.28
CA VAL I 64 15.07 -1.77 -10.28
C VAL I 64 16.35 -1.10 -10.77
N LYS I 65 16.38 -0.68 -12.03
CA LYS I 65 17.56 -0.03 -12.60
C LYS I 65 18.06 1.14 -11.77
N GLY I 66 19.37 1.16 -11.49
CA GLY I 66 19.99 2.24 -10.76
C GLY I 66 19.92 2.01 -9.26
N ARG I 67 19.05 1.12 -8.83
CA ARG I 67 18.80 0.89 -7.42
C ARG I 67 19.42 -0.42 -6.97
N PHE I 68 19.28 -1.45 -7.81
CA PHE I 68 19.86 -2.75 -7.50
C PHE I 68 21.18 -2.91 -8.25
N THR I 69 22.08 -3.68 -7.64
CA THR I 69 23.35 -4.03 -8.28
C THR I 69 23.64 -5.50 -8.08
N ILE I 70 23.88 -6.21 -9.18
CA ILE I 70 24.24 -7.61 -9.10
C ILE I 70 25.74 -7.74 -9.31
N SER I 71 26.37 -8.62 -8.54
CA SER I 71 27.80 -8.86 -8.71
C SER I 71 28.14 -10.31 -8.41
N ARG I 72 29.38 -10.70 -8.73
CA ARG I 72 29.78 -12.09 -8.68
C ARG I 72 31.17 -12.27 -8.08
N ASP I 73 31.28 -13.19 -7.14
CA ASP I 73 32.57 -13.62 -6.60
C ASP I 73 32.85 -15.02 -7.15
N ASN I 74 33.76 -15.08 -8.12
CA ASN I 74 34.14 -16.32 -8.79
C ASN I 74 34.75 -17.34 -7.85
N ALA I 75 35.63 -16.89 -6.97
CA ALA I 75 36.31 -17.76 -6.02
C ALA I 75 35.31 -18.45 -5.10
N LYS I 76 34.31 -17.69 -4.64
CA LYS I 76 33.28 -18.24 -3.76
C LYS I 76 32.13 -18.84 -4.58
N ASN I 77 32.21 -18.72 -5.89
CA ASN I 77 31.15 -19.17 -6.78
C ASN I 77 29.80 -18.62 -6.31
N THR I 78 29.81 -17.36 -5.91
CA THR I 78 28.62 -16.76 -5.29
C THR I 78 28.23 -15.50 -6.02
N VAL I 79 26.92 -15.25 -6.09
CA VAL I 79 26.40 -14.02 -6.68
C VAL I 79 25.67 -13.22 -5.62
N TYR I 80 25.85 -11.91 -5.66
CA TYR I 80 25.30 -11.01 -4.66
C TYR I 80 24.39 -10.00 -5.34
N LEU I 81 23.29 -9.66 -4.67
CA LEU I 81 22.41 -8.60 -5.13
C LEU I 81 22.30 -7.53 -4.07
N GLN I 82 22.89 -6.37 -4.35
CA GLN I 82 22.80 -5.20 -3.48
C GLN I 82 21.53 -4.43 -3.83
N MET I 83 20.61 -4.37 -2.87
CA MET I 83 19.32 -3.73 -3.05
C MET I 83 19.25 -2.43 -2.26
N ASN I 84 19.42 -1.31 -2.95
CA ASN I 84 19.34 0.01 -2.33
C ASN I 84 18.05 0.73 -2.72
N SER I 85 17.74 1.80 -2.00
CA SER I 85 16.55 2.62 -2.25
C SER I 85 15.30 1.77 -2.43
N LEU I 86 15.09 0.83 -1.51
CA LEU I 86 13.99 -0.11 -1.64
C LEU I 86 12.65 0.62 -1.53
N LYS I 87 11.67 0.18 -2.34
CA LYS I 87 10.35 0.77 -2.32
C LYS I 87 9.38 -0.32 -1.91
N PRO I 88 8.20 0.04 -1.40
CA PRO I 88 7.21 -0.96 -1.00
C PRO I 88 6.88 -2.01 -2.08
N GLU I 89 6.85 -1.63 -3.35
CA GLU I 89 6.49 -2.60 -4.39
C GLU I 89 7.63 -3.55 -4.69
N ASP I 90 8.73 -3.44 -3.94
CA ASP I 90 9.83 -4.41 -4.06
C ASP I 90 9.58 -5.59 -3.13
N THR I 91 8.55 -5.48 -2.30
CA THR I 91 8.16 -6.56 -1.40
C THR I 91 7.77 -7.78 -2.22
N ALA I 92 8.49 -8.88 -2.00
CA ALA I 92 8.24 -10.13 -2.71
C ALA I 92 9.19 -11.21 -2.22
N VAL I 93 8.99 -12.43 -2.70
CA VAL I 93 9.96 -13.48 -2.51
C VAL I 93 10.92 -13.42 -3.69
N TYR I 94 12.20 -13.32 -3.39
CA TYR I 94 13.23 -13.30 -4.42
C TYR I 94 13.83 -14.70 -4.55
N TYR I 95 13.87 -15.18 -5.79
CA TYR I 95 14.42 -16.49 -6.11
C TYR I 95 15.65 -16.34 -6.99
N CYS I 96 16.74 -16.97 -6.53
CA CYS I 96 17.97 -17.12 -7.29
C CYS I 96 17.76 -18.20 -8.34
N ALA I 97 18.13 -17.90 -9.58
CA ALA I 97 17.79 -18.77 -10.71
C ALA I 97 18.92 -18.86 -11.73
N THR I 98 18.99 -20.03 -12.36
CA THR I 98 19.84 -20.29 -13.51
C THR I 98 19.06 -20.02 -14.79
N ASP I 99 19.78 -19.86 -15.90
CA ASP I 99 19.17 -19.44 -17.16
C ASP I 99 18.36 -18.21 -16.85
N CYS I 100 18.95 -17.34 -16.05
CA CYS I 100 18.26 -16.19 -15.55
C CYS I 100 17.96 -15.24 -16.69
N THR I 101 16.77 -14.65 -16.66
CA THR I 101 16.41 -13.60 -17.61
C THR I 101 15.59 -12.54 -16.91
N VAL I 102 15.67 -11.33 -17.44
CA VAL I 102 14.94 -10.21 -16.87
C VAL I 102 13.88 -9.71 -17.86
N ASP I 103 13.79 -10.39 -19.00
CA ASP I 103 12.82 -10.02 -20.03
C ASP I 103 11.40 -10.32 -19.54
N PRO I 104 10.52 -9.28 -19.49
CA PRO I 104 9.17 -9.46 -18.95
C PRO I 104 8.34 -10.55 -19.64
N SER I 105 8.69 -10.85 -20.88
CA SER I 105 7.93 -11.81 -21.68
C SER I 105 8.52 -13.21 -21.64
N LEU I 106 9.55 -13.41 -20.82
CA LEU I 106 10.22 -14.71 -20.75
C LEU I 106 10.56 -15.12 -19.32
N LEU I 107 9.86 -14.57 -18.33
CA LEU I 107 10.21 -14.84 -16.94
C LEU I 107 9.90 -16.28 -16.53
N TYR I 108 8.93 -16.90 -17.20
CA TYR I 108 8.50 -18.25 -16.84
C TYR I 108 9.26 -19.34 -17.59
N VAL I 109 10.38 -18.99 -18.22
CA VAL I 109 11.27 -20.01 -18.77
C VAL I 109 12.19 -20.49 -17.64
N MET I 110 12.27 -19.69 -16.58
CA MET I 110 13.08 -20.02 -15.42
C MET I 110 12.36 -21.04 -14.53
N ASP I 111 12.84 -22.28 -14.58
CA ASP I 111 12.25 -23.37 -13.79
C ASP I 111 13.25 -24.05 -12.85
N TYR I 112 14.50 -23.57 -12.87
CA TYR I 112 15.56 -24.14 -12.04
C TYR I 112 16.04 -23.03 -11.11
N TYR I 113 15.44 -22.95 -9.93
CA TYR I 113 15.71 -21.84 -9.01
C TYR I 113 15.65 -22.30 -7.55
N GLY I 114 16.20 -21.47 -6.68
CA GLY I 114 16.61 -21.90 -5.36
C GLY I 114 15.70 -21.64 -4.16
N LYS I 115 14.41 -21.51 -4.39
CA LYS I 115 13.42 -21.31 -3.33
C LYS I 115 13.64 -20.00 -2.57
N GLY I 116 12.65 -19.62 -1.78
CA GLY I 116 12.49 -18.24 -1.33
C GLY I 116 13.61 -17.60 -0.55
N THR I 117 13.88 -16.32 -0.85
CA THR I 117 14.34 -15.41 0.21
C THR I 117 13.36 -14.22 0.26
N GLN I 118 12.68 -14.07 1.40
CA GLN I 118 11.67 -13.02 1.56
C GLN I 118 12.31 -11.66 1.79
N VAL I 119 11.84 -10.69 1.01
CA VAL I 119 12.22 -9.28 1.19
C VAL I 119 10.94 -8.48 1.38
N THR I 120 10.88 -7.72 2.47
CA THR I 120 9.70 -6.93 2.79
C THR I 120 10.09 -5.48 3.07
N VAL I 121 9.44 -4.57 2.35
CA VAL I 121 9.69 -3.14 2.48
C VAL I 121 8.45 -2.47 3.02
N SER I 122 8.53 -1.95 4.25
CA SER I 122 7.39 -1.32 4.88
C SER I 122 7.79 -0.33 5.97
N SER I 123 7.01 0.73 6.11
CA SER I 123 7.27 1.75 7.12
C SER I 123 6.81 1.27 8.49
N ALA I 124 7.72 0.67 9.25
CA ALA I 124 7.41 0.18 10.58
C ALA I 124 8.66 0.18 11.47
N GLU J 1 4.21 -51.27 9.17
CA GLU J 1 3.73 -49.87 8.99
C GLU J 1 2.21 -49.81 8.91
N VAL J 2 1.66 -48.68 9.35
CA VAL J 2 0.24 -48.39 9.19
C VAL J 2 -0.02 -47.74 7.83
N GLN J 3 -1.03 -48.21 7.11
CA GLN J 3 -1.36 -47.62 5.81
C GLN J 3 -2.75 -47.96 5.26
N LEU J 4 -3.13 -47.24 4.21
CA LEU J 4 -4.44 -47.36 3.57
C LEU J 4 -4.32 -47.68 2.09
N VAL J 5 -4.86 -48.83 1.68
CA VAL J 5 -4.72 -49.32 0.31
C VAL J 5 -6.06 -49.32 -0.45
N GLU J 6 -6.14 -48.44 -1.44
CA GLU J 6 -7.36 -48.25 -2.24
C GLU J 6 -7.31 -48.96 -3.58
N SER J 7 -8.49 -49.30 -4.10
CA SER J 7 -8.59 -49.80 -5.47
C SER J 7 -9.99 -49.60 -6.04
N GLY J 8 -10.13 -49.90 -7.34
CA GLY J 8 -11.36 -49.63 -8.07
C GLY J 8 -11.27 -48.31 -8.82
N GLY J 9 -12.40 -47.88 -9.39
CA GLY J 9 -12.45 -46.64 -10.14
C GLY J 9 -11.98 -46.80 -11.57
N GLY J 10 -12.03 -45.71 -12.33
CA GLY J 10 -11.71 -45.73 -13.75
C GLY J 10 -12.70 -44.90 -14.55
N LEU J 11 -13.08 -45.40 -15.72
CA LEU J 11 -13.94 -44.66 -16.65
C LEU J 11 -15.24 -45.39 -16.91
N VAL J 12 -16.35 -44.67 -16.76
CA VAL J 12 -17.67 -45.21 -17.08
C VAL J 12 -18.57 -44.16 -17.73
N GLN J 13 -19.54 -44.64 -18.51
CA GLN J 13 -20.54 -43.79 -19.14
C GLN J 13 -21.50 -43.22 -18.08
N PRO J 14 -22.06 -42.02 -18.31
CA PRO J 14 -23.05 -41.49 -17.37
C PRO J 14 -24.25 -42.41 -17.16
N GLY J 15 -24.66 -42.56 -15.91
CA GLY J 15 -25.74 -43.45 -15.56
C GLY J 15 -25.23 -44.84 -15.27
N GLY J 16 -23.94 -45.05 -15.49
CA GLY J 16 -23.30 -46.32 -15.20
C GLY J 16 -22.97 -46.41 -13.73
N SER J 17 -22.15 -47.40 -13.35
CA SER J 17 -21.77 -47.58 -11.96
C SER J 17 -20.33 -48.06 -11.79
N LEU J 18 -19.78 -47.80 -10.61
CA LEU J 18 -18.46 -48.29 -10.22
C LEU J 18 -18.49 -48.76 -8.78
N ARG J 19 -17.43 -49.44 -8.35
CA ARG J 19 -17.25 -49.76 -6.94
C ARG J 19 -15.82 -49.47 -6.49
N LEU J 20 -15.69 -48.69 -5.42
CA LEU J 20 -14.39 -48.42 -4.81
C LEU J 20 -14.19 -49.35 -3.62
N SER J 21 -12.94 -49.76 -3.39
CA SER J 21 -12.63 -50.52 -2.18
C SER J 21 -11.42 -49.93 -1.46
N CYS J 22 -11.48 -49.95 -0.13
CA CYS J 22 -10.40 -49.48 0.72
C CYS J 22 -10.09 -50.44 1.86
N ALA J 23 -8.85 -50.96 1.86
CA ALA J 23 -8.40 -51.91 2.87
C ALA J 23 -7.28 -51.31 3.73
N ALA J 24 -7.45 -51.39 5.05
CA ALA J 24 -6.49 -50.82 5.99
C ALA J 24 -5.76 -51.92 6.77
N SER J 25 -4.43 -51.91 6.71
CA SER J 25 -3.62 -52.72 7.59
C SER J 25 -3.14 -51.82 8.73
N GLY J 26 -3.26 -52.30 9.96
CA GLY J 26 -2.84 -51.53 11.12
C GLY J 26 -4.00 -51.14 12.02
N PHE J 27 -5.21 -51.16 11.47
CA PHE J 27 -6.41 -50.84 12.26
C PHE J 27 -7.45 -51.94 12.22
N THR J 28 -8.46 -51.75 13.08
CA THR J 28 -9.68 -52.52 13.03
C THR J 28 -10.74 -51.50 12.64
N LEU J 29 -11.27 -51.61 11.42
CA LEU J 29 -12.15 -50.58 10.86
C LEU J 29 -13.34 -50.18 11.73
N ASP J 30 -13.86 -51.10 12.55
CA ASP J 30 -15.04 -50.80 13.34
C ASP J 30 -14.72 -50.00 14.61
N TYR J 31 -13.43 -49.69 14.83
CA TYR J 31 -13.04 -48.80 15.93
C TYR J 31 -12.95 -47.36 15.44
N TYR J 32 -13.17 -47.15 14.14
CA TYR J 32 -13.01 -45.83 13.54
C TYR J 32 -14.14 -45.46 12.60
N SER J 33 -14.16 -44.19 12.23
CA SER J 33 -14.99 -43.71 11.13
C SER J 33 -14.18 -43.80 9.86
N ILE J 34 -14.61 -44.64 8.94
CA ILE J 34 -13.88 -44.85 7.70
C ILE J 34 -14.78 -44.50 6.54
N GLY J 35 -14.22 -43.84 5.53
CA GLY J 35 -15.00 -43.64 4.34
C GLY J 35 -14.31 -42.87 3.26
N TRP J 36 -15.10 -42.20 2.44
CA TRP J 36 -14.56 -41.50 1.28
C TRP J 36 -15.01 -40.06 1.27
N PHE J 37 -14.07 -39.21 0.88
CA PHE J 37 -14.39 -37.85 0.43
C PHE J 37 -13.81 -37.73 -0.97
N ARG J 38 -14.13 -36.65 -1.67
CA ARG J 38 -13.69 -36.50 -3.05
C ARG J 38 -13.25 -35.08 -3.34
N GLN J 39 -12.37 -34.94 -4.33
CA GLN J 39 -11.96 -33.62 -4.76
C GLN J 39 -11.64 -33.59 -6.26
N ALA J 40 -12.17 -32.58 -6.93
CA ALA J 40 -11.84 -32.30 -8.32
C ALA J 40 -10.83 -31.17 -8.36
N PRO J 41 -9.95 -31.14 -9.38
CA PRO J 41 -8.94 -30.09 -9.42
C PRO J 41 -9.51 -28.67 -9.43
N GLY J 42 -8.92 -27.79 -8.63
CA GLY J 42 -9.33 -26.40 -8.57
C GLY J 42 -10.62 -26.15 -7.83
N LYS J 43 -11.16 -27.20 -7.22
CA LYS J 43 -12.42 -27.12 -6.46
C LYS J 43 -12.28 -27.64 -5.03
N GLU J 44 -13.19 -27.20 -4.17
CA GLU J 44 -13.16 -27.54 -2.75
C GLU J 44 -13.52 -29.01 -2.56
N ARG J 45 -13.13 -29.56 -1.40
CA ARG J 45 -13.51 -30.91 -1.04
C ARG J 45 -15.02 -31.05 -0.97
N GLU J 46 -15.51 -32.25 -1.30
CA GLU J 46 -16.91 -32.58 -1.16
C GLU J 46 -17.03 -33.88 -0.40
N GLY J 47 -18.04 -34.00 0.45
CA GLY J 47 -18.25 -35.21 1.20
C GLY J 47 -18.81 -36.28 0.29
N VAL J 48 -18.63 -37.54 0.67
CA VAL J 48 -19.21 -38.65 -0.08
C VAL J 48 -19.87 -39.62 0.87
N SER J 49 -19.09 -40.34 1.68
CA SER J 49 -19.72 -41.34 2.53
C SER J 49 -18.83 -41.87 3.65
N CYS J 50 -19.45 -42.16 4.79
CA CYS J 50 -18.74 -42.66 5.96
C CYS J 50 -19.48 -43.84 6.60
N ILE J 51 -18.70 -44.81 7.08
CA ILE J 51 -19.23 -45.93 7.84
C ILE J 51 -18.46 -46.04 9.16
N SER J 52 -19.15 -46.49 10.20
CA SER J 52 -18.70 -46.24 11.56
C SER J 52 -19.20 -47.28 12.60
N ASP J 53 -18.32 -47.62 13.54
CA ASP J 53 -18.65 -48.40 14.73
C ASP J 53 -19.15 -49.83 14.45
N SER J 54 -19.61 -50.50 15.51
CA SER J 54 -19.89 -51.93 15.46
C SER J 54 -21.12 -52.28 14.62
N ASP J 55 -22.14 -51.44 14.67
CA ASP J 55 -23.36 -51.67 13.91
C ASP J 55 -23.26 -51.09 12.50
N GLY J 56 -22.10 -50.51 12.19
CA GLY J 56 -21.86 -49.97 10.87
C GLY J 56 -22.81 -48.87 10.48
N ARG J 57 -22.97 -47.89 11.36
CA ARG J 57 -23.77 -46.70 11.07
C ARG J 57 -23.22 -46.01 9.83
N THR J 58 -24.10 -45.62 8.93
CA THR J 58 -23.70 -45.06 7.64
C THR J 58 -24.10 -43.60 7.53
N TYR J 59 -23.27 -42.82 6.81
CA TYR J 59 -23.54 -41.41 6.60
C TYR J 59 -23.20 -41.05 5.16
N TYR J 60 -24.08 -40.25 4.53
CA TYR J 60 -23.96 -39.91 3.12
C TYR J 60 -24.11 -38.41 2.89
N ALA J 61 -23.38 -37.89 1.91
CA ALA J 61 -23.55 -36.52 1.47
C ALA J 61 -24.90 -36.37 0.77
N ASP J 62 -25.53 -35.22 0.92
CA ASP J 62 -26.81 -34.93 0.26
C ASP J 62 -26.70 -35.16 -1.23
N SER J 63 -25.55 -34.78 -1.79
CA SER J 63 -25.34 -34.83 -3.24
C SER J 63 -25.31 -36.25 -3.79
N VAL J 64 -25.01 -37.23 -2.94
CA VAL J 64 -24.96 -38.63 -3.36
C VAL J 64 -25.98 -39.52 -2.66
N LYS J 65 -26.74 -38.95 -1.74
CA LYS J 65 -27.77 -39.70 -1.00
C LYS J 65 -28.73 -40.44 -1.93
N GLY J 66 -28.95 -41.72 -1.66
CA GLY J 66 -29.90 -42.51 -2.43
C GLY J 66 -29.26 -43.12 -3.66
N ARG J 67 -28.08 -42.61 -4.00
CA ARG J 67 -27.39 -43.00 -5.22
C ARG J 67 -26.19 -43.90 -4.91
N PHE J 68 -25.44 -43.53 -3.88
CA PHE J 68 -24.27 -44.28 -3.43
C PHE J 68 -24.59 -45.15 -2.21
N THR J 69 -23.86 -46.26 -2.08
CA THR J 69 -23.99 -47.12 -0.90
C THR J 69 -22.63 -47.58 -0.39
N ILE J 70 -22.37 -47.33 0.90
CA ILE J 70 -21.14 -47.78 1.56
C ILE J 70 -21.42 -49.02 2.41
N SER J 71 -20.48 -49.96 2.41
CA SER J 71 -20.62 -51.17 3.23
C SER J 71 -19.26 -51.65 3.74
N ARG J 72 -19.27 -52.61 4.65
CA ARG J 72 -18.04 -53.02 5.33
C ARG J 72 -17.91 -54.53 5.50
N ASP J 73 -16.75 -55.06 5.12
CA ASP J 73 -16.39 -56.44 5.40
C ASP J 73 -15.34 -56.47 6.51
N ASN J 74 -15.78 -56.81 7.72
CA ASN J 74 -14.92 -56.87 8.89
C ASN J 74 -13.81 -57.90 8.76
N ALA J 75 -14.17 -59.07 8.24
CA ALA J 75 -13.22 -60.18 8.09
C ALA J 75 -12.04 -59.78 7.20
N LYS J 76 -12.34 -59.09 6.11
CA LYS J 76 -11.32 -58.63 5.18
C LYS J 76 -10.77 -57.28 5.62
N ASN J 77 -11.32 -56.74 6.71
CA ASN J 77 -10.97 -55.41 7.20
C ASN J 77 -11.04 -54.38 6.08
N THR J 78 -12.07 -54.48 5.25
CA THR J 78 -12.19 -53.64 4.06
C THR J 78 -13.52 -52.93 4.04
N VAL J 79 -13.52 -51.70 3.52
CA VAL J 79 -14.76 -50.96 3.34
C VAL J 79 -14.96 -50.69 1.85
N TYR J 80 -16.21 -50.77 1.41
CA TYR J 80 -16.56 -50.66 -0.01
C TYR J 80 -17.54 -49.52 -0.25
N LEU J 81 -17.36 -48.85 -1.39
CA LEU J 81 -18.31 -47.83 -1.85
C LEU J 81 -18.87 -48.19 -3.22
N GLN J 82 -20.15 -48.56 -3.23
CA GLN J 82 -20.89 -48.82 -4.45
C GLN J 82 -21.47 -47.52 -5.00
N MET J 83 -21.00 -47.15 -6.19
CA MET J 83 -21.39 -45.91 -6.86
C MET J 83 -22.28 -46.20 -8.06
N ASN J 84 -23.58 -45.96 -7.90
CA ASN J 84 -24.55 -46.17 -8.97
C ASN J 84 -25.01 -44.86 -9.60
N SER J 85 -25.64 -44.94 -10.76
CA SER J 85 -26.21 -43.78 -11.45
C SER J 85 -25.24 -42.60 -11.51
N LEU J 86 -24.02 -42.86 -11.93
CA LEU J 86 -22.97 -41.83 -11.88
C LEU J 86 -23.27 -40.63 -12.78
N LYS J 87 -22.93 -39.44 -12.29
CA LYS J 87 -23.15 -38.18 -13.02
C LYS J 87 -21.83 -37.51 -13.36
N PRO J 88 -21.84 -36.60 -14.35
CA PRO J 88 -20.62 -35.86 -14.69
C PRO J 88 -20.00 -35.14 -13.48
N GLU J 89 -20.83 -34.57 -12.61
CA GLU J 89 -20.31 -33.85 -11.45
C GLU J 89 -19.87 -34.79 -10.33
N ASP J 90 -19.92 -36.10 -10.58
CA ASP J 90 -19.35 -37.07 -9.65
C ASP J 90 -17.88 -37.34 -10.01
N THR J 91 -17.44 -36.79 -11.15
CA THR J 91 -16.04 -36.90 -11.56
C THR J 91 -15.13 -36.19 -10.57
N ALA J 92 -14.18 -36.96 -10.00
CA ALA J 92 -13.24 -36.42 -9.03
C ALA J 92 -12.26 -37.50 -8.59
N VAL J 93 -11.27 -37.11 -7.80
CA VAL J 93 -10.42 -38.09 -7.13
C VAL J 93 -11.07 -38.40 -5.80
N TYR J 94 -11.31 -39.69 -5.56
CA TYR J 94 -11.89 -40.13 -4.30
C TYR J 94 -10.80 -40.62 -3.36
N TYR J 95 -10.84 -40.10 -2.15
CA TYR J 95 -9.89 -40.45 -1.10
C TYR J 95 -10.57 -41.17 0.05
N CYS J 96 -10.04 -42.36 0.33
CA CYS J 96 -10.42 -43.14 1.51
C CYS J 96 -9.74 -42.56 2.73
N ALA J 97 -10.51 -42.36 3.80
CA ALA J 97 -10.03 -41.62 4.95
C ALA J 97 -10.52 -42.21 6.27
N THR J 98 -9.67 -42.03 7.28
CA THR J 98 -10.01 -42.30 8.68
C THR J 98 -10.55 -41.02 9.32
N ASP J 99 -11.21 -41.15 10.47
CA ASP J 99 -11.92 -40.03 11.08
C ASP J 99 -12.82 -39.39 10.03
N CYS J 100 -13.46 -40.25 9.24
CA CYS J 100 -14.23 -39.80 8.10
C CYS J 100 -15.45 -39.01 8.55
N THR J 101 -15.75 -37.95 7.81
CA THR J 101 -16.97 -37.19 8.00
C THR J 101 -17.53 -36.75 6.67
N VAL J 102 -18.85 -36.54 6.64
CA VAL J 102 -19.53 -36.05 5.45
C VAL J 102 -20.12 -34.67 5.71
N ASP J 103 -19.84 -34.10 6.88
CA ASP J 103 -20.35 -32.78 7.22
C ASP J 103 -19.68 -31.75 6.31
N PRO J 104 -20.49 -31.00 5.53
CA PRO J 104 -19.89 -30.05 4.57
C PRO J 104 -18.95 -29.04 5.22
N SER J 105 -19.12 -28.79 6.51
CA SER J 105 -18.35 -27.78 7.22
C SER J 105 -17.13 -28.35 7.95
N LEU J 106 -16.88 -29.65 7.80
CA LEU J 106 -15.77 -30.30 8.50
C LEU J 106 -14.99 -31.27 7.62
N LEU J 107 -15.03 -31.08 6.31
CA LEU J 107 -14.36 -32.00 5.39
C LEU J 107 -12.84 -31.91 5.48
N TYR J 108 -12.32 -30.76 5.87
CA TYR J 108 -10.88 -30.55 5.93
C TYR J 108 -10.33 -30.92 7.30
N VAL J 109 -11.16 -31.62 8.07
CA VAL J 109 -10.74 -32.19 9.34
C VAL J 109 -10.08 -33.55 9.08
N MET J 110 -10.36 -34.13 7.91
CA MET J 110 -9.73 -35.37 7.45
C MET J 110 -8.34 -35.11 6.86
N ASP J 111 -7.29 -35.48 7.59
CA ASP J 111 -5.92 -35.29 7.13
C ASP J 111 -5.15 -36.60 7.02
N TYR J 112 -5.82 -37.70 7.36
CA TYR J 112 -5.22 -39.02 7.32
C TYR J 112 -5.99 -39.87 6.33
N TYR J 113 -5.52 -39.89 5.08
CA TYR J 113 -6.24 -40.55 4.00
C TYR J 113 -5.28 -41.18 2.99
N GLY J 114 -5.79 -42.09 2.17
CA GLY J 114 -4.98 -43.04 1.44
C GLY J 114 -4.70 -42.72 -0.03
N LYS J 115 -4.79 -41.45 -0.39
CA LYS J 115 -4.50 -40.96 -1.75
C LYS J 115 -5.40 -41.58 -2.83
N GLY J 116 -5.31 -41.00 -4.02
CA GLY J 116 -6.35 -41.11 -5.03
C GLY J 116 -6.84 -42.47 -5.50
N THR J 117 -8.15 -42.55 -5.69
CA THR J 117 -8.71 -43.42 -6.72
C THR J 117 -9.47 -42.49 -7.67
N GLN J 118 -9.03 -42.45 -8.92
CA GLN J 118 -9.60 -41.54 -9.91
C GLN J 118 -10.94 -42.07 -10.42
N VAL J 119 -11.93 -41.19 -10.42
CA VAL J 119 -13.23 -41.49 -11.01
C VAL J 119 -13.60 -40.44 -12.05
N THR J 120 -13.86 -40.88 -13.28
CA THR J 120 -14.21 -39.98 -14.37
C THR J 120 -15.48 -40.43 -15.08
N VAL J 121 -16.47 -39.55 -15.09
CA VAL J 121 -17.76 -39.82 -15.74
C VAL J 121 -18.07 -38.78 -16.83
N SER J 122 -18.08 -39.22 -18.08
CA SER J 122 -18.37 -38.32 -19.20
C SER J 122 -18.85 -39.09 -20.43
N SER J 123 -19.43 -38.37 -21.39
CA SER J 123 -20.05 -39.01 -22.55
C SER J 123 -19.01 -39.51 -23.53
N GLU K 1 -37.44 30.72 16.33
CA GLU K 1 -36.40 30.08 17.19
C GLU K 1 -35.75 28.93 16.45
N VAL K 2 -34.50 28.64 16.78
CA VAL K 2 -33.84 27.48 16.23
C VAL K 2 -34.15 26.28 17.10
N GLN K 3 -34.56 25.16 16.49
CA GLN K 3 -34.80 23.95 17.26
C GLN K 3 -34.84 22.68 16.43
N LEU K 4 -34.76 21.57 17.16
CA LEU K 4 -34.61 20.25 16.59
C LEU K 4 -35.74 19.36 17.14
N VAL K 5 -36.63 18.90 16.25
CA VAL K 5 -37.84 18.17 16.65
C VAL K 5 -37.82 16.71 16.18
N GLU K 6 -37.72 15.78 17.11
CA GLU K 6 -37.61 14.36 16.77
C GLU K 6 -38.95 13.63 16.86
N SER K 7 -39.09 12.57 16.07
CA SER K 7 -40.24 11.68 16.21
C SER K 7 -39.95 10.30 15.62
N GLY K 8 -40.88 9.37 15.85
CA GLY K 8 -40.70 7.99 15.48
C GLY K 8 -40.16 7.21 16.67
N GLY K 9 -39.78 5.96 16.44
CA GLY K 9 -39.25 5.14 17.50
C GLY K 9 -40.33 4.51 18.36
N GLY K 10 -39.92 3.72 19.34
CA GLY K 10 -40.85 2.98 20.17
C GLY K 10 -40.35 1.58 20.45
N LEU K 11 -41.26 0.62 20.45
CA LEU K 11 -40.96 -0.75 20.84
C LEU K 11 -41.24 -1.69 19.66
N VAL K 12 -40.27 -2.55 19.34
CA VAL K 12 -40.45 -3.53 18.26
C VAL K 12 -39.83 -4.89 18.54
N GLN K 13 -40.37 -5.91 17.87
CA GLN K 13 -39.82 -7.26 17.93
C GLN K 13 -38.47 -7.25 17.19
N PRO K 14 -37.52 -8.11 17.61
CA PRO K 14 -36.25 -8.20 16.88
C PRO K 14 -36.41 -8.57 15.41
N GLY K 15 -35.66 -7.90 14.53
CA GLY K 15 -35.73 -8.14 13.11
C GLY K 15 -36.77 -7.25 12.43
N GLY K 16 -37.50 -6.50 13.23
CA GLY K 16 -38.49 -5.56 12.72
C GLY K 16 -37.80 -4.30 12.23
N SER K 17 -38.58 -3.25 12.00
CA SER K 17 -38.02 -1.99 11.54
C SER K 17 -38.73 -0.79 12.14
N LEU K 18 -38.02 0.33 12.15
CA LEU K 18 -38.59 1.61 12.59
C LEU K 18 -38.11 2.69 11.64
N ARG K 19 -38.73 3.87 11.73
CA ARG K 19 -38.22 5.04 11.07
C ARG K 19 -38.26 6.24 12.00
N LEU K 20 -37.11 6.87 12.20
CA LEU K 20 -37.05 8.10 12.99
C LEU K 20 -37.02 9.28 12.04
N SER K 21 -37.60 10.38 12.47
CA SER K 21 -37.48 11.63 11.72
C SER K 21 -37.08 12.76 12.66
N CYS K 22 -36.27 13.67 12.13
CA CYS K 22 -35.82 14.85 12.85
C CYS K 22 -36.01 16.06 11.97
N ALA K 23 -36.82 17.00 12.44
CA ALA K 23 -37.14 18.21 11.69
C ALA K 23 -36.49 19.40 12.38
N ALA K 24 -35.74 20.18 11.61
CA ALA K 24 -35.01 21.32 12.15
C ALA K 24 -35.62 22.63 11.68
N SER K 25 -35.99 23.48 12.63
CA SER K 25 -36.38 24.84 12.28
C SER K 25 -35.25 25.81 12.62
N GLY K 26 -34.96 26.70 11.69
CA GLY K 26 -33.98 27.76 11.86
C GLY K 26 -32.76 27.65 10.97
N PHE K 27 -32.40 26.43 10.56
CA PHE K 27 -31.31 26.23 9.61
C PHE K 27 -31.76 25.29 8.48
N THR K 28 -30.89 25.07 7.50
CA THR K 28 -31.30 24.48 6.23
C THR K 28 -30.89 23.00 6.08
N LEU K 29 -30.30 22.45 7.13
CA LEU K 29 -29.76 21.07 7.14
C LEU K 29 -28.76 20.67 6.05
N ASP K 30 -28.91 21.14 4.81
CA ASP K 30 -27.97 20.74 3.77
C ASP K 30 -26.71 21.62 3.85
N TYR K 31 -26.71 22.56 4.78
CA TYR K 31 -25.53 23.32 5.15
C TYR K 31 -24.79 22.75 6.34
N TYR K 32 -25.29 21.65 6.90
CA TYR K 32 -24.68 21.08 8.09
C TYR K 32 -24.53 19.58 7.97
N SER K 33 -23.75 19.01 8.88
CA SER K 33 -23.76 17.57 9.08
C SER K 33 -24.79 17.25 10.14
N ILE K 34 -25.83 16.54 9.73
CA ILE K 34 -26.95 16.23 10.61
C ILE K 34 -27.09 14.73 10.71
N GLY K 35 -27.41 14.23 11.89
CA GLY K 35 -27.71 12.82 11.98
C GLY K 35 -28.05 12.35 13.37
N TRP K 36 -27.75 11.09 13.64
CA TRP K 36 -28.13 10.49 14.91
C TRP K 36 -26.94 9.83 15.55
N PHE K 37 -26.87 10.01 16.88
CA PHE K 37 -26.04 9.17 17.73
C PHE K 37 -26.98 8.56 18.75
N ARG K 38 -26.52 7.58 19.50
CA ARG K 38 -27.39 6.89 20.44
C ARG K 38 -26.70 6.61 21.75
N GLN K 39 -27.50 6.49 22.81
CA GLN K 39 -26.96 6.14 24.12
C GLN K 39 -27.94 5.31 24.93
N ALA K 40 -27.40 4.23 25.50
CA ALA K 40 -28.13 3.40 26.45
C ALA K 40 -27.68 3.77 27.86
N PRO K 41 -28.58 3.65 28.86
CA PRO K 41 -28.18 4.03 30.21
C PRO K 41 -26.99 3.22 30.73
N GLY K 42 -26.04 3.90 31.36
CA GLY K 42 -24.89 3.25 31.93
C GLY K 42 -23.87 2.79 30.91
N LYS K 43 -24.12 3.12 29.65
CA LYS K 43 -23.21 2.77 28.57
C LYS K 43 -22.82 4.06 27.87
N GLU K 44 -21.64 4.08 27.28
CA GLU K 44 -21.12 5.29 26.64
C GLU K 44 -21.84 5.56 25.31
N ARG K 45 -21.70 6.78 24.80
CA ARG K 45 -22.27 7.13 23.50
C ARG K 45 -21.79 6.20 22.38
N GLU K 46 -22.65 5.97 21.40
CA GLU K 46 -22.28 5.25 20.18
C GLU K 46 -22.74 6.03 18.97
N GLY K 47 -21.93 6.02 17.92
CA GLY K 47 -22.32 6.67 16.68
C GLY K 47 -23.32 5.78 15.96
N VAL K 48 -24.15 6.37 15.10
CA VAL K 48 -25.04 5.58 14.26
C VAL K 48 -24.97 6.15 12.84
N SER K 49 -25.36 7.40 12.61
CA SER K 49 -25.37 7.86 11.21
C SER K 49 -25.44 9.36 10.98
N CYS K 50 -24.78 9.81 9.91
CA CYS K 50 -24.72 11.22 9.57
C CYS K 50 -24.96 11.45 8.08
N ILE K 51 -25.67 12.52 7.76
CA ILE K 51 -25.86 12.97 6.37
C ILE K 51 -25.48 14.45 6.28
N SER K 52 -24.94 14.86 5.14
CA SER K 52 -24.16 16.09 5.08
C SER K 52 -24.11 16.75 3.69
N ASP K 53 -24.21 18.08 3.69
CA ASP K 53 -23.93 18.90 2.51
C ASP K 53 -24.87 18.66 1.32
N SER K 54 -24.56 19.29 0.19
CA SER K 54 -25.45 19.34 -0.96
C SER K 54 -25.61 17.99 -1.66
N ASP K 55 -24.54 17.20 -1.66
CA ASP K 55 -24.58 15.90 -2.35
C ASP K 55 -25.17 14.82 -1.43
N GLY K 56 -25.55 15.22 -0.22
CA GLY K 56 -26.17 14.32 0.73
C GLY K 56 -25.27 13.14 1.03
N ARG K 57 -24.00 13.44 1.25
CA ARG K 57 -23.03 12.43 1.66
C ARG K 57 -23.42 11.81 2.99
N THR K 58 -23.36 10.48 3.07
CA THR K 58 -23.79 9.76 4.27
C THR K 58 -22.65 8.98 4.91
N TYR K 59 -22.73 8.83 6.24
CA TYR K 59 -21.75 8.10 7.02
C TYR K 59 -22.46 7.23 8.05
N TYR K 60 -21.95 6.02 8.24
CA TYR K 60 -22.56 5.06 9.15
C TYR K 60 -21.56 4.44 10.10
N ALA K 61 -22.01 4.19 11.32
CA ALA K 61 -21.24 3.42 12.27
C ALA K 61 -21.20 2.00 11.75
N ASP K 62 -20.09 1.32 11.96
CA ASP K 62 -19.95 -0.07 11.53
C ASP K 62 -21.08 -0.93 12.06
N SER K 63 -21.52 -0.63 13.29
CA SER K 63 -22.52 -1.44 13.96
C SER K 63 -23.89 -1.40 13.29
N VAL K 64 -24.15 -0.35 12.51
CA VAL K 64 -25.42 -0.20 11.81
C VAL K 64 -25.27 -0.25 10.29
N LYS K 65 -24.03 -0.35 9.83
CA LYS K 65 -23.74 -0.43 8.40
C LYS K 65 -24.55 -1.57 7.77
N GLY K 66 -25.25 -1.27 6.68
CA GLY K 66 -26.01 -2.28 5.96
C GLY K 66 -27.43 -2.45 6.48
N ARG K 67 -27.70 -1.94 7.68
CA ARG K 67 -29.00 -2.13 8.32
C ARG K 67 -29.80 -0.84 8.38
N PHE K 68 -29.14 0.25 8.73
CA PHE K 68 -29.80 1.55 8.85
C PHE K 68 -29.54 2.39 7.61
N THR K 69 -30.48 3.27 7.28
CA THR K 69 -30.31 4.19 6.16
C THR K 69 -30.74 5.59 6.54
N ILE K 70 -29.86 6.56 6.34
CA ILE K 70 -30.20 7.94 6.64
C ILE K 70 -30.53 8.67 5.33
N SER K 71 -31.55 9.52 5.38
CA SER K 71 -31.96 10.28 4.20
C SER K 71 -32.48 11.66 4.57
N ARG K 72 -32.68 12.51 3.58
CA ARG K 72 -32.99 13.92 3.81
C ARG K 72 -34.08 14.45 2.87
N ASP K 73 -35.08 15.10 3.46
CA ASP K 73 -36.09 15.83 2.70
C ASP K 73 -35.85 17.34 2.88
N ASN K 74 -35.30 17.95 1.83
CA ASN K 74 -34.98 19.37 1.85
C ASN K 74 -36.22 20.25 1.99
N ALA K 75 -37.29 19.91 1.26
CA ALA K 75 -38.52 20.69 1.30
C ALA K 75 -39.11 20.72 2.71
N LYS K 76 -39.08 19.57 3.37
CA LYS K 76 -39.58 19.44 4.73
C LYS K 76 -38.49 19.82 5.73
N ASN K 77 -37.29 20.09 5.22
CA ASN K 77 -36.13 20.36 6.06
C ASN K 77 -35.98 19.31 7.16
N THR K 78 -36.18 18.05 6.77
CA THR K 78 -36.25 16.95 7.72
C THR K 78 -35.26 15.86 7.34
N VAL K 79 -34.69 15.19 8.34
CA VAL K 79 -33.79 14.05 8.11
C VAL K 79 -34.42 12.81 8.71
N TYR K 80 -34.28 11.69 8.01
CA TYR K 80 -34.91 10.43 8.39
C TYR K 80 -33.87 9.34 8.60
N LEU K 81 -34.12 8.49 9.59
CA LEU K 81 -33.32 7.30 9.83
C LEU K 81 -34.22 6.08 9.71
N GLN K 82 -34.02 5.33 8.63
CA GLN K 82 -34.70 4.06 8.44
C GLN K 82 -33.91 2.97 9.11
N MET K 83 -34.52 2.34 10.11
CA MET K 83 -33.87 1.29 10.90
C MET K 83 -34.47 -0.07 10.59
N ASN K 84 -33.75 -0.87 9.81
CA ASN K 84 -34.18 -2.21 9.46
C ASN K 84 -33.35 -3.28 10.18
N SER K 85 -33.86 -4.51 10.20
CA SER K 85 -33.18 -5.64 10.84
C SER K 85 -32.71 -5.30 12.26
N LEU K 86 -33.61 -4.76 13.07
CA LEU K 86 -33.28 -4.30 14.40
C LEU K 86 -32.86 -5.43 15.34
N LYS K 87 -31.90 -5.09 16.20
CA LYS K 87 -31.32 -6.00 17.18
C LYS K 87 -31.66 -5.52 18.58
N PRO K 88 -31.71 -6.45 19.56
CA PRO K 88 -31.91 -6.05 20.96
C PRO K 88 -30.92 -4.99 21.42
N GLU K 89 -29.69 -5.12 20.95
CA GLU K 89 -28.62 -4.18 21.30
C GLU K 89 -28.70 -2.87 20.51
N ASP K 90 -29.76 -2.70 19.72
CA ASP K 90 -30.06 -1.41 19.11
C ASP K 90 -30.94 -0.61 20.06
N THR K 91 -31.36 -1.25 21.15
CA THR K 91 -32.16 -0.59 22.18
C THR K 91 -31.35 0.55 22.79
N ALA K 92 -31.86 1.76 22.69
CA ALA K 92 -31.18 2.93 23.20
C ALA K 92 -32.03 4.17 22.99
N VAL K 93 -31.56 5.30 23.53
CA VAL K 93 -32.13 6.58 23.19
C VAL K 93 -31.37 7.13 22.01
N TYR K 94 -32.09 7.45 20.94
CA TYR K 94 -31.49 8.02 19.75
C TYR K 94 -31.67 9.53 19.78
N TYR K 95 -30.55 10.22 19.59
CA TYR K 95 -30.51 11.67 19.56
C TYR K 95 -30.12 12.20 18.19
N CYS K 96 -30.99 13.06 17.66
CA CYS K 96 -30.72 13.82 16.45
C CYS K 96 -29.77 14.95 16.81
N ALA K 97 -28.71 15.09 16.02
CA ALA K 97 -27.62 16.01 16.37
C ALA K 97 -27.10 16.71 15.13
N THR K 98 -26.68 17.97 15.35
CA THR K 98 -25.96 18.77 14.37
C THR K 98 -24.46 18.60 14.57
N ASP K 99 -23.66 19.00 13.58
CA ASP K 99 -22.22 18.75 13.58
C ASP K 99 -22.02 17.27 13.85
N CYS K 100 -22.87 16.48 13.22
CA CYS K 100 -22.91 15.07 13.48
C CYS K 100 -21.64 14.38 13.00
N THR K 101 -21.17 13.43 13.80
CA THR K 101 -20.07 12.57 13.41
C THR K 101 -20.34 11.17 13.89
N VAL K 102 -19.76 10.21 13.18
CA VAL K 102 -19.92 8.82 13.52
C VAL K 102 -18.57 8.25 13.99
N ASP K 103 -17.58 9.13 14.07
CA ASP K 103 -16.23 8.76 14.50
C ASP K 103 -16.21 8.41 15.99
N PRO K 104 -15.81 7.18 16.35
CA PRO K 104 -15.85 6.75 17.75
C PRO K 104 -15.02 7.61 18.71
N SER K 105 -14.03 8.33 18.20
CA SER K 105 -13.14 9.12 19.05
C SER K 105 -13.56 10.59 19.13
N LEU K 106 -14.70 10.92 18.55
CA LEU K 106 -15.18 12.30 18.53
C LEU K 106 -16.69 12.42 18.79
N LEU K 107 -17.27 11.42 19.46
CA LEU K 107 -18.71 11.43 19.68
C LEU K 107 -19.17 12.49 20.68
N TYR K 108 -18.29 12.90 21.60
CA TYR K 108 -18.65 13.89 22.60
C TYR K 108 -18.33 15.30 22.13
N VAL K 109 -18.10 15.42 20.83
CA VAL K 109 -17.94 16.71 20.18
C VAL K 109 -19.35 17.25 19.87
N MET K 110 -20.33 16.35 19.84
CA MET K 110 -21.73 16.69 19.61
C MET K 110 -22.40 17.20 20.89
N ASP K 111 -22.69 18.49 20.96
CA ASP K 111 -23.36 19.08 22.13
C ASP K 111 -24.67 19.78 21.78
N TYR K 112 -25.04 19.78 20.52
CA TYR K 112 -26.28 20.43 20.05
C TYR K 112 -27.21 19.37 19.47
N TYR K 113 -28.07 18.83 20.31
CA TYR K 113 -28.94 17.73 19.92
C TYR K 113 -30.29 17.82 20.62
N GLY K 114 -31.29 17.12 20.07
CA GLY K 114 -32.67 17.40 20.40
C GLY K 114 -33.29 16.46 21.41
N LYS K 115 -32.45 15.79 22.18
CA LYS K 115 -32.89 14.89 23.26
C LYS K 115 -33.81 13.76 22.77
N GLY K 116 -34.08 12.82 23.66
CA GLY K 116 -34.44 11.48 23.29
C GLY K 116 -35.58 11.18 22.33
N THR K 117 -35.33 10.22 21.45
CA THR K 117 -36.39 9.33 20.99
C THR K 117 -35.99 7.89 21.35
N GLN K 118 -36.79 7.27 22.21
CA GLN K 118 -36.50 5.92 22.70
C GLN K 118 -36.82 4.87 21.65
N VAL K 119 -35.86 3.98 21.42
CA VAL K 119 -36.06 2.81 20.59
C VAL K 119 -35.70 1.60 21.45
N THR K 120 -36.65 0.68 21.55
CA THR K 120 -36.49 -0.51 22.38
C THR K 120 -36.79 -1.75 21.55
N VAL K 121 -35.83 -2.66 21.49
CA VAL K 121 -35.98 -3.88 20.73
C VAL K 121 -35.95 -5.07 21.70
N SER K 122 -37.08 -5.75 21.81
CA SER K 122 -37.19 -6.89 22.72
C SER K 122 -38.31 -7.83 22.27
N SER K 123 -38.31 -9.03 22.84
CA SER K 123 -39.19 -10.11 22.37
C SER K 123 -40.64 -9.91 22.82
N GLU L 1 5.38 56.17 -18.04
CA GLU L 1 6.11 54.90 -18.33
C GLU L 1 6.97 54.48 -17.13
N VAL L 2 7.15 53.17 -16.99
CA VAL L 2 8.06 52.61 -16.00
C VAL L 2 9.48 52.55 -16.56
N GLN L 3 10.46 52.94 -15.75
CA GLN L 3 11.85 52.83 -16.15
C GLN L 3 12.82 53.02 -14.98
N LEU L 4 14.03 52.50 -15.15
CA LEU L 4 15.12 52.68 -14.20
C LEU L 4 16.25 53.50 -14.85
N VAL L 5 16.70 54.53 -14.13
CA VAL L 5 17.72 55.47 -14.62
C VAL L 5 18.91 55.42 -13.68
N GLU L 6 20.00 54.83 -14.15
CA GLU L 6 21.20 54.66 -13.36
C GLU L 6 22.19 55.79 -13.59
N SER L 7 22.98 56.09 -12.56
CA SER L 7 24.09 57.01 -12.72
C SER L 7 25.12 56.80 -11.62
N GLY L 8 26.23 57.53 -11.72
CA GLY L 8 27.37 57.31 -10.87
C GLY L 8 28.31 56.33 -11.55
N GLY L 9 29.33 55.88 -10.83
CA GLY L 9 30.27 54.93 -11.38
C GLY L 9 31.30 55.61 -12.25
N GLY L 10 32.21 54.81 -12.80
CA GLY L 10 33.31 55.31 -13.60
C GLY L 10 34.60 54.61 -13.25
N LEU L 11 35.67 55.39 -13.13
CA LEU L 11 37.00 54.85 -12.92
C LEU L 11 37.66 55.42 -11.67
N VAL L 12 38.14 54.53 -10.79
CA VAL L 12 38.75 54.95 -9.53
C VAL L 12 39.99 54.15 -9.17
N GLN L 13 40.82 54.74 -8.31
CA GLN L 13 41.98 54.06 -7.73
C GLN L 13 41.49 52.92 -6.82
N PRO L 14 42.26 51.83 -6.71
CA PRO L 14 41.91 50.83 -5.70
C PRO L 14 41.92 51.42 -4.30
N GLY L 15 40.91 51.09 -3.49
CA GLY L 15 40.75 51.68 -2.18
C GLY L 15 39.98 52.99 -2.24
N GLY L 16 39.60 53.40 -3.45
CA GLY L 16 38.79 54.58 -3.64
C GLY L 16 37.34 54.25 -3.39
N SER L 17 36.46 55.19 -3.69
CA SER L 17 35.03 54.97 -3.49
C SER L 17 34.20 55.63 -4.58
N LEU L 18 33.02 55.04 -4.82
CA LEU L 18 32.08 55.57 -5.79
C LEU L 18 30.70 55.55 -5.18
N ARG L 19 29.75 56.25 -5.79
CA ARG L 19 28.36 56.16 -5.40
C ARG L 19 27.49 55.97 -6.64
N LEU L 20 26.74 54.88 -6.67
CA LEU L 20 25.79 54.64 -7.75
C LEU L 20 24.42 55.12 -7.29
N SER L 21 23.64 55.63 -8.23
CA SER L 21 22.25 55.97 -7.94
C SER L 21 21.36 55.38 -9.01
N CYS L 22 20.17 54.97 -8.59
CA CYS L 22 19.17 54.45 -9.50
C CYS L 22 17.81 55.07 -9.16
N ALA L 23 17.25 55.76 -10.16
CA ALA L 23 15.92 56.35 -10.07
C ALA L 23 15.12 55.89 -11.28
N ALA L 24 13.92 55.33 -11.16
CA ALA L 24 12.95 55.50 -10.07
C ALA L 24 11.59 55.27 -10.69
N SER L 25 11.22 56.23 -11.53
CA SER L 25 9.87 56.46 -12.01
C SER L 25 9.09 55.22 -12.43
N GLY L 26 7.81 55.20 -12.07
CA GLY L 26 6.91 54.12 -12.43
C GLY L 26 6.49 53.27 -11.24
N PHE L 27 7.39 53.09 -10.28
CA PHE L 27 7.06 52.36 -9.05
C PHE L 27 7.00 53.27 -7.85
N THR L 28 6.76 52.64 -6.70
CA THR L 28 7.14 53.18 -5.42
C THR L 28 8.16 52.19 -4.85
N LEU L 29 9.41 52.61 -4.78
CA LEU L 29 10.51 51.66 -4.54
C LEU L 29 10.40 50.92 -3.21
N ASP L 30 9.71 51.50 -2.24
CA ASP L 30 9.57 50.84 -0.93
C ASP L 30 8.51 49.74 -0.97
N TYR L 31 7.88 49.53 -2.12
CA TYR L 31 6.96 48.41 -2.31
C TYR L 31 7.66 47.22 -2.94
N TYR L 32 8.95 47.36 -3.21
CA TYR L 32 9.71 46.33 -3.91
C TYR L 32 11.06 46.09 -3.26
N SER L 33 11.69 44.99 -3.65
CA SER L 33 13.10 44.81 -3.36
C SER L 33 13.89 45.38 -4.53
N ILE L 34 14.65 46.44 -4.24
CA ILE L 34 15.40 47.15 -5.26
C ILE L 34 16.87 47.10 -4.92
N GLY L 35 17.71 46.89 -5.92
CA GLY L 35 19.12 46.95 -5.64
C GLY L 35 20.00 46.75 -6.85
N TRP L 36 21.20 46.23 -6.60
CA TRP L 36 22.19 46.02 -7.64
C TRP L 36 22.73 44.61 -7.66
N PHE L 37 22.90 44.12 -8.88
CA PHE L 37 23.77 42.96 -9.13
C PHE L 37 24.81 43.43 -10.12
N ARG L 38 25.90 42.69 -10.26
CA ARG L 38 26.98 43.12 -11.14
C ARG L 38 27.45 41.99 -12.03
N GLN L 39 28.05 42.35 -13.15
CA GLN L 39 28.65 41.36 -14.03
C GLN L 39 29.87 41.91 -14.74
N ALA L 40 30.96 41.15 -14.64
CA ALA L 40 32.16 41.41 -15.42
C ALA L 40 32.10 40.53 -16.66
N PRO L 41 32.69 40.99 -17.77
CA PRO L 41 32.65 40.14 -18.97
C PRO L 41 33.31 38.79 -18.74
N GLY L 42 32.65 37.72 -19.18
CA GLY L 42 33.21 36.38 -19.06
C GLY L 42 33.04 35.75 -17.68
N LYS L 43 32.34 36.44 -16.79
CA LYS L 43 32.05 35.90 -15.46
C LYS L 43 30.55 35.68 -15.31
N GLU L 44 30.18 34.88 -14.32
CA GLU L 44 28.78 34.67 -14.00
C GLU L 44 28.27 35.90 -13.26
N ARG L 45 26.95 36.06 -13.18
CA ARG L 45 26.38 37.13 -12.37
C ARG L 45 26.86 37.01 -10.93
N GLU L 46 27.01 38.15 -10.27
CA GLU L 46 27.25 38.20 -8.84
C GLU L 46 26.27 39.17 -8.20
N GLY L 47 25.76 38.81 -7.04
CA GLY L 47 24.89 39.71 -6.30
C GLY L 47 25.77 40.75 -5.64
N VAL L 48 25.19 41.89 -5.28
CA VAL L 48 25.93 42.85 -4.47
C VAL L 48 25.02 43.43 -3.39
N SER L 49 23.85 43.97 -3.72
CA SER L 49 23.07 44.57 -2.64
C SER L 49 21.61 44.86 -2.95
N CYS L 50 20.77 44.72 -1.92
CA CYS L 50 19.34 44.95 -2.04
C CYS L 50 18.76 45.71 -0.85
N ILE L 51 17.78 46.57 -1.11
CA ILE L 51 17.03 47.26 -0.08
C ILE L 51 15.54 47.03 -0.32
N SER L 52 14.77 46.93 0.75
CA SER L 52 13.44 46.33 0.66
C SER L 52 12.43 46.86 1.67
N ASP L 53 11.20 47.07 1.18
CA ASP L 53 10.03 47.31 2.04
C ASP L 53 10.10 48.61 2.85
N SER L 54 9.10 48.82 3.71
CA SER L 54 8.91 50.10 4.38
C SER L 54 10.03 50.47 5.34
N ASP L 55 10.57 49.47 6.05
CA ASP L 55 11.63 49.72 7.02
C ASP L 55 13.00 49.80 6.35
N GLY L 56 13.05 49.52 5.05
CA GLY L 56 14.29 49.61 4.30
C GLY L 56 15.32 48.57 4.71
N ARG L 57 14.87 47.33 4.87
CA ARG L 57 15.77 46.22 5.15
C ARG L 57 16.79 46.09 4.04
N THR L 58 18.04 45.83 4.42
CA THR L 58 19.12 45.73 3.45
C THR L 58 19.74 44.34 3.44
N TYR L 59 20.23 43.93 2.28
CA TYR L 59 20.90 42.64 2.11
C TYR L 59 22.14 42.83 1.27
N TYR L 60 23.23 42.19 1.70
CA TYR L 60 24.52 42.35 1.04
C TYR L 60 25.14 41.01 0.68
N ALA L 61 25.80 40.96 -0.48
CA ALA L 61 26.59 39.80 -0.84
C ALA L 61 27.81 39.74 0.06
N ASP L 62 28.28 38.53 0.35
CA ASP L 62 29.45 38.34 1.22
C ASP L 62 30.62 39.21 0.80
N SER L 63 30.84 39.31 -0.50
CA SER L 63 32.03 39.96 -1.04
C SER L 63 32.04 41.49 -0.84
N VAL L 64 30.87 42.07 -0.57
CA VAL L 64 30.77 43.53 -0.45
C VAL L 64 30.26 43.99 0.92
N LYS L 65 29.78 43.05 1.73
CA LYS L 65 29.26 43.37 3.06
C LYS L 65 30.33 44.05 3.90
N GLY L 66 29.95 45.17 4.52
CA GLY L 66 30.87 45.95 5.33
C GLY L 66 31.51 47.06 4.54
N ARG L 67 31.61 46.87 3.22
CA ARG L 67 32.25 47.83 2.35
C ARG L 67 31.22 48.70 1.61
N PHE L 68 30.15 48.08 1.13
CA PHE L 68 29.10 48.80 0.42
C PHE L 68 27.95 49.12 1.36
N THR L 69 27.29 50.25 1.12
CA THR L 69 26.05 50.58 1.82
C THR L 69 24.97 50.97 0.83
N ILE L 70 23.83 50.30 0.89
CA ILE L 70 22.69 50.65 0.07
C ILE L 70 21.73 51.50 0.89
N SER L 71 21.13 52.51 0.26
CA SER L 71 20.16 53.34 0.94
C SER L 71 19.07 53.81 -0.03
N ARG L 72 18.02 54.41 0.53
CA ARG L 72 16.85 54.79 -0.25
C ARG L 72 16.33 56.16 0.15
N ASP L 73 16.16 57.02 -0.86
CA ASP L 73 15.48 58.30 -0.70
C ASP L 73 14.06 58.13 -1.23
N ASN L 74 13.11 58.04 -0.32
CA ASN L 74 11.70 57.85 -0.66
C ASN L 74 11.14 59.03 -1.44
N ALA L 75 11.45 60.23 -0.97
CA ALA L 75 10.95 61.45 -1.61
C ALA L 75 11.42 61.52 -3.07
N LYS L 76 12.69 61.24 -3.30
CA LYS L 76 13.25 61.24 -4.64
C LYS L 76 12.99 59.92 -5.35
N ASN L 77 12.46 58.96 -4.60
CA ASN L 77 12.20 57.62 -5.12
C ASN L 77 13.46 57.01 -5.72
N THR L 78 14.59 57.27 -5.06
CA THR L 78 15.90 56.89 -5.61
C THR L 78 16.66 55.99 -4.64
N VAL L 79 17.39 55.03 -5.18
CA VAL L 79 18.23 54.15 -4.34
C VAL L 79 19.69 54.43 -4.64
N TYR L 80 20.49 54.46 -3.58
CA TYR L 80 21.93 54.75 -3.70
C TYR L 80 22.76 53.59 -3.20
N LEU L 81 23.87 53.35 -3.90
CA LEU L 81 24.87 52.39 -3.48
C LEU L 81 26.17 53.12 -3.22
N GLN L 82 26.50 53.28 -1.94
CA GLN L 82 27.77 53.85 -1.54
C GLN L 82 28.82 52.74 -1.53
N MET L 83 29.72 52.80 -2.50
CA MET L 83 30.79 51.82 -2.66
C MET L 83 32.10 52.35 -2.10
N ASN L 84 32.45 51.87 -0.90
CA ASN L 84 33.69 52.27 -0.23
C ASN L 84 34.78 51.20 -0.37
N SER L 85 36.03 51.65 -0.31
CA SER L 85 37.19 50.75 -0.29
C SER L 85 37.15 49.73 -1.43
N LEU L 86 37.03 50.24 -2.65
CA LEU L 86 36.88 49.39 -3.82
C LEU L 86 38.12 48.53 -4.10
N LYS L 87 37.87 47.35 -4.68
CA LYS L 87 38.93 46.43 -5.09
C LYS L 87 38.89 46.27 -6.60
N PRO L 88 40.04 45.89 -7.22
CA PRO L 88 40.05 45.61 -8.65
C PRO L 88 38.98 44.59 -9.07
N GLU L 89 38.67 43.65 -8.18
CA GLU L 89 37.69 42.61 -8.48
C GLU L 89 36.26 43.10 -8.30
N ASP L 90 36.10 44.38 -7.98
CA ASP L 90 34.79 45.02 -8.00
C ASP L 90 34.48 45.56 -9.40
N THR L 91 35.49 45.54 -10.26
CA THR L 91 35.32 45.96 -11.65
C THR L 91 34.23 45.14 -12.32
N ALA L 92 33.21 45.82 -12.81
CA ALA L 92 32.08 45.17 -13.47
C ALA L 92 31.09 46.19 -13.98
N VAL L 93 30.12 45.72 -14.75
CA VAL L 93 28.93 46.51 -15.03
C VAL L 93 27.94 46.25 -13.90
N TYR L 94 27.52 47.32 -13.24
CA TYR L 94 26.54 47.22 -12.19
C TYR L 94 25.15 47.52 -12.76
N TYR L 95 24.20 46.65 -12.45
CA TYR L 95 22.84 46.76 -12.92
C TYR L 95 21.88 46.93 -11.75
N CYS L 96 21.10 48.00 -11.84
CA CYS L 96 20.01 48.29 -10.93
C CYS L 96 18.81 47.42 -11.30
N ALA L 97 18.33 46.63 -10.35
CA ALA L 97 17.31 45.63 -10.60
C ALA L 97 16.20 45.68 -9.56
N THR L 98 14.99 45.34 -10.03
CA THR L 98 13.83 45.10 -9.19
C THR L 98 13.76 43.61 -8.86
N ASP L 99 12.95 43.26 -7.85
CA ASP L 99 12.94 41.90 -7.31
C ASP L 99 14.37 41.52 -7.01
N CYS L 100 15.08 42.44 -6.38
CA CYS L 100 16.49 42.28 -6.17
C CYS L 100 16.77 41.22 -5.13
N THR L 101 17.78 40.40 -5.38
CA THR L 101 18.26 39.40 -4.44
C THR L 101 19.78 39.33 -4.49
N VAL L 102 20.40 38.98 -3.37
CA VAL L 102 21.85 38.76 -3.32
C VAL L 102 22.15 37.28 -3.14
N ASP L 103 21.12 36.45 -3.22
CA ASP L 103 21.30 35.01 -3.06
C ASP L 103 22.06 34.45 -4.25
N PRO L 104 23.24 33.85 -4.02
CA PRO L 104 24.05 33.38 -5.16
C PRO L 104 23.34 32.33 -6.02
N SER L 105 22.33 31.70 -5.47
CA SER L 105 21.63 30.60 -6.14
C SER L 105 20.38 31.07 -6.88
N LEU L 106 20.12 32.37 -6.88
CA LEU L 106 18.91 32.91 -7.49
C LEU L 106 19.15 34.22 -8.23
N LEU L 107 20.40 34.51 -8.57
CA LEU L 107 20.72 35.80 -9.20
C LEU L 107 20.06 35.97 -10.56
N TYR L 108 19.71 34.87 -11.21
CA TYR L 108 19.14 34.93 -12.54
C TYR L 108 17.61 34.92 -12.53
N VAL L 109 17.00 35.24 -11.39
CA VAL L 109 15.56 35.51 -11.37
C VAL L 109 15.34 36.98 -11.69
N MET L 110 16.40 37.79 -11.56
CA MET L 110 16.33 39.20 -11.90
C MET L 110 16.41 39.41 -13.41
N ASP L 111 15.28 39.76 -14.02
CA ASP L 111 15.19 39.96 -15.46
C ASP L 111 14.74 41.38 -15.80
N TYR L 112 14.48 42.19 -14.77
CA TYR L 112 13.98 43.54 -14.94
C TYR L 112 14.98 44.52 -14.33
N TYR L 113 15.92 44.99 -15.15
CA TYR L 113 17.00 45.83 -14.67
C TYR L 113 17.39 46.89 -15.69
N GLY L 114 18.19 47.85 -15.26
CA GLY L 114 18.28 49.12 -15.93
C GLY L 114 19.51 49.41 -16.78
N LYS L 115 20.08 48.39 -17.40
CA LYS L 115 21.23 48.56 -18.31
C LYS L 115 22.45 49.12 -17.57
N GLY L 116 23.61 48.99 -18.18
CA GLY L 116 24.86 49.09 -17.44
C GLY L 116 25.16 50.42 -16.76
N THR L 117 25.78 50.34 -15.58
CA THR L 117 26.69 51.40 -15.17
C THR L 117 28.06 50.78 -14.88
N GLN L 118 29.04 51.12 -15.72
CA GLN L 118 30.38 50.57 -15.64
C GLN L 118 31.14 51.10 -14.43
N VAL L 119 31.73 50.20 -13.66
CA VAL L 119 32.64 50.55 -12.57
C VAL L 119 33.98 49.90 -12.84
N THR L 120 35.05 50.68 -12.76
CA THR L 120 36.39 50.18 -13.05
C THR L 120 37.38 50.57 -11.96
N VAL L 121 37.96 49.57 -11.33
CA VAL L 121 38.92 49.78 -10.26
C VAL L 121 40.30 49.35 -10.73
N SER L 122 41.18 50.33 -10.95
CA SER L 122 42.49 50.07 -11.51
C SER L 122 43.48 51.16 -11.11
N SER L 123 44.75 50.78 -10.97
CA SER L 123 45.78 51.71 -10.52
C SER L 123 46.09 52.76 -11.58
N ALA L 124 45.63 52.52 -12.80
CA ALA L 124 45.88 53.43 -13.91
C ALA L 124 45.27 54.80 -13.64
N ALA L 125 44.07 54.80 -13.05
CA ALA L 125 43.36 56.02 -12.71
C ALA L 125 44.21 56.97 -11.86
#